data_6JR4
# 
_entry.id   6JR4 
# 
_audit_conform.dict_name       mmcif_pdbx.dic 
_audit_conform.dict_version    5.387 
_audit_conform.dict_location   http://mmcif.pdb.org/dictionaries/ascii/mmcif_pdbx.dic 
# 
loop_
_database_2.database_id 
_database_2.database_code 
_database_2.pdbx_database_accession 
_database_2.pdbx_DOI 
PDB   6JR4         pdb_00006jr4 10.2210/pdb6jr4/pdb 
WWPDB D_1300011612 ?            ?                   
# 
loop_
_pdbx_audit_revision_history.ordinal 
_pdbx_audit_revision_history.data_content_type 
_pdbx_audit_revision_history.major_revision 
_pdbx_audit_revision_history.minor_revision 
_pdbx_audit_revision_history.revision_date 
1 'Structure model' 1 0 2019-08-28 
2 'Structure model' 1 1 2019-11-27 
3 'Structure model' 1 2 2020-03-25 
4 'Structure model' 1 3 2024-03-27 
# 
_pdbx_audit_revision_details.ordinal             1 
_pdbx_audit_revision_details.revision_ordinal    1 
_pdbx_audit_revision_details.data_content_type   'Structure model' 
_pdbx_audit_revision_details.provider            repository 
_pdbx_audit_revision_details.type                'Initial release' 
_pdbx_audit_revision_details.description         ? 
_pdbx_audit_revision_details.details             ? 
# 
loop_
_pdbx_audit_revision_group.ordinal 
_pdbx_audit_revision_group.revision_ordinal 
_pdbx_audit_revision_group.data_content_type 
_pdbx_audit_revision_group.group 
1 2 'Structure model' 'Database references'  
2 3 'Structure model' 'Data collection'      
3 4 'Structure model' 'Data collection'      
4 4 'Structure model' 'Database references'  
5 4 'Structure model' 'Derived calculations' 
# 
loop_
_pdbx_audit_revision_category.ordinal 
_pdbx_audit_revision_category.revision_ordinal 
_pdbx_audit_revision_category.data_content_type 
_pdbx_audit_revision_category.category 
1 2 'Structure model' citation               
2 2 'Structure model' citation_author        
3 3 'Structure model' reflns_shell           
4 4 'Structure model' chem_comp_atom         
5 4 'Structure model' chem_comp_bond         
6 4 'Structure model' database_2             
7 4 'Structure model' pdbx_struct_conn_angle 
8 4 'Structure model' struct_conn            
# 
loop_
_pdbx_audit_revision_item.ordinal 
_pdbx_audit_revision_item.revision_ordinal 
_pdbx_audit_revision_item.data_content_type 
_pdbx_audit_revision_item.item 
1  2 'Structure model' '_citation.journal_volume'                    
2  2 'Structure model' '_citation.page_first'                        
3  2 'Structure model' '_citation.page_last'                         
4  2 'Structure model' '_citation.title'                             
5  2 'Structure model' '_citation_author.identifier_ORCID'           
6  3 'Structure model' '_reflns_shell.percent_possible_all'          
7  4 'Structure model' '_database_2.pdbx_DOI'                        
8  4 'Structure model' '_database_2.pdbx_database_accession'         
9  4 'Structure model' '_pdbx_struct_conn_angle.ptnr1_auth_asym_id'  
10 4 'Structure model' '_pdbx_struct_conn_angle.ptnr1_auth_comp_id'  
11 4 'Structure model' '_pdbx_struct_conn_angle.ptnr1_auth_seq_id'   
12 4 'Structure model' '_pdbx_struct_conn_angle.ptnr1_label_asym_id' 
13 4 'Structure model' '_pdbx_struct_conn_angle.ptnr1_label_atom_id' 
14 4 'Structure model' '_pdbx_struct_conn_angle.ptnr1_label_comp_id' 
15 4 'Structure model' '_pdbx_struct_conn_angle.ptnr1_label_seq_id'  
16 4 'Structure model' '_pdbx_struct_conn_angle.ptnr1_symmetry'      
17 4 'Structure model' '_pdbx_struct_conn_angle.ptnr2_auth_asym_id'  
18 4 'Structure model' '_pdbx_struct_conn_angle.ptnr2_auth_comp_id'  
19 4 'Structure model' '_pdbx_struct_conn_angle.ptnr2_auth_seq_id'   
20 4 'Structure model' '_pdbx_struct_conn_angle.ptnr2_label_asym_id' 
21 4 'Structure model' '_pdbx_struct_conn_angle.ptnr2_label_atom_id' 
22 4 'Structure model' '_pdbx_struct_conn_angle.ptnr2_label_comp_id' 
23 4 'Structure model' '_pdbx_struct_conn_angle.ptnr2_symmetry'      
24 4 'Structure model' '_pdbx_struct_conn_angle.ptnr3_auth_asym_id'  
25 4 'Structure model' '_pdbx_struct_conn_angle.ptnr3_auth_comp_id'  
26 4 'Structure model' '_pdbx_struct_conn_angle.ptnr3_auth_seq_id'   
27 4 'Structure model' '_pdbx_struct_conn_angle.ptnr3_label_asym_id' 
28 4 'Structure model' '_pdbx_struct_conn_angle.ptnr3_label_atom_id' 
29 4 'Structure model' '_pdbx_struct_conn_angle.ptnr3_label_comp_id' 
30 4 'Structure model' '_pdbx_struct_conn_angle.ptnr3_label_seq_id'  
31 4 'Structure model' '_pdbx_struct_conn_angle.ptnr3_symmetry'      
32 4 'Structure model' '_pdbx_struct_conn_angle.value'               
33 4 'Structure model' '_struct_conn.pdbx_dist_value'                
34 4 'Structure model' '_struct_conn.ptnr1_auth_asym_id'             
35 4 'Structure model' '_struct_conn.ptnr1_auth_comp_id'             
36 4 'Structure model' '_struct_conn.ptnr1_auth_seq_id'              
37 4 'Structure model' '_struct_conn.ptnr1_label_asym_id'            
38 4 'Structure model' '_struct_conn.ptnr1_label_atom_id'            
39 4 'Structure model' '_struct_conn.ptnr1_label_comp_id'            
40 4 'Structure model' '_struct_conn.ptnr1_label_seq_id'             
41 4 'Structure model' '_struct_conn.ptnr1_symmetry'                 
42 4 'Structure model' '_struct_conn.ptnr2_auth_asym_id'             
43 4 'Structure model' '_struct_conn.ptnr2_auth_comp_id'             
44 4 'Structure model' '_struct_conn.ptnr2_auth_seq_id'              
45 4 'Structure model' '_struct_conn.ptnr2_label_asym_id'            
46 4 'Structure model' '_struct_conn.ptnr2_label_atom_id'            
47 4 'Structure model' '_struct_conn.ptnr2_label_comp_id'            
48 4 'Structure model' '_struct_conn.ptnr2_label_seq_id'             
49 4 'Structure model' '_struct_conn.ptnr2_symmetry'                 
# 
_pdbx_database_status.status_code                     REL 
_pdbx_database_status.status_code_sf                  REL 
_pdbx_database_status.status_code_mr                  ? 
_pdbx_database_status.entry_id                        6JR4 
_pdbx_database_status.recvd_initial_deposition_date   2019-04-02 
_pdbx_database_status.SG_entry                        N 
_pdbx_database_status.deposit_site                    PDBJ 
_pdbx_database_status.process_site                    PDBJ 
_pdbx_database_status.status_code_cs                  ? 
_pdbx_database_status.methods_development_category    ? 
_pdbx_database_status.pdb_format_compatible           Y 
_pdbx_database_status.status_code_nmr_data            ? 
# 
loop_
_audit_author.name 
_audit_author.pdbx_ordinal 
_audit_author.identifier_ORCID 
'Kondo, J.'     1 0000-0002-5682-3685 
'Cerretani, C.' 2 0000-0002-3048-5438 
'Kanazawa, H.'  3 ?                   
'Vosch, T.'     4 0000-0001-5435-2181 
# 
_citation.abstract                  ? 
_citation.abstract_id_CAS           ? 
_citation.book_id_ISBN              ? 
_citation.book_publisher            ? 
_citation.book_publisher_city       ? 
_citation.book_title                ? 
_citation.coordinate_linkage        ? 
_citation.country                   GE 
_citation.database_id_Medline       ? 
_citation.details                   ? 
_citation.id                        primary 
_citation.journal_abbrev            Angew.Chem.Int.Ed.Engl. 
_citation.journal_id_ASTM           ACIEAY 
_citation.journal_id_CSD            0179 
_citation.journal_id_ISSN           1521-3773 
_citation.journal_full              ? 
_citation.journal_issue             ? 
_citation.journal_volume            58 
_citation.language                  ? 
_citation.page_first                17153 
_citation.page_last                 17157 
_citation.title                     'Crystal structure of a NIR-Emitting DNA-Stabilized Ag16Nanocluster.' 
_citation.year                      2019 
_citation.database_id_CSD           ? 
_citation.pdbx_database_id_DOI      10.1002/anie.201906766 
_citation.pdbx_database_id_PubMed   31411360 
_citation.unpublished_flag          ? 
# 
loop_
_citation_author.citation_id 
_citation_author.name 
_citation_author.ordinal 
_citation_author.identifier_ORCID 
primary 'Cerretani, C.' 1 0000-0002-3048-5438 
primary 'Kanazawa, H.'  2 0000-0002-4951-6732 
primary 'Vosch, T.'     3 0000-0001-5435-2181 
primary 'Kondo, J.'     4 0000-0002-5682-3685 
# 
loop_
_entity.id 
_entity.type 
_entity.src_method 
_entity.pdbx_description 
_entity.formula_weight 
_entity.pdbx_number_of_molecules 
_entity.pdbx_ec 
_entity.pdbx_mutation 
_entity.pdbx_fragment 
_entity.details 
1 polymer     syn 
;DNA (5'-D(*CP*AP*CP*CP*TP*AP*GP*CP*GP*A)-3')
;
3013.995 4  ? ? ? 'SF file contains Friedel pairs.' 
2 non-polymer syn 'SILVER ION'                                   107.868  38 ? ? ? ?                                 
3 non-polymer syn 'CALCIUM ION'                                  40.078   2  ? ? ? ?                                 
4 water       nat water                                          18.015   60 ? ? ? ?                                 
# 
_entity_poly.entity_id                      1 
_entity_poly.type                           polydeoxyribonucleotide 
_entity_poly.nstd_linkage                   no 
_entity_poly.nstd_monomer                   no 
_entity_poly.pdbx_seq_one_letter_code       '(DC)(DA)(DC)(DC)(DT)(DA)(DG)(DC)(DG)(DA)' 
_entity_poly.pdbx_seq_one_letter_code_can   CACCTAGCGA 
_entity_poly.pdbx_strand_id                 A,B,C,D 
_entity_poly.pdbx_target_identifier         ? 
# 
loop_
_pdbx_entity_nonpoly.entity_id 
_pdbx_entity_nonpoly.name 
_pdbx_entity_nonpoly.comp_id 
2 'SILVER ION'  AG  
3 'CALCIUM ION' CA  
4 water         HOH 
# 
loop_
_entity_poly_seq.entity_id 
_entity_poly_seq.num 
_entity_poly_seq.mon_id 
_entity_poly_seq.hetero 
1 1  DC n 
1 2  DA n 
1 3  DC n 
1 4  DC n 
1 5  DT n 
1 6  DA n 
1 7  DG n 
1 8  DC n 
1 9  DG n 
1 10 DA n 
# 
_pdbx_entity_src_syn.entity_id              1 
_pdbx_entity_src_syn.pdbx_src_id            1 
_pdbx_entity_src_syn.pdbx_alt_source_flag   sample 
_pdbx_entity_src_syn.pdbx_beg_seq_num       1 
_pdbx_entity_src_syn.pdbx_end_seq_num       10 
_pdbx_entity_src_syn.organism_scientific    'synthetic construct' 
_pdbx_entity_src_syn.organism_common_name   ? 
_pdbx_entity_src_syn.ncbi_taxonomy_id       32630 
_pdbx_entity_src_syn.details                ? 
# 
loop_
_chem_comp.id 
_chem_comp.type 
_chem_comp.mon_nstd_flag 
_chem_comp.name 
_chem_comp.pdbx_synonyms 
_chem_comp.formula 
_chem_comp.formula_weight 
AG  non-polymer   . 'SILVER ION'                         ? 'Ag 1'            107.868 
CA  non-polymer   . 'CALCIUM ION'                        ? 'Ca 2'            40.078  
DA  'DNA linking' y "2'-DEOXYADENOSINE-5'-MONOPHOSPHATE" ? 'C10 H14 N5 O6 P' 331.222 
DC  'DNA linking' y "2'-DEOXYCYTIDINE-5'-MONOPHOSPHATE"  ? 'C9 H14 N3 O7 P'  307.197 
DG  'DNA linking' y "2'-DEOXYGUANOSINE-5'-MONOPHOSPHATE" ? 'C10 H14 N5 O7 P' 347.221 
DT  'DNA linking' y "THYMIDINE-5'-MONOPHOSPHATE"         ? 'C10 H15 N2 O8 P' 322.208 
HOH non-polymer   . WATER                                ? 'H2 O'            18.015  
# 
loop_
_pdbx_poly_seq_scheme.asym_id 
_pdbx_poly_seq_scheme.entity_id 
_pdbx_poly_seq_scheme.seq_id 
_pdbx_poly_seq_scheme.mon_id 
_pdbx_poly_seq_scheme.ndb_seq_num 
_pdbx_poly_seq_scheme.pdb_seq_num 
_pdbx_poly_seq_scheme.auth_seq_num 
_pdbx_poly_seq_scheme.pdb_mon_id 
_pdbx_poly_seq_scheme.auth_mon_id 
_pdbx_poly_seq_scheme.pdb_strand_id 
_pdbx_poly_seq_scheme.pdb_ins_code 
_pdbx_poly_seq_scheme.hetero 
A 1 1  DC 1  1  1  DC DC A . n 
A 1 2  DA 2  2  2  DA DA A . n 
A 1 3  DC 3  3  3  DC DC A . n 
A 1 4  DC 4  4  4  DC DC A . n 
A 1 5  DT 5  5  5  DT DT A . n 
A 1 6  DA 6  6  6  DA DA A . n 
A 1 7  DG 7  7  7  DG DG A . n 
A 1 8  DC 8  8  8  DC DC A . n 
A 1 9  DG 9  9  9  DG DG A . n 
A 1 10 DA 10 10 10 DA DA A . n 
B 1 1  DC 1  1  1  DC DC B . n 
B 1 2  DA 2  2  2  DA DA B . n 
B 1 3  DC 3  3  3  DC DC B . n 
B 1 4  DC 4  4  4  DC DC B . n 
B 1 5  DT 5  5  5  DT DT B . n 
B 1 6  DA 6  6  6  DA DA B . n 
B 1 7  DG 7  7  7  DG DG B . n 
B 1 8  DC 8  8  8  DC DC B . n 
B 1 9  DG 9  9  9  DG DG B . n 
B 1 10 DA 10 10 10 DA DA B . n 
C 1 1  DC 1  1  1  DC DC C . n 
C 1 2  DA 2  2  2  DA DA C . n 
C 1 3  DC 3  3  3  DC DC C . n 
C 1 4  DC 4  4  4  DC DC C . n 
C 1 5  DT 5  5  5  DT DT C . n 
C 1 6  DA 6  6  6  DA DA C . n 
C 1 7  DG 7  7  7  DG DG C . n 
C 1 8  DC 8  8  8  DC DC C . n 
C 1 9  DG 9  9  9  DG DG C . n 
C 1 10 DA 10 10 10 DA DA C . n 
D 1 1  DC 1  1  1  DC DC D . n 
D 1 2  DA 2  2  2  DA DA D . n 
D 1 3  DC 3  3  3  DC DC D . n 
D 1 4  DC 4  4  4  DC DC D . n 
D 1 5  DT 5  5  5  DT DT D . n 
D 1 6  DA 6  6  6  DA DA D . n 
D 1 7  DG 7  7  7  DG DG D . n 
D 1 8  DC 8  8  8  DC DC D . n 
D 1 9  DG 9  9  9  DG DG D . n 
D 1 10 DA 10 10 10 DA DA D . n 
# 
loop_
_pdbx_nonpoly_scheme.asym_id 
_pdbx_nonpoly_scheme.entity_id 
_pdbx_nonpoly_scheme.mon_id 
_pdbx_nonpoly_scheme.ndb_seq_num 
_pdbx_nonpoly_scheme.pdb_seq_num 
_pdbx_nonpoly_scheme.auth_seq_num 
_pdbx_nonpoly_scheme.pdb_mon_id 
_pdbx_nonpoly_scheme.auth_mon_id 
_pdbx_nonpoly_scheme.pdb_strand_id 
_pdbx_nonpoly_scheme.pdb_ins_code 
E  2 AG  1  101 9  AG  AG  A . 
F  2 AG  1  102 10 AG  AG  A . 
G  2 AG  1  103 11 AG  AG  A . 
H  2 AG  1  104 12 AG  AG  A . 
I  2 AG  1  105 13 AG  AG  A . 
J  2 AG  1  106 14 AG  AG  A . 
K  2 AG  1  107 15 AG  AG  A . 
L  2 AG  1  108 16 AG  AG  A . 
M  2 AG  1  109 36 AG  AG  A . 
N  2 AG  1  110 1  AG  AG  A . 
O  2 AG  1  111 5  AG  AG  A . 
P  2 AG  1  112 6  AG  AG  A . 
Q  2 AG  1  113 8  AG  AG  A . 
R  2 AG  1  101 2  AG  AG  B . 
S  2 AG  1  102 3  AG  AG  B . 
T  2 AG  1  103 4  AG  AG  B . 
U  2 AG  1  104 7  AG  AG  B . 
V  2 AG  1  105 35 AG  AG  B . 
W  2 AG  1  106 37 AG  AG  B . 
X  3 CA  1  107 2  CA  CA  B . 
Y  2 AG  1  101 25 AG  AG  C . 
Z  2 AG  1  102 26 AG  AG  C . 
AA 2 AG  1  103 27 AG  AG  C . 
BA 2 AG  1  104 28 AG  AG  C . 
CA 2 AG  1  105 29 AG  AG  C . 
DA 2 AG  1  106 30 AG  AG  C . 
EA 2 AG  1  107 31 AG  AG  C . 
FA 2 AG  1  108 32 AG  AG  C . 
GA 2 AG  1  109 33 AG  AG  C . 
HA 2 AG  1  110 17 AG  AG  C . 
IA 2 AG  1  111 21 AG  AG  C . 
JA 2 AG  1  112 22 AG  AG  C . 
KA 2 AG  1  113 24 AG  AG  C . 
LA 2 AG  1  101 18 AG  AG  D . 
MA 2 AG  1  102 19 AG  AG  D . 
NA 2 AG  1  103 20 AG  AG  D . 
OA 2 AG  1  104 23 AG  AG  D . 
PA 2 AG  1  105 34 AG  AG  D . 
QA 2 AG  1  106 38 AG  AG  D . 
RA 3 CA  1  107 1  CA  CA  D . 
SA 4 HOH 1  201 18 HOH HOH A . 
SA 4 HOH 2  202 12 HOH HOH A . 
SA 4 HOH 3  203 41 HOH HOH A . 
SA 4 HOH 4  204 26 HOH HOH A . 
SA 4 HOH 5  205 37 HOH HOH A . 
SA 4 HOH 6  206 9  HOH HOH A . 
SA 4 HOH 7  207 51 HOH HOH A . 
SA 4 HOH 8  208 11 HOH HOH A . 
SA 4 HOH 9  209 16 HOH HOH A . 
SA 4 HOH 10 210 7  HOH HOH A . 
SA 4 HOH 11 211 52 HOH HOH A . 
SA 4 HOH 12 212 40 HOH HOH A . 
SA 4 HOH 13 213 35 HOH HOH A . 
SA 4 HOH 14 214 59 HOH HOH A . 
SA 4 HOH 15 215 21 HOH HOH A . 
SA 4 HOH 16 216 36 HOH HOH A . 
SA 4 HOH 17 217 23 HOH HOH A . 
SA 4 HOH 18 218 34 HOH HOH A . 
SA 4 HOH 19 219 39 HOH HOH A . 
SA 4 HOH 20 220 27 HOH HOH A . 
SA 4 HOH 21 221 56 HOH HOH A . 
SA 4 HOH 22 222 38 HOH HOH A . 
SA 4 HOH 23 223 28 HOH HOH A . 
TA 4 HOH 1  201 3  HOH HOH B . 
TA 4 HOH 2  202 15 HOH HOH B . 
TA 4 HOH 3  203 33 HOH HOH B . 
TA 4 HOH 4  204 10 HOH HOH B . 
TA 4 HOH 5  205 22 HOH HOH B . 
TA 4 HOH 6  206 5  HOH HOH B . 
TA 4 HOH 7  207 43 HOH HOH B . 
TA 4 HOH 8  208 8  HOH HOH B . 
TA 4 HOH 9  209 44 HOH HOH B . 
TA 4 HOH 10 210 42 HOH HOH B . 
TA 4 HOH 11 211 55 HOH HOH B . 
TA 4 HOH 12 212 25 HOH HOH B . 
TA 4 HOH 13 213 24 HOH HOH B . 
TA 4 HOH 14 214 20 HOH HOH B . 
TA 4 HOH 15 215 53 HOH HOH B . 
UA 4 HOH 1  201 47 HOH HOH C . 
UA 4 HOH 2  202 14 HOH HOH C . 
UA 4 HOH 3  203 32 HOH HOH C . 
UA 4 HOH 4  204 58 HOH HOH C . 
UA 4 HOH 5  205 57 HOH HOH C . 
UA 4 HOH 6  206 4  HOH HOH C . 
UA 4 HOH 7  207 19 HOH HOH C . 
UA 4 HOH 8  208 60 HOH HOH C . 
UA 4 HOH 9  209 6  HOH HOH C . 
UA 4 HOH 10 210 48 HOH HOH C . 
VA 4 HOH 1  201 2  HOH HOH D . 
VA 4 HOH 2  202 50 HOH HOH D . 
VA 4 HOH 3  203 13 HOH HOH D . 
VA 4 HOH 4  204 49 HOH HOH D . 
VA 4 HOH 5  205 1  HOH HOH D . 
VA 4 HOH 6  206 45 HOH HOH D . 
VA 4 HOH 7  207 17 HOH HOH D . 
VA 4 HOH 8  208 29 HOH HOH D . 
VA 4 HOH 9  209 31 HOH HOH D . 
VA 4 HOH 10 210 46 HOH HOH D . 
VA 4 HOH 11 211 54 HOH HOH D . 
VA 4 HOH 12 212 30 HOH HOH D . 
# 
loop_
_software.citation_id 
_software.classification 
_software.compiler_name 
_software.compiler_version 
_software.contact_author 
_software.contact_author_email 
_software.date 
_software.description 
_software.dependencies 
_software.hardware 
_software.language 
_software.location 
_software.mods 
_software.name 
_software.os 
_software.os_version 
_software.type 
_software.version 
_software.pdbx_ordinal 
? 'data scaling'    ? ? ? ? ? ? ? ? ? ? ? XSCALE      ? ? ? .          1 
? refinement        ? ? ? ? ? ? ? ? ? ? ? PHENIX      ? ? ? 1.8.3_1479 2 
? 'data extraction' ? ? ? ? ? ? ? ? ? ? ? PDB_EXTRACT ? ? ? 3.24       3 
? 'data reduction'  ? ? ? ? ? ? ? ? ? ? ? XDS         ? ? ? .          4 
? phasing           ? ? ? ? ? ? ? ? ? ? ? PHENIX      ? ? ? .          5 
# 
_cell.angle_alpha                  90.000 
_cell.angle_alpha_esd              ? 
_cell.angle_beta                   97.810 
_cell.angle_beta_esd               ? 
_cell.angle_gamma                  90.000 
_cell.angle_gamma_esd              ? 
_cell.entry_id                     6JR4 
_cell.details                      ? 
_cell.formula_units_Z              ? 
_cell.length_a                     24.241 
_cell.length_a_esd                 ? 
_cell.length_b                     33.849 
_cell.length_b_esd                 ? 
_cell.length_c                     58.863 
_cell.length_c_esd                 ? 
_cell.volume                       ? 
_cell.volume_esd                   ? 
_cell.Z_PDB                        8 
_cell.reciprocal_angle_alpha       ? 
_cell.reciprocal_angle_beta        ? 
_cell.reciprocal_angle_gamma       ? 
_cell.reciprocal_angle_alpha_esd   ? 
_cell.reciprocal_angle_beta_esd    ? 
_cell.reciprocal_angle_gamma_esd   ? 
_cell.reciprocal_length_a          ? 
_cell.reciprocal_length_b          ? 
_cell.reciprocal_length_c          ? 
_cell.reciprocal_length_a_esd      ? 
_cell.reciprocal_length_b_esd      ? 
_cell.reciprocal_length_c_esd      ? 
_cell.pdbx_unique_axis             ? 
# 
_symmetry.entry_id                         6JR4 
_symmetry.cell_setting                     ? 
_symmetry.Int_Tables_number                4 
_symmetry.space_group_name_Hall            ? 
_symmetry.space_group_name_H-M             'P 1 21 1' 
_symmetry.pdbx_full_space_group_name_H-M   ? 
# 
_exptl.absorpt_coefficient_mu     ? 
_exptl.absorpt_correction_T_max   ? 
_exptl.absorpt_correction_T_min   ? 
_exptl.absorpt_correction_type    ? 
_exptl.absorpt_process_details    ? 
_exptl.entry_id                   6JR4 
_exptl.crystals_number            1 
_exptl.details                    ? 
_exptl.method                     'X-RAY DIFFRACTION' 
_exptl.method_details             ? 
# 
_exptl_crystal.colour                      ? 
_exptl_crystal.density_diffrn              ? 
_exptl_crystal.density_Matthews            1.98 
_exptl_crystal.density_method              ? 
_exptl_crystal.density_percent_sol         38.02 
_exptl_crystal.description                 ? 
_exptl_crystal.F_000                       ? 
_exptl_crystal.id                          1 
_exptl_crystal.preparation                 ? 
_exptl_crystal.size_max                    ? 
_exptl_crystal.size_mid                    ? 
_exptl_crystal.size_min                    ? 
_exptl_crystal.size_rad                    ? 
_exptl_crystal.colour_lustre               ? 
_exptl_crystal.colour_modifier             ? 
_exptl_crystal.colour_primary              ? 
_exptl_crystal.density_meas                ? 
_exptl_crystal.density_meas_esd            ? 
_exptl_crystal.density_meas_gt             ? 
_exptl_crystal.density_meas_lt             ? 
_exptl_crystal.density_meas_temp           ? 
_exptl_crystal.density_meas_temp_esd       ? 
_exptl_crystal.density_meas_temp_gt        ? 
_exptl_crystal.density_meas_temp_lt        ? 
_exptl_crystal.pdbx_crystal_image_url      ? 
_exptl_crystal.pdbx_crystal_image_format   ? 
_exptl_crystal.pdbx_mosaicity              ? 
_exptl_crystal.pdbx_mosaicity_esd          ? 
# 
_exptl_crystal_grow.apparatus       ? 
_exptl_crystal_grow.atmosphere      ? 
_exptl_crystal_grow.crystal_id      1 
_exptl_crystal_grow.details         ? 
_exptl_crystal_grow.method          'VAPOR DIFFUSION, HANGING DROP' 
_exptl_crystal_grow.method_ref      ? 
_exptl_crystal_grow.pH              ? 
_exptl_crystal_grow.pressure        ? 
_exptl_crystal_grow.pressure_esd    ? 
_exptl_crystal_grow.seeding         ? 
_exptl_crystal_grow.seeding_ref     ? 
_exptl_crystal_grow.temp            293 
_exptl_crystal_grow.temp_details    ? 
_exptl_crystal_grow.temp_esd        ? 
_exptl_crystal_grow.time            ? 
_exptl_crystal_grow.pdbx_details    'MOPS, PEG3350, Spermine, calcium nitrate' 
_exptl_crystal_grow.pdbx_pH_range   ? 
# 
_diffrn.ambient_environment              ? 
_diffrn.ambient_temp                     100 
_diffrn.ambient_temp_details             ? 
_diffrn.ambient_temp_esd                 ? 
_diffrn.crystal_id                       1 
_diffrn.crystal_support                  ? 
_diffrn.crystal_treatment                ? 
_diffrn.details                          ? 
_diffrn.id                               1 
_diffrn.ambient_pressure                 ? 
_diffrn.ambient_pressure_esd             ? 
_diffrn.ambient_pressure_gt              ? 
_diffrn.ambient_pressure_lt              ? 
_diffrn.ambient_temp_gt                  ? 
_diffrn.ambient_temp_lt                  ? 
_diffrn.pdbx_serial_crystal_experiment   N 
# 
_diffrn_detector.details                      ? 
_diffrn_detector.detector                     PIXEL 
_diffrn_detector.diffrn_id                    1 
_diffrn_detector.type                         'DECTRIS EIGER X 16M' 
_diffrn_detector.area_resol_mean              ? 
_diffrn_detector.dtime                        ? 
_diffrn_detector.pdbx_frames_total            ? 
_diffrn_detector.pdbx_collection_time_total   ? 
_diffrn_detector.pdbx_collection_date         2019-02-21 
_diffrn_detector.pdbx_frequency               ? 
# 
_diffrn_radiation.collimation                      ? 
_diffrn_radiation.diffrn_id                        1 
_diffrn_radiation.filter_edge                      ? 
_diffrn_radiation.inhomogeneity                    ? 
_diffrn_radiation.monochromator                    ? 
_diffrn_radiation.polarisn_norm                    ? 
_diffrn_radiation.polarisn_ratio                   ? 
_diffrn_radiation.probe                            ? 
_diffrn_radiation.type                             ? 
_diffrn_radiation.xray_symbol                      ? 
_diffrn_radiation.wavelength_id                    1 
_diffrn_radiation.pdbx_monochromatic_or_laue_m_l   M 
_diffrn_radiation.pdbx_wavelength_list             ? 
_diffrn_radiation.pdbx_wavelength                  ? 
_diffrn_radiation.pdbx_diffrn_protocol             'SINGLE WAVELENGTH' 
_diffrn_radiation.pdbx_analyzer                    ? 
_diffrn_radiation.pdbx_scattering_type             x-ray 
# 
_diffrn_radiation_wavelength.id           1 
_diffrn_radiation_wavelength.wavelength   2.0 
_diffrn_radiation_wavelength.wt           1.0 
# 
_diffrn_source.current                     ? 
_diffrn_source.details                     ? 
_diffrn_source.diffrn_id                   1 
_diffrn_source.power                       ? 
_diffrn_source.size                        ? 
_diffrn_source.source                      SYNCHROTRON 
_diffrn_source.target                      ? 
_diffrn_source.type                        'PHOTON FACTORY BEAMLINE BL-17A' 
_diffrn_source.voltage                     ? 
_diffrn_source.take-off_angle              ? 
_diffrn_source.pdbx_wavelength_list        2.0 
_diffrn_source.pdbx_wavelength             ? 
_diffrn_source.pdbx_synchrotron_beamline   BL-17A 
_diffrn_source.pdbx_synchrotron_site       'Photon Factory' 
# 
_reflns.B_iso_Wilson_estimate            6.460 
_reflns.entry_id                         6JR4 
_reflns.data_reduction_details           ? 
_reflns.data_reduction_method            ? 
_reflns.d_resolution_high                1.7980 
_reflns.d_resolution_low                 24.016 
_reflns.details                          ? 
_reflns.limit_h_max                      ? 
_reflns.limit_h_min                      ? 
_reflns.limit_k_max                      ? 
_reflns.limit_k_min                      ? 
_reflns.limit_l_max                      ? 
_reflns.limit_l_min                      ? 
_reflns.number_all                       ? 
_reflns.number_obs                       16247 
_reflns.observed_criterion               ? 
_reflns.observed_criterion_F_max         ? 
_reflns.observed_criterion_F_min         ? 
_reflns.observed_criterion_I_max         ? 
_reflns.observed_criterion_I_min         ? 
_reflns.observed_criterion_sigma_F       ? 
_reflns.observed_criterion_sigma_I       ? 
_reflns.percent_possible_obs             94.300 
_reflns.R_free_details                   ? 
_reflns.Rmerge_F_all                     ? 
_reflns.Rmerge_F_obs                     ? 
_reflns.Friedel_coverage                 ? 
_reflns.number_gt                        ? 
_reflns.threshold_expression             ? 
_reflns.pdbx_redundancy                  3.224 
_reflns.pdbx_Rmerge_I_obs                0.083 
_reflns.pdbx_Rmerge_I_all                ? 
_reflns.pdbx_Rsym_value                  ? 
_reflns.pdbx_netI_over_av_sigmaI         ? 
_reflns.pdbx_netI_over_sigmaI            10.850 
_reflns.pdbx_res_netI_over_av_sigmaI_2   ? 
_reflns.pdbx_res_netI_over_sigmaI_2      ? 
_reflns.pdbx_chi_squared                 1.591 
_reflns.pdbx_scaling_rejects             ? 
_reflns.pdbx_d_res_high_opt              ? 
_reflns.pdbx_d_res_low_opt               ? 
_reflns.pdbx_d_res_opt_method            ? 
_reflns.phase_calculation_details        ? 
_reflns.pdbx_Rrim_I_all                  0.100 
_reflns.pdbx_Rpim_I_all                  ? 
_reflns.pdbx_d_opt                       ? 
_reflns.pdbx_number_measured_all         ? 
_reflns.pdbx_diffrn_id                   1 
_reflns.pdbx_ordinal                     1 
_reflns.pdbx_CC_half                     0.990 
_reflns.pdbx_R_split                     ? 
_reflns.pdbx_CC_star                     ? 
# 
loop_
_reflns_shell.d_res_high 
_reflns_shell.d_res_low 
_reflns_shell.meanI_over_sigI_all 
_reflns_shell.meanI_over_sigI_obs 
_reflns_shell.number_measured_all 
_reflns_shell.number_measured_obs 
_reflns_shell.number_possible 
_reflns_shell.number_unique_all 
_reflns_shell.number_unique_obs 
_reflns_shell.percent_possible_all 
_reflns_shell.percent_possible_obs 
_reflns_shell.Rmerge_F_all 
_reflns_shell.Rmerge_F_obs 
_reflns_shell.Rmerge_I_all 
_reflns_shell.Rmerge_I_obs 
_reflns_shell.meanI_over_sigI_gt 
_reflns_shell.meanI_over_uI_all 
_reflns_shell.meanI_over_uI_gt 
_reflns_shell.number_measured_gt 
_reflns_shell.number_unique_gt 
_reflns_shell.percent_possible_gt 
_reflns_shell.Rmerge_F_gt 
_reflns_shell.Rmerge_I_gt 
_reflns_shell.pdbx_redundancy 
_reflns_shell.pdbx_Rsym_value 
_reflns_shell.pdbx_chi_squared 
_reflns_shell.pdbx_netI_over_sigmaI_all 
_reflns_shell.pdbx_netI_over_sigmaI_obs 
_reflns_shell.pdbx_Rrim_I_all 
_reflns_shell.pdbx_Rpim_I_all 
_reflns_shell.pdbx_rejects 
_reflns_shell.pdbx_ordinal 
_reflns_shell.pdbx_diffrn_id 
_reflns_shell.pdbx_CC_half 
_reflns_shell.pdbx_R_split 
_reflns_shell.pdbx_CC_star 
1.800 1.850  ? 5.450  ? ? ? ? 1056 83.100  ? ? ? ? 0.153 ? ? ? ? ? ? ? ? 2.970 ? ? ? ? 0.185 ? ? 1  1 0.970 ? ? 
1.850 1.900  ? 5.930  ? ? ? ? 1115 89.300  ? ? ? ? 0.131 ? ? ? ? ? ? ? ? 2.977 ? ? ? ? 0.159 ? ? 2  1 0.974 ? ? 
1.900 1.950  ? 5.660  ? ? ? ? 1034 87.600  ? ? ? ? 0.204 ? ? ? ? ? ? ? ? 2.815 ? ? ? ? 0.252 ? ? 3  1 0.941 ? ? 
1.950 2.010  ? 7.990  ? ? ? ? 1106 92.400  ? ? ? ? 0.111 ? ? ? ? ? ? ? ? 3.206 ? ? ? ? 0.133 ? ? 4  1 0.979 ? ? 
2.010 2.080  ? 9.570  ? ? ? ? 1057 93.000  ? ? ? ? 0.089 ? ? ? ? ? ? ? ? 3.229 ? ? ? ? 0.107 ? ? 5  1 0.987 ? ? 
2.080 2.150  ? 10.610 ? ? ? ? 1024 94.800  ? ? ? ? 0.091 ? ? ? ? ? ? ? ? 3.207 ? ? ? ? 0.109 ? ? 6  1 0.984 ? ? 
2.150 2.230  ? 10.630 ? ? ? ? 1028 94.400  ? ? ? ? 0.082 ? ? ? ? ? ? ? ? 3.161 ? ? ? ? 0.098 ? ? 7  1 0.992 ? ? 
2.230 2.320  ? 11.070 ? ? ? ? 946  93.000  ? ? ? ? 0.091 ? ? ? ? ? ? ? ? 2.870 ? ? ? ? 0.112 ? ? 8  1 0.979 ? ? 
2.320 2.430  ? 12.940 ? ? ? ? 982  96.600  ? ? ? ? 0.073 ? ? ? ? ? ? ? ? 3.318 ? ? ? ? 0.087 ? ? 9  1 0.991 ? ? 
2.430 2.540  ? 14.010 ? ? ? ? 858  97.100  ? ? ? ? 0.074 ? ? ? ? ? ? ? ? 3.448 ? ? ? ? 0.087 ? ? 10 1 0.989 ? ? 
2.540 2.680  ? 13.960 ? ? ? ? 892  98.000  ? ? ? ? 0.078 ? ? ? ? ? ? ? ? 3.463 ? ? ? ? 0.091 ? ? 11 1 0.989 ? ? 
2.680 2.840  ? 13.260 ? ? ? ? 807  98.500  ? ? ? ? 0.074 ? ? ? ? ? ? ? ? 3.425 ? ? ? ? 0.088 ? ? 12 1 0.990 ? ? 
2.840 3.040  ? 12.400 ? ? ? ? 806  99.400  ? ? ? ? 0.080 ? ? ? ? ? ? ? ? 3.372 ? ? ? ? 0.096 ? ? 13 1 0.988 ? ? 
3.040 3.280  ? 12.510 ? ? ? ? 731  100.000 ? ? ? ? 0.080 ? ? ? ? ? ? ? ? 3.279 ? ? ? ? 0.095 ? ? 14 1 0.990 ? ? 
3.280 3.600  ? 12.130 ? ? ? ? 664  98.800  ? ? ? ? 0.074 ? ? ? ? ? ? ? ? 3.099 ? ? ? ? 0.090 ? ? 15 1 0.992 ? ? 
3.600 4.020  ? 13.190 ? ? ? ? 613  98.900  ? ? ? ? 0.082 ? ? ? ? ? ? ? ? 3.197 ? ? ? ? 0.099 ? ? 16 1 0.989 ? ? 
4.020 4.640  ? 14.520 ? ? ? ? 545  100.000 ? ? ? ? 0.077 ? ? ? ? ? ? ? ? 3.716 ? ? ? ? 0.090 ? ? 17 1 0.990 ? ? 
4.640 5.690  ? 15.430 ? ? ? ? 440  99.800  ? ? ? ? 0.070 ? ? ? ? ? ? ? ? 3.698 ? ? ? ? 0.081 ? ? 18 1 0.992 ? ? 
5.690 8.040  ? 16.400 ? ? ? ? 365  99.700  ? ? ? ? 0.070 ? ? ? ? ? ? ? ? 3.677 ? ? ? ? 0.082 ? ? 19 1 0.991 ? ? 
8.040 24.016 ? 16.810 ? ? ? ? 171  91.000  ? ? ? ? 0.077 ? ? ? ? ? ? ? ? 3.462 ? ? ? ? 0.094 ? ? 20 1 0.986 ? ? 
# 
_refine.aniso_B[1][1]                            ? 
_refine.aniso_B[1][2]                            ? 
_refine.aniso_B[1][3]                            ? 
_refine.aniso_B[2][2]                            ? 
_refine.aniso_B[2][3]                            ? 
_refine.aniso_B[3][3]                            ? 
_refine.B_iso_max                                55.630 
_refine.B_iso_mean                               20.4500 
_refine.B_iso_min                                10.010 
_refine.correlation_coeff_Fo_to_Fc               ? 
_refine.correlation_coeff_Fo_to_Fc_free          ? 
_refine.details                                  ? 
_refine.diff_density_max                         ? 
_refine.diff_density_max_esd                     ? 
_refine.diff_density_min                         ? 
_refine.diff_density_min_esd                     ? 
_refine.diff_density_rms                         ? 
_refine.diff_density_rms_esd                     ? 
_refine.entry_id                                 6JR4 
_refine.pdbx_refine_id                           'X-RAY DIFFRACTION' 
_refine.ls_abs_structure_details                 ? 
_refine.ls_abs_structure_Flack                   ? 
_refine.ls_abs_structure_Flack_esd               ? 
_refine.ls_abs_structure_Rogers                  ? 
_refine.ls_abs_structure_Rogers_esd              ? 
_refine.ls_d_res_high                            1.7980 
_refine.ls_d_res_low                             24.0160 
_refine.ls_extinction_coef                       ? 
_refine.ls_extinction_coef_esd                   ? 
_refine.ls_extinction_expression                 ? 
_refine.ls_extinction_method                     ? 
_refine.ls_goodness_of_fit_all                   ? 
_refine.ls_goodness_of_fit_all_esd               ? 
_refine.ls_goodness_of_fit_obs                   ? 
_refine.ls_goodness_of_fit_obs_esd               ? 
_refine.ls_hydrogen_treatment                    ? 
_refine.ls_matrix_type                           ? 
_refine.ls_number_constraints                    ? 
_refine.ls_number_parameters                     ? 
_refine.ls_number_reflns_all                     ? 
_refine.ls_number_reflns_obs                     16247 
_refine.ls_number_reflns_R_free                  1644 
_refine.ls_number_reflns_R_work                  ? 
_refine.ls_number_restraints                     ? 
_refine.ls_percent_reflns_obs                    94.2100 
_refine.ls_percent_reflns_R_free                 10.1200 
_refine.ls_R_factor_all                          ? 
_refine.ls_R_factor_obs                          0.1282 
_refine.ls_R_factor_R_free                       0.1460 
_refine.ls_R_factor_R_free_error                 ? 
_refine.ls_R_factor_R_free_error_details         ? 
_refine.ls_R_factor_R_work                       0.1263 
_refine.ls_R_Fsqd_factor_obs                     ? 
_refine.ls_R_I_factor_obs                        ? 
_refine.ls_redundancy_reflns_all                 ? 
_refine.ls_redundancy_reflns_obs                 ? 
_refine.ls_restrained_S_all                      ? 
_refine.ls_restrained_S_obs                      ? 
_refine.ls_shift_over_esd_max                    ? 
_refine.ls_shift_over_esd_mean                   ? 
_refine.ls_structure_factor_coef                 ? 
_refine.ls_weighting_details                     ? 
_refine.ls_weighting_scheme                      ? 
_refine.ls_wR_factor_all                         ? 
_refine.ls_wR_factor_obs                         ? 
_refine.ls_wR_factor_R_free                      ? 
_refine.ls_wR_factor_R_work                      ? 
_refine.occupancy_max                            ? 
_refine.occupancy_min                            ? 
_refine.solvent_model_details                    ? 
_refine.solvent_model_param_bsol                 ? 
_refine.solvent_model_param_ksol                 ? 
_refine.ls_R_factor_gt                           ? 
_refine.ls_goodness_of_fit_gt                    ? 
_refine.ls_goodness_of_fit_ref                   ? 
_refine.ls_shift_over_su_max                     ? 
_refine.ls_shift_over_su_max_lt                  ? 
_refine.ls_shift_over_su_mean                    ? 
_refine.ls_shift_over_su_mean_lt                 ? 
_refine.pdbx_ls_sigma_I                          ? 
_refine.pdbx_ls_sigma_F                          1.360 
_refine.pdbx_ls_sigma_Fsqd                       ? 
_refine.pdbx_data_cutoff_high_absF               ? 
_refine.pdbx_data_cutoff_high_rms_absF           ? 
_refine.pdbx_data_cutoff_low_absF                ? 
_refine.pdbx_isotropic_thermal_model             ? 
_refine.pdbx_ls_cross_valid_method               THROUGHOUT 
_refine.pdbx_method_to_determine_struct          SAD 
_refine.pdbx_starting_model                      ? 
_refine.pdbx_stereochemistry_target_values       ? 
_refine.pdbx_R_Free_selection_details            ? 
_refine.pdbx_stereochem_target_val_spec_case     ? 
_refine.pdbx_overall_ESU_R                       ? 
_refine.pdbx_overall_ESU_R_Free                  ? 
_refine.pdbx_solvent_vdw_probe_radii             1.1100 
_refine.pdbx_solvent_ion_probe_radii             ? 
_refine.pdbx_solvent_shrinkage_radii             0.9000 
_refine.pdbx_real_space_R                        ? 
_refine.pdbx_density_correlation                 ? 
_refine.pdbx_pd_number_of_powder_patterns        ? 
_refine.pdbx_pd_number_of_points                 ? 
_refine.pdbx_pd_meas_number_of_points            ? 
_refine.pdbx_pd_proc_ls_prof_R_factor            ? 
_refine.pdbx_pd_proc_ls_prof_wR_factor           ? 
_refine.pdbx_pd_Marquardt_correlation_coeff      ? 
_refine.pdbx_pd_Fsqrd_R_factor                   ? 
_refine.pdbx_pd_ls_matrix_band_width             ? 
_refine.pdbx_overall_phase_error                 12.9200 
_refine.pdbx_overall_SU_R_free_Cruickshank_DPI   ? 
_refine.pdbx_overall_SU_R_free_Blow_DPI          ? 
_refine.pdbx_overall_SU_R_Blow_DPI               ? 
_refine.pdbx_TLS_residual_ADP_flag               ? 
_refine.pdbx_diffrn_id                           1 
_refine.overall_SU_B                             ? 
_refine.overall_SU_ML                            0.1100 
_refine.overall_SU_R_Cruickshank_DPI             ? 
_refine.overall_SU_R_free                        ? 
_refine.overall_FOM_free_R_set                   ? 
_refine.overall_FOM_work_R_set                   ? 
_refine.pdbx_average_fsc_overall                 ? 
_refine.pdbx_average_fsc_work                    ? 
_refine.pdbx_average_fsc_free                    ? 
# 
_refine_hist.cycle_id                         final 
_refine_hist.pdbx_refine_id                   'X-RAY DIFFRACTION' 
_refine_hist.d_res_high                       1.7980 
_refine_hist.d_res_low                        24.0160 
_refine_hist.pdbx_number_atoms_ligand         40 
_refine_hist.number_atoms_solvent             60 
_refine_hist.number_atoms_total               900 
_refine_hist.pdbx_number_residues_total       40 
_refine_hist.pdbx_B_iso_mean_ligand           13.78 
_refine_hist.pdbx_B_iso_mean_solvent          23.45 
_refine_hist.pdbx_number_atoms_protein        0 
_refine_hist.pdbx_number_atoms_nucleic_acid   800 
# 
loop_
_refine_ls_restr.pdbx_refine_id 
_refine_ls_restr.criterion 
_refine_ls_restr.dev_ideal 
_refine_ls_restr.dev_ideal_target 
_refine_ls_restr.number 
_refine_ls_restr.rejects 
_refine_ls_restr.type 
_refine_ls_restr.weight 
_refine_ls_restr.pdbx_restraint_function 
'X-RAY DIFFRACTION' ? 0.007  ? 896  ? f_bond_d           ? ? 
'X-RAY DIFFRACTION' ? 1.122  ? 1372 ? f_angle_d          ? ? 
'X-RAY DIFFRACTION' ? 0.067  ? 156  ? f_chiral_restr     ? ? 
'X-RAY DIFFRACTION' ? 0.009  ? 40   ? f_plane_restr      ? ? 
'X-RAY DIFFRACTION' ? 30.734 ? 384  ? f_dihedral_angle_d ? ? 
# 
loop_
_refine_ls_shell.pdbx_refine_id 
_refine_ls_shell.d_res_high 
_refine_ls_shell.d_res_low 
_refine_ls_shell.number_reflns_all 
_refine_ls_shell.number_reflns_obs 
_refine_ls_shell.number_reflns_R_free 
_refine_ls_shell.number_reflns_R_work 
_refine_ls_shell.percent_reflns_obs 
_refine_ls_shell.percent_reflns_R_free 
_refine_ls_shell.R_factor_all 
_refine_ls_shell.R_factor_obs 
_refine_ls_shell.R_factor_R_free 
_refine_ls_shell.R_factor_R_free_error 
_refine_ls_shell.R_factor_R_work 
_refine_ls_shell.redundancy_reflns_all 
_refine_ls_shell.redundancy_reflns_obs 
_refine_ls_shell.wR_factor_all 
_refine_ls_shell.wR_factor_obs 
_refine_ls_shell.wR_factor_R_free 
_refine_ls_shell.wR_factor_R_work 
_refine_ls_shell.pdbx_total_number_of_bins_used 
_refine_ls_shell.pdbx_phase_error 
_refine_ls_shell.pdbx_fsc_work 
_refine_ls_shell.pdbx_fsc_free 
'X-RAY DIFFRACTION' 1.7978 1.8507  1178 . 124 1054 82.0000  . . . 0.1553 0.0000 0.1495 . . . . . . 12 . . . 
'X-RAY DIFFRACTION' 1.8507 1.9104  1302 . 126 1176 89.0000  . . . 0.1944 0.0000 0.1621 . . . . . . 12 . . . 
'X-RAY DIFFRACTION' 1.9104 1.9786  1290 . 130 1160 90.0000  . . . 0.1781 0.0000 0.1588 . . . . . . 12 . . . 
'X-RAY DIFFRACTION' 1.9786 2.0578  1313 . 128 1185 93.0000  . . . 0.1399 0.0000 0.1121 . . . . . . 12 . . . 
'X-RAY DIFFRACTION' 2.0578 2.1514  1343 . 142 1201 94.0000  . . . 0.1273 0.0000 0.1022 . . . . . . 12 . . . 
'X-RAY DIFFRACTION' 2.1514 2.2648  1360 . 131 1229 93.0000  . . . 0.1633 0.0000 0.1232 . . . . . . 12 . . . 
'X-RAY DIFFRACTION' 2.2648 2.4065  1380 . 142 1238 96.0000  . . . 0.1120 0.0000 0.0942 . . . . . . 12 . . . 
'X-RAY DIFFRACTION' 2.4065 2.5921  1396 . 135 1261 97.0000  . . . 0.1067 0.0000 0.0892 . . . . . . 12 . . . 
'X-RAY DIFFRACTION' 2.5921 2.8526  1394 . 142 1252 98.0000  . . . 0.1107 0.0000 0.1161 . . . . . . 12 . . . 
'X-RAY DIFFRACTION' 2.8526 3.2645  1445 . 161 1284 100.0000 . . . 0.1638 0.0000 0.1519 . . . . . . 12 . . . 
'X-RAY DIFFRACTION' 3.2645 4.1096  1420 . 147 1273 99.0000  . . . 0.2003 0.0000 0.1774 . . . . . . 12 . . . 
'X-RAY DIFFRACTION' 4.1096 24.0183 1426 . 136 1290 99.0000  . . . 0.1428 0.0000 0.1304 . . . . . . 12 . . . 
# 
_struct.entry_id                     6JR4 
_struct.title                        'Crystal structure of a NIR-emitting DNA-stabilized Ag16 nanocluster' 
_struct.pdbx_model_details           ? 
_struct.pdbx_formula_weight          ? 
_struct.pdbx_formula_weight_method   ? 
_struct.pdbx_model_type_details      ? 
_struct.pdbx_CASP_flag               N 
# 
_struct_keywords.entry_id        6JR4 
_struct_keywords.text            'Nanocluster, Silver, DNA' 
_struct_keywords.pdbx_keywords   DNA 
# 
loop_
_struct_asym.id 
_struct_asym.pdbx_blank_PDB_chainid_flag 
_struct_asym.pdbx_modified 
_struct_asym.entity_id 
_struct_asym.details 
A  N N 1 ? 
B  N N 1 ? 
C  N N 1 ? 
D  N N 1 ? 
E  N N 2 ? 
F  N N 2 ? 
G  N N 2 ? 
H  N N 2 ? 
I  N N 2 ? 
J  N N 2 ? 
K  N N 2 ? 
L  N N 2 ? 
M  N N 2 ? 
N  N N 2 ? 
O  N N 2 ? 
P  N N 2 ? 
Q  N N 2 ? 
R  N N 2 ? 
S  N N 2 ? 
T  N N 2 ? 
U  N N 2 ? 
V  N N 2 ? 
W  N N 2 ? 
X  N N 3 ? 
Y  N N 2 ? 
Z  N N 2 ? 
AA N N 2 ? 
BA N N 2 ? 
CA N N 2 ? 
DA N N 2 ? 
EA N N 2 ? 
FA N N 2 ? 
GA N N 2 ? 
HA N N 2 ? 
IA N N 2 ? 
JA N N 2 ? 
KA N N 2 ? 
LA N N 2 ? 
MA N N 2 ? 
NA N N 2 ? 
OA N N 2 ? 
PA N N 2 ? 
QA N N 2 ? 
RA N N 3 ? 
SA N N 4 ? 
TA N N 4 ? 
UA N N 4 ? 
VA N N 4 ? 
# 
_struct_ref.id                         1 
_struct_ref.db_name                    PDB 
_struct_ref.db_code                    6JR4 
_struct_ref.pdbx_db_accession          6JR4 
_struct_ref.pdbx_db_isoform            ? 
_struct_ref.entity_id                  1 
_struct_ref.pdbx_seq_one_letter_code   ? 
_struct_ref.pdbx_align_begin           1 
# 
loop_
_struct_ref_seq.align_id 
_struct_ref_seq.ref_id 
_struct_ref_seq.pdbx_PDB_id_code 
_struct_ref_seq.pdbx_strand_id 
_struct_ref_seq.seq_align_beg 
_struct_ref_seq.pdbx_seq_align_beg_ins_code 
_struct_ref_seq.seq_align_end 
_struct_ref_seq.pdbx_seq_align_end_ins_code 
_struct_ref_seq.pdbx_db_accession 
_struct_ref_seq.db_align_beg 
_struct_ref_seq.pdbx_db_align_beg_ins_code 
_struct_ref_seq.db_align_end 
_struct_ref_seq.pdbx_db_align_end_ins_code 
_struct_ref_seq.pdbx_auth_seq_align_beg 
_struct_ref_seq.pdbx_auth_seq_align_end 
1 1 6JR4 A 1 ? 10 ? 6JR4 1 ? 10 ? 1 10 
2 1 6JR4 B 1 ? 10 ? 6JR4 1 ? 10 ? 1 10 
3 1 6JR4 C 1 ? 10 ? 6JR4 1 ? 10 ? 1 10 
4 1 6JR4 D 1 ? 10 ? 6JR4 1 ? 10 ? 1 10 
# 
loop_
_pdbx_struct_assembly.id 
_pdbx_struct_assembly.details 
_pdbx_struct_assembly.method_details 
_pdbx_struct_assembly.oligomeric_details 
_pdbx_struct_assembly.oligomeric_count 
1 author_and_software_defined_assembly PISA dimeric 2 
2 author_and_software_defined_assembly PISA dimeric 2 
# 
loop_
_pdbx_struct_assembly_prop.biol_id 
_pdbx_struct_assembly_prop.type 
_pdbx_struct_assembly_prop.value 
_pdbx_struct_assembly_prop.details 
1 'ABSA (A^2)' 4070 ? 
1 MORE         -134 ? 
1 'SSA (A^2)'  2590 ? 
2 'ABSA (A^2)' 4070 ? 
2 MORE         -136 ? 
2 'SSA (A^2)'  2590 ? 
# 
loop_
_pdbx_struct_assembly_gen.assembly_id 
_pdbx_struct_assembly_gen.oper_expression 
_pdbx_struct_assembly_gen.asym_id_list 
1 1 A,B,E,F,G,H,I,J,K,L,M,N,O,P,Q,R,S,T,U,V,W,X,SA,TA                   
2 1 C,D,Y,Z,AA,BA,CA,DA,EA,FA,GA,HA,IA,JA,KA,LA,MA,NA,OA,PA,QA,RA,UA,VA 
# 
_pdbx_struct_assembly_auth_evidence.id                     1 
_pdbx_struct_assembly_auth_evidence.assembly_id            1 
_pdbx_struct_assembly_auth_evidence.experimental_support   none 
_pdbx_struct_assembly_auth_evidence.details                ? 
# 
_pdbx_struct_oper_list.id                   1 
_pdbx_struct_oper_list.type                 'identity operation' 
_pdbx_struct_oper_list.name                 1_555 
_pdbx_struct_oper_list.symmetry_operation   x,y,z 
_pdbx_struct_oper_list.matrix[1][1]         1.0000000000 
_pdbx_struct_oper_list.matrix[1][2]         0.0000000000 
_pdbx_struct_oper_list.matrix[1][3]         0.0000000000 
_pdbx_struct_oper_list.vector[1]            0.0000000000 
_pdbx_struct_oper_list.matrix[2][1]         0.0000000000 
_pdbx_struct_oper_list.matrix[2][2]         1.0000000000 
_pdbx_struct_oper_list.matrix[2][3]         0.0000000000 
_pdbx_struct_oper_list.vector[2]            0.0000000000 
_pdbx_struct_oper_list.matrix[3][1]         0.0000000000 
_pdbx_struct_oper_list.matrix[3][2]         0.0000000000 
_pdbx_struct_oper_list.matrix[3][3]         1.0000000000 
_pdbx_struct_oper_list.vector[3]            0.0000000000 
# 
loop_
_struct_conn.id 
_struct_conn.conn_type_id 
_struct_conn.pdbx_leaving_atom_flag 
_struct_conn.pdbx_PDB_id 
_struct_conn.ptnr1_label_asym_id 
_struct_conn.ptnr1_label_comp_id 
_struct_conn.ptnr1_label_seq_id 
_struct_conn.ptnr1_label_atom_id 
_struct_conn.pdbx_ptnr1_label_alt_id 
_struct_conn.pdbx_ptnr1_PDB_ins_code 
_struct_conn.pdbx_ptnr1_standard_comp_id 
_struct_conn.ptnr1_symmetry 
_struct_conn.ptnr2_label_asym_id 
_struct_conn.ptnr2_label_comp_id 
_struct_conn.ptnr2_label_seq_id 
_struct_conn.ptnr2_label_atom_id 
_struct_conn.pdbx_ptnr2_label_alt_id 
_struct_conn.pdbx_ptnr2_PDB_ins_code 
_struct_conn.ptnr1_auth_asym_id 
_struct_conn.ptnr1_auth_comp_id 
_struct_conn.ptnr1_auth_seq_id 
_struct_conn.ptnr2_auth_asym_id 
_struct_conn.ptnr2_auth_comp_id 
_struct_conn.ptnr2_auth_seq_id 
_struct_conn.ptnr2_symmetry 
_struct_conn.pdbx_ptnr3_label_atom_id 
_struct_conn.pdbx_ptnr3_label_seq_id 
_struct_conn.pdbx_ptnr3_label_comp_id 
_struct_conn.pdbx_ptnr3_label_asym_id 
_struct_conn.pdbx_ptnr3_label_alt_id 
_struct_conn.pdbx_ptnr3_PDB_ins_code 
_struct_conn.details 
_struct_conn.pdbx_dist_value 
_struct_conn.pdbx_value_order 
_struct_conn.pdbx_role 
metalc1  metalc ? ? A  DC  1  O2    ? ? ? 1_555 E  AG  .  AG  ? ? A DC  1   A AG  101 1_555 ? ? ? ? ? ? ?               2.410 ? ? 
metalc2  metalc ? ? A  DC  1  N3    ? ? ? 1_555 I  AG  .  AG  ? ? A DC  1   A AG  105 1_555 ? ? ? ? ? ? ?               2.252 ? ? 
metalc3  metalc ? ? A  DA  2  N1    ? ? ? 1_555 N  AG  .  AG  ? ? A DA  2   A AG  110 1_555 ? ? ? ? ? ? ?               2.454 ? ? 
metalc4  metalc ? ? A  DC  3  N3    ? ? ? 1_555 E  AG  .  AG  ? ? A DC  3   A AG  101 1_555 ? ? ? ? ? ? ?               2.252 ? ? 
metalc5  metalc ? ? A  DC  3  O2    ? ? ? 1_555 O  AG  .  AG  ? ? A DC  3   A AG  111 1_555 ? ? ? ? ? ? ?               2.671 ? ? 
metalc6  metalc ? ? A  DC  3  OP1   ? ? ? 1_555 X  CA  .  CA  ? ? A DC  3   B CA  107 1_655 ? ? ? ? ? ? ?               2.249 ? ? 
metalc7  metalc ? ? A  DC  4  N3    ? ? ? 1_555 F  AG  .  AG  ? ? A DC  4   A AG  102 1_555 ? ? ? ? ? ? ?               2.372 ? ? 
metalc8  metalc ? ? A  DC  4  O2    ? ? ? 1_555 O  AG  .  AG  ? ? A DC  4   A AG  111 1_555 ? ? ? ? ? ? ?               2.591 ? ? 
metalc9  metalc ? ? A  DC  4  O2    ? ? ? 1_555 P  AG  .  AG  ? ? A DC  4   A AG  112 1_555 ? ? ? ? ? ? ?               2.585 ? ? 
metalc10 metalc ? ? A  DA  6  OP1   ? ? ? 1_555 H  AG  .  AG  ? ? A DA  6   A AG  104 1_555 ? ? ? ? ? ? ?               2.381 ? ? 
metalc11 metalc ? ? A  DA  6  N7    ? ? ? 1_555 L  AG  .  AG  ? ? A DA  6   A AG  108 1_555 ? ? ? ? ? ? ?               2.366 ? ? 
metalc12 metalc ? ? A  DA  6  OP2   ? ? ? 1_555 Q  AG  .  AG  ? ? A DA  6   A AG  113 1_555 ? ? ? ? ? ? ?               2.376 ? ? 
metalc13 metalc ? ? A  DG  7  N7    ? ? ? 1_555 H  AG  .  AG  ? ? A DG  7   A AG  104 1_555 ? ? ? ? ? ? ?               2.321 ? ? 
metalc14 metalc ? ? A  DG  7  O6    ? ? ? 1_555 K  AG  .  AG  ? ? A DG  7   A AG  107 1_555 ? ? ? ? ? ? ?               2.695 ? ? 
metalc15 metalc ? ? A  DG  7  O6    ? ? ? 1_555 L  AG  .  AG  ? ? A DG  7   A AG  108 1_555 ? ? ? ? ? ? ?               2.390 ? ? 
metalc16 metalc ? ? A  DC  8  N3    ? ? ? 1_555 G  AG  .  AG  ? ? A DC  8   A AG  103 1_555 ? ? ? ? ? ? ?               2.264 ? ? 
metalc17 metalc ? ? A  DC  8  OP1   ? ? ? 1_555 X  CA  .  CA  ? ? A DC  8   B CA  107 2_745 ? ? ? ? ? ? ?               2.357 ? ? 
metalc18 metalc ? ? A  DG  9  O6    ? ? ? 1_555 F  AG  .  AG  ? ? A DG  9   A AG  102 1_555 ? ? ? ? ? ? ?               2.367 ? ? 
metalc19 metalc ? ? A  DG  9  N1    ? ? ? 1_555 J  AG  .  AG  ? ? A DG  9   A AG  106 1_555 ? ? ? ? ? ? ?               2.330 ? ? 
metalc20 metalc ? ? A  DA  10 N7    ? ? ? 1_555 QA AG  .  AG  ? ? A DA  10  D AG  106 2_755 ? ? ? ? ? ? ?               2.110 ? ? 
metalc21 metalc ? ? I  AG  .  AG    ? ? ? 1_555 B  DC  4  O2  ? ? A AG  105 B DC  4   1_555 ? ? ? ? ? ? ?               2.490 ? ? 
metalc22 metalc ? ? J  AG  .  AG    ? ? ? 1_555 B  DC  4  O2  ? ? A AG  106 B DC  4   1_555 ? ? ? ? ? ? ?               2.593 ? ? 
metalc23 metalc ? ? L  AG  .  AG    ? ? ? 1_555 B  DA  6  OP2 ? ? A AG  108 B DA  6   1_555 ? ? ? ? ? ? ?               2.289 ? ? 
metalc24 metalc ? ? N  AG  .  AG    ? ? ? 1_555 B  DC  1  O2  ? ? A AG  110 B DC  1   1_555 ? ? ? ? ? ? ?               2.589 ? ? 
metalc25 metalc ? ? N  AG  .  AG    ? ? ? 1_555 B  DC  3  N3  ? ? A AG  110 B DC  3   1_555 ? ? ? ? ? ? ?               2.240 ? ? 
metalc26 metalc ? ? O  AG  .  AG    ? ? ? 1_555 B  DC  1  N3  ? ? A AG  111 B DC  1   1_555 ? ? ? ? ? ? ?               2.336 ? ? 
metalc27 metalc ? ? P  AG  .  AG    ? ? ? 1_555 B  DG  9  N1  ? ? A AG  112 B DG  9   1_555 ? ? ? ? ? ? ?               2.314 ? ? 
metalc28 metalc ? ? Q  AG  .  AG    ? ? ? 1_555 B  DA  6  N7  ? ? A AG  113 B DA  6   1_555 ? ? ? ? ? ? ?               2.349 ? ? 
metalc29 metalc ? ? Q  AG  .  AG    ? ? ? 1_555 B  DG  7  O6  ? ? A AG  113 B DG  7   1_555 ? ? ? ? ? ? ?               2.311 ? ? 
metalc30 metalc ? ? SA HOH .  O     ? ? ? 1_455 X  CA  .  CA  ? ? A HOH 215 B CA  107 1_555 ? ? ? ? ? ? ?               2.375 ? ? 
metalc31 metalc ? ? SA HOH .  O     ? ? ? 2_755 X  CA  .  CA  ? ? A HOH 217 B CA  107 1_555 ? ? ? ? ? ? ?               2.301 ? ? 
metalc32 metalc ? ? B  DC  3  OP1   ? ? ? 1_555 X  CA  .  CA  ? ? B DC  3   B CA  107 1_555 ? ? ? ? ? ? ?               2.270 ? ? 
metalc33 metalc ? ? B  DC  4  N3    ? ? ? 1_555 R  AG  .  AG  ? ? B DC  4   B AG  101 1_555 ? ? ? ? ? ? ?               2.413 ? ? 
metalc34 metalc ? ? B  DA  6  OP1   ? ? ? 1_555 T  AG  .  AG  ? ? B DA  6   B AG  103 1_555 ? ? ? ? ? ? ?               2.438 ? ? 
metalc35 metalc ? ? B  DG  7  N7    ? ? ? 1_555 T  AG  .  AG  ? ? B DG  7   B AG  103 1_555 ? ? ? ? ? ? ?               2.341 ? ? 
metalc36 metalc ? ? B  DG  7  O6    ? ? ? 1_555 U  AG  .  AG  ? ? B DG  7   B AG  104 1_555 ? ? ? ? ? ? ?               2.447 ? ? 
metalc37 metalc ? ? B  DC  8  N3    ? ? ? 1_555 S  AG  .  AG  ? ? B DC  8   B AG  102 1_555 ? ? ? ? ? ? ?               2.322 ? ? 
metalc38 metalc ? ? B  DC  8  O2    ? ? ? 1_555 U  AG  .  AG  ? ? B DC  8   B AG  104 1_555 ? ? ? ? ? ? ?               2.681 ? ? 
metalc39 metalc ? ? B  DG  9  O6    ? ? ? 1_555 R  AG  .  AG  ? ? B DG  9   B AG  101 1_555 ? ? ? ? ? ? ?               2.423 ? ? 
metalc40 metalc ? ? B  DA  10 "O4'" ? ? ? 1_555 W  AG  .  AG  ? ? B DA  10  B AG  106 1_555 ? ? ? ? ? ? ?               2.438 ? ? 
metalc41 metalc ? ? B  DA  10 N3    ? ? ? 1_555 W  AG  .  AG  ? ? B DA  10  B AG  106 1_555 ? ? ? ? ? ? ?               2.215 ? ? 
metalc42 metalc ? ? W  AG  .  AG    ? ? ? 2_846 C  DA  10 N7  ? ? B AG  106 C DA  10  1_555 ? ? ? ? ? ? ?               2.354 ? ? 
metalc43 metalc ? ? X  CA  .  CA    ? ? ? 1_555 TA HOH .  O   ? ? B CA  107 B HOH 205 1_555 ? ? ? ? ? ? ?               2.433 ? ? 
metalc44 metalc ? ? C  DC  1  O2    ? ? ? 1_555 Y  AG  .  AG  ? ? C DC  1   C AG  101 1_555 ? ? ? ? ? ? ?               2.396 ? ? 
metalc45 metalc ? ? C  DC  1  N3    ? ? ? 1_555 CA AG  .  AG  ? ? C DC  1   C AG  105 1_555 ? ? ? ? ? ? ?               2.230 ? ? 
metalc46 metalc ? ? C  DA  2  N1    ? ? ? 1_555 HA AG  .  AG  ? ? C DA  2   C AG  110 1_555 ? ? ? ? ? ? ?               2.520 ? ? 
metalc47 metalc ? ? C  DC  3  N3    ? ? ? 1_555 Y  AG  .  AG  ? ? C DC  3   C AG  101 1_555 ? ? ? ? ? ? ?               2.232 ? ? 
metalc48 metalc ? ? C  DC  3  O2    ? ? ? 1_555 IA AG  .  AG  ? ? C DC  3   C AG  111 1_555 ? ? ? ? ? ? ?               2.678 ? ? 
metalc49 metalc ? ? C  DC  4  N3    ? ? ? 1_555 Z  AG  .  AG  ? ? C DC  4   C AG  102 1_555 ? ? ? ? ? ? ?               2.421 ? ? 
metalc50 metalc ? ? C  DC  4  O2    ? ? ? 1_555 IA AG  .  AG  ? ? C DC  4   C AG  111 1_555 ? ? ? ? ? ? ?               2.529 ? ? 
metalc51 metalc ? ? C  DC  4  O2    ? ? ? 1_555 JA AG  .  AG  ? ? C DC  4   C AG  112 1_555 ? ? ? ? ? ? ?               2.529 ? ? 
metalc52 metalc ? ? C  DA  6  OP1   ? ? ? 1_555 BA AG  .  AG  ? ? C DA  6   C AG  104 1_555 ? ? ? ? ? ? ?               2.410 ? ? 
metalc53 metalc ? ? C  DA  6  N7    ? ? ? 1_555 FA AG  .  AG  ? ? C DA  6   C AG  108 1_555 ? ? ? ? ? ? ?               2.316 ? ? 
metalc54 metalc ? ? C  DA  6  OP2   ? ? ? 1_555 KA AG  .  AG  ? ? C DA  6   C AG  113 1_555 ? ? ? ? ? ? ?               2.357 ? ? 
metalc55 metalc ? ? C  DG  7  N7    ? ? ? 1_555 BA AG  .  AG  ? ? C DG  7   C AG  104 1_555 ? ? ? ? ? ? ?               2.354 ? ? 
metalc56 metalc ? ? C  DG  7  O6    ? ? ? 1_555 FA AG  .  AG  ? ? C DG  7   C AG  108 1_555 ? ? ? ? ? ? ?               2.379 ? ? 
metalc57 metalc ? ? C  DC  8  N3    ? ? ? 1_555 AA AG  .  AG  ? ? C DC  8   C AG  103 1_555 ? ? ? ? ? ? ?               2.276 ? ? 
metalc58 metalc ? ? C  DC  8  OP1   ? ? ? 1_555 RA CA  .  CA  ? ? C DC  8   D CA  107 1_655 ? ? ? ? ? ? ?               2.366 ? ? 
metalc59 metalc ? ? C  DG  9  O6    ? ? ? 1_555 Z  AG  .  AG  ? ? C DG  9   C AG  102 1_555 ? ? ? ? ? ? ?               2.351 ? ? 
metalc60 metalc ? ? C  DG  9  N1    ? ? ? 1_555 DA AG  .  AG  ? ? C DG  9   C AG  106 1_555 ? ? ? ? ? ? ?               2.291 ? ? 
metalc61 metalc ? ? CA AG  .  AG    ? ? ? 1_555 D  DC  4  O2  ? ? C AG  105 D DC  4   1_555 ? ? ? ? ? ? ?               2.521 ? ? 
metalc62 metalc ? ? DA AG  .  AG    ? ? ? 1_555 D  DC  4  O2  ? ? C AG  106 D DC  4   1_555 ? ? ? ? ? ? ?               2.598 ? ? 
metalc63 metalc ? ? FA AG  .  AG    ? ? ? 1_555 D  DA  6  OP2 ? ? C AG  108 D DA  6   1_555 ? ? ? ? ? ? ?               2.311 ? ? 
metalc64 metalc ? ? HA AG  .  AG    ? ? ? 1_555 D  DC  1  O2  ? ? C AG  110 D DC  1   1_555 ? ? ? ? ? ? ?               2.576 ? ? 
metalc65 metalc ? ? HA AG  .  AG    ? ? ? 1_555 D  DC  3  N3  ? ? C AG  110 D DC  3   1_555 ? ? ? ? ? ? ?               2.261 ? ? 
metalc66 metalc ? ? IA AG  .  AG    ? ? ? 1_555 D  DC  1  N3  ? ? C AG  111 D DC  1   1_555 ? ? ? ? ? ? ?               2.351 ? ? 
metalc67 metalc ? ? JA AG  .  AG    ? ? ? 1_555 D  DG  9  N1  ? ? C AG  112 D DG  9   1_555 ? ? ? ? ? ? ?               2.295 ? ? 
metalc68 metalc ? ? KA AG  .  AG    ? ? ? 1_555 D  DA  6  N7  ? ? C AG  113 D DA  6   1_555 ? ? ? ? ? ? ?               2.368 ? ? 
metalc69 metalc ? ? KA AG  .  AG    ? ? ? 1_555 D  DG  7  O6  ? ? C AG  113 D DG  7   1_555 ? ? ? ? ? ? ?               2.294 ? ? 
metalc70 metalc ? ? D  DC  3  OP1   ? ? ? 1_555 RA CA  .  CA  ? ? D DC  3   D CA  107 2_746 ? ? ? ? ? ? ?               2.356 ? ? 
metalc71 metalc ? ? D  DC  4  N3    ? ? ? 1_555 LA AG  .  AG  ? ? D DC  4   D AG  101 1_555 ? ? ? ? ? ? ?               2.459 ? ? 
metalc72 metalc ? ? D  DA  6  OP1   ? ? ? 1_555 NA AG  .  AG  ? ? D DA  6   D AG  103 1_555 ? ? ? ? ? ? ?               2.374 ? ? 
metalc73 metalc ? ? D  DG  7  N7    ? ? ? 1_555 NA AG  .  AG  ? ? D DG  7   D AG  103 1_555 ? ? ? ? ? ? ?               2.310 ? ? 
metalc74 metalc ? ? D  DG  7  O6    ? ? ? 1_555 OA AG  .  AG  ? ? D DG  7   D AG  104 1_555 ? ? ? ? ? ? ?               2.432 ? ? 
metalc75 metalc ? ? D  DG  7  OP1   ? ? ? 1_555 RA CA  .  CA  ? ? D DG  7   D CA  107 1_555 ? ? ? ? ? ? ?               2.400 ? ? 
metalc76 metalc ? ? D  DC  8  N3    ? ? ? 1_555 MA AG  .  AG  ? ? D DC  8   D AG  102 1_555 ? ? ? ? ? ? ?               2.260 ? ? 
metalc77 metalc ? ? D  DC  8  O2    ? ? ? 1_555 OA AG  .  AG  ? ? D DC  8   D AG  104 1_555 ? ? ? ? ? ? ?               2.674 ? ? 
metalc78 metalc ? ? D  DG  9  O6    ? ? ? 1_555 LA AG  .  AG  ? ? D DG  9   D AG  101 1_555 ? ? ? ? ? ? ?               2.401 ? ? 
metalc79 metalc ? ? D  DA  10 "O4'" ? ? ? 1_555 QA AG  .  AG  ? ? D DA  10  D AG  106 1_555 ? ? ? ? ? ? ?               2.487 ? ? 
metalc80 metalc ? ? D  DA  10 N3    ? ? ? 1_555 QA AG  .  AG  ? ? D DA  10  D AG  106 1_555 ? ? ? ? ? ? ?               2.109 ? ? 
metalc81 metalc ? ? RA CA  .  CA    ? ? ? 1_555 VA HOH .  O   ? ? D CA  107 D HOH 204 2_756 ? ? ? ? ? ? ?               2.754 ? ? 
hydrog1  hydrog ? ? A  DC  1  O2    ? ? ? 1_555 A  DC  3  N4  ? ? A DC  1   A DC  3   1_555 ? ? ? ? ? ? 'DC-DC MISPAIR' ?     ? ? 
hydrog2  hydrog ? ? A  DC  1  N4    ? ? ? 1_555 B  DC  4  O2  ? ? A DC  1   B DC  4   1_555 ? ? ? ? ? ? 'DC-DC MISPAIR' ?     ? ? 
hydrog3  hydrog ? ? A  DA  2  N6    ? ? ? 1_555 B  DC  3  O2  ? ? A DA  2   B DC  3   1_555 ? ? ? ? ? ? 'DA-DC MISPAIR' ?     ? ? 
hydrog4  hydrog ? ? A  DC  3  O2    ? ? ? 1_555 B  DC  1  N4  ? ? A DC  3   B DC  1   1_555 ? ? ? ? ? ? 'DC-DC MISPAIR' ?     ? ? 
hydrog5  hydrog ? ? A  DC  4  N4    ? ? ? 1_555 A  DG  9  O6  ? ? A DC  4   A DG  9   1_555 ? ? ? ? ? ? 'DC-DG PAIR'    ?     ? ? 
hydrog6  hydrog ? ? A  DC  4  O2    ? ? ? 1_555 B  DC  1  N4  ? ? A DC  4   B DC  1   1_555 ? ? ? ? ? ? 'DC-DC MISPAIR' ?     ? ? 
hydrog7  hydrog ? ? A  DC  4  O2    ? ? ? 1_555 B  DG  9  N2  ? ? A DC  4   B DG  9   1_555 ? ? ? ? ? ? 'DC-DG PAIR'    ?     ? ? 
hydrog8  hydrog ? ? A  DT  5  O2    ? ? ? 1_555 B  DG  7  N2  ? ? A DT  5   B DG  7   1_555 ? ? ? ? ? ? 'DT-DG MISPAIR' ?     ? ? 
hydrog9  hydrog ? ? A  DT  5  O4    ? ? ? 1_555 D  DA  6  N6  ? ? A DT  5   D DA  6   1_555 ? ? ? ? ? ? 'DT-DA PAIR'    ?     ? ? 
hydrog10 hydrog ? ? A  DG  7  N1    ? ? ? 1_555 B  DT  5  O2  ? ? A DG  7   B DT  5   1_555 ? ? ? ? ? ? 'DG-DT MISPAIR' ?     ? ? 
hydrog11 hydrog ? ? A  DG  9  N2    ? ? ? 1_555 B  DC  4  O2  ? ? A DG  9   B DC  4   1_555 ? ? ? ? ? ? 'DG-DC PAIR'    ?     ? ? 
hydrog12 hydrog ? ? B  DC  1  O2    ? ? ? 1_555 B  DC  3  N4  ? ? B DC  1   B DC  3   1_555 ? ? ? ? ? ? 'DC-DC MISPAIR' ?     ? ? 
hydrog13 hydrog ? ? B  DC  4  N4    ? ? ? 1_555 B  DG  9  O6  ? ? B DC  4   B DG  9   1_555 ? ? ? ? ? ? 'DC-DG PAIR'    ?     ? ? 
hydrog14 hydrog ? ? B  DA  6  N6    ? ? ? 1_555 C  DT  5  O4  ? ? B DA  6   C DT  5   1_555 ? ? ? ? ? ? 'DA-DT PAIR'    ?     ? ? 
hydrog15 hydrog ? ? B  DC  8  O2    ? ? ? 1_555 B  DA  10 N6  ? ? B DC  8   B DA  10  1_555 ? ? ? ? ? ? 'DC-DA MISPAIR' ?     ? ? 
hydrog16 hydrog ? ? C  DC  1  O2    ? ? ? 1_555 C  DC  3  N4  ? ? C DC  1   C DC  3   1_555 ? ? ? ? ? ? 'DC-DC MISPAIR' ?     ? ? 
hydrog17 hydrog ? ? C  DC  1  N4    ? ? ? 1_555 D  DC  3  O2  ? ? C DC  1   D DC  3   1_555 ? ? ? ? ? ? 'DC-DC MISPAIR' ?     ? ? 
hydrog18 hydrog ? ? C  DC  1  N4    ? ? ? 1_555 D  DC  4  O2  ? ? C DC  1   D DC  4   1_555 ? ? ? ? ? ? 'DC-DC MISPAIR' ?     ? ? 
hydrog19 hydrog ? ? C  DA  2  N6    ? ? ? 1_555 D  DC  3  O2  ? ? C DA  2   D DC  3   1_555 ? ? ? ? ? ? 'DA-DC MISPAIR' ?     ? ? 
hydrog20 hydrog ? ? C  DC  3  O2    ? ? ? 1_555 D  DC  1  N4  ? ? C DC  3   D DC  1   1_555 ? ? ? ? ? ? 'DC-DC MISPAIR' ?     ? ? 
hydrog21 hydrog ? ? C  DC  4  N4    ? ? ? 1_555 C  DG  9  O6  ? ? C DC  4   C DG  9   1_555 ? ? ? ? ? ? 'DC-DG PAIR'    ?     ? ? 
hydrog22 hydrog ? ? C  DC  4  O2    ? ? ? 1_555 D  DC  1  N4  ? ? C DC  4   D DC  1   1_555 ? ? ? ? ? ? 'DC-DC MISPAIR' ?     ? ? 
hydrog23 hydrog ? ? C  DC  4  O2    ? ? ? 1_555 D  DG  9  N2  ? ? C DC  4   D DG  9   1_555 ? ? ? ? ? ? 'DC-DG PAIR'    ?     ? ? 
hydrog24 hydrog ? ? C  DT  5  O2    ? ? ? 1_555 D  DG  7  N2  ? ? C DT  5   D DG  7   1_555 ? ? ? ? ? ? 'DT-DG MISPAIR' ?     ? ? 
hydrog25 hydrog ? ? C  DG  7  N1    ? ? ? 1_555 D  DT  5  O2  ? ? C DG  7   D DT  5   1_555 ? ? ? ? ? ? 'DG-DT MISPAIR' ?     ? ? 
hydrog26 hydrog ? ? C  DG  9  N1    ? ? ? 1_555 D  DC  4  O2  ? ? C DG  9   D DC  4   1_555 ? ? ? ? ? ? 'DG-DC PAIR'    ?     ? ? 
hydrog27 hydrog ? ? D  DC  1  O2    ? ? ? 1_555 D  DC  3  N4  ? ? D DC  1   D DC  3   1_555 ? ? ? ? ? ? 'DC-DC MISPAIR' ?     ? ? 
hydrog28 hydrog ? ? D  DC  4  N4    ? ? ? 1_555 D  DG  9  O6  ? ? D DC  4   D DG  9   1_555 ? ? ? ? ? ? 'DC-DG PAIR'    ?     ? ? 
hydrog29 hydrog ? ? D  DC  8  O2    ? ? ? 1_555 D  DA  10 N6  ? ? D DC  8   D DA  10  1_555 ? ? ? ? ? ? 'DC-DA MISPAIR' ?     ? ? 
# 
loop_
_struct_conn_type.id 
_struct_conn_type.criteria 
_struct_conn_type.reference 
metalc ? ? 
hydrog ? ? 
# 
loop_
_pdbx_struct_conn_angle.id 
_pdbx_struct_conn_angle.ptnr1_label_atom_id 
_pdbx_struct_conn_angle.ptnr1_label_alt_id 
_pdbx_struct_conn_angle.ptnr1_label_asym_id 
_pdbx_struct_conn_angle.ptnr1_label_comp_id 
_pdbx_struct_conn_angle.ptnr1_label_seq_id 
_pdbx_struct_conn_angle.ptnr1_auth_atom_id 
_pdbx_struct_conn_angle.ptnr1_auth_asym_id 
_pdbx_struct_conn_angle.ptnr1_auth_comp_id 
_pdbx_struct_conn_angle.ptnr1_auth_seq_id 
_pdbx_struct_conn_angle.ptnr1_PDB_ins_code 
_pdbx_struct_conn_angle.ptnr1_symmetry 
_pdbx_struct_conn_angle.ptnr2_label_atom_id 
_pdbx_struct_conn_angle.ptnr2_label_alt_id 
_pdbx_struct_conn_angle.ptnr2_label_asym_id 
_pdbx_struct_conn_angle.ptnr2_label_comp_id 
_pdbx_struct_conn_angle.ptnr2_label_seq_id 
_pdbx_struct_conn_angle.ptnr2_auth_atom_id 
_pdbx_struct_conn_angle.ptnr2_auth_asym_id 
_pdbx_struct_conn_angle.ptnr2_auth_comp_id 
_pdbx_struct_conn_angle.ptnr2_auth_seq_id 
_pdbx_struct_conn_angle.ptnr2_PDB_ins_code 
_pdbx_struct_conn_angle.ptnr2_symmetry 
_pdbx_struct_conn_angle.ptnr3_label_atom_id 
_pdbx_struct_conn_angle.ptnr3_label_alt_id 
_pdbx_struct_conn_angle.ptnr3_label_asym_id 
_pdbx_struct_conn_angle.ptnr3_label_comp_id 
_pdbx_struct_conn_angle.ptnr3_label_seq_id 
_pdbx_struct_conn_angle.ptnr3_auth_atom_id 
_pdbx_struct_conn_angle.ptnr3_auth_asym_id 
_pdbx_struct_conn_angle.ptnr3_auth_comp_id 
_pdbx_struct_conn_angle.ptnr3_auth_seq_id 
_pdbx_struct_conn_angle.ptnr3_PDB_ins_code 
_pdbx_struct_conn_angle.ptnr3_symmetry 
_pdbx_struct_conn_angle.value 
_pdbx_struct_conn_angle.value_esd 
1  O2    ? A  DC  1  ? A DC  1   ? 1_555 AG ? E  AG . ? A AG 101 ? 1_555 N3    ? A  DC  3  ? A DC  3   ? 1_555 94.4  ? 
2  N3    ? A  DC  1  ? A DC  1   ? 1_555 AG ? I  AG . ? A AG 105 ? 1_555 O2    ? B  DC  4  ? B DC  4   ? 1_555 96.9  ? 
3  N1    ? A  DA  2  ? A DA  2   ? 1_555 AG ? N  AG . ? A AG 110 ? 1_555 O2    ? B  DC  1  ? B DC  1   ? 1_555 91.9  ? 
4  N1    ? A  DA  2  ? A DA  2   ? 1_555 AG ? N  AG . ? A AG 110 ? 1_555 N3    ? B  DC  3  ? B DC  3   ? 1_555 108.0 ? 
5  O2    ? B  DC  1  ? B DC  1   ? 1_555 AG ? N  AG . ? A AG 110 ? 1_555 N3    ? B  DC  3  ? B DC  3   ? 1_555 87.7  ? 
6  O2    ? A  DC  3  ? A DC  3   ? 1_555 AG ? O  AG . ? A AG 111 ? 1_555 O2    ? A  DC  4  ? A DC  4   ? 1_555 76.9  ? 
7  O2    ? A  DC  3  ? A DC  3   ? 1_555 AG ? O  AG . ? A AG 111 ? 1_555 N3    ? B  DC  1  ? B DC  1   ? 1_555 82.0  ? 
8  O2    ? A  DC  4  ? A DC  4   ? 1_555 AG ? O  AG . ? A AG 111 ? 1_555 N3    ? B  DC  1  ? B DC  1   ? 1_555 98.5  ? 
9  OP1   ? A  DC  3  ? A DC  3   ? 1_555 CA ? X  CA . ? B CA 107 ? 1_655 OP1   ? A  DC  8  ? A DC  8   ? 1_555 64.0  ? 
10 OP1   ? A  DC  3  ? A DC  3   ? 1_555 CA ? X  CA . ? B CA 107 ? 1_655 O     ? SA HOH .  ? A HOH 215 ? 1_455 20.0  ? 
11 OP1   ? A  DC  8  ? A DC  8   ? 1_555 CA ? X  CA . ? B CA 107 ? 1_655 O     ? SA HOH .  ? A HOH 215 ? 1_455 72.0  ? 
12 OP1   ? A  DC  3  ? A DC  3   ? 1_555 CA ? X  CA . ? B CA 107 ? 1_655 O     ? SA HOH .  ? A HOH 217 ? 2_755 22.9  ? 
13 OP1   ? A  DC  8  ? A DC  8   ? 1_555 CA ? X  CA . ? B CA 107 ? 1_655 O     ? SA HOH .  ? A HOH 217 ? 2_755 79.3  ? 
14 O     ? SA HOH .  ? A HOH 215 ? 1_455 CA ? X  CA . ? B CA 107 ? 1_655 O     ? SA HOH .  ? A HOH 217 ? 2_755 7.6   ? 
15 OP1   ? A  DC  3  ? A DC  3   ? 1_555 CA ? X  CA . ? B CA 107 ? 1_655 OP1   ? B  DC  3  ? B DC  3   ? 1_555 19.7  ? 
16 OP1   ? A  DC  8  ? A DC  8   ? 1_555 CA ? X  CA . ? B CA 107 ? 1_655 OP1   ? B  DC  3  ? B DC  3   ? 1_555 76.1  ? 
17 O     ? SA HOH .  ? A HOH 215 ? 1_455 CA ? X  CA . ? B CA 107 ? 1_655 OP1   ? B  DC  3  ? B DC  3   ? 1_555 5.2   ? 
18 O     ? SA HOH .  ? A HOH 217 ? 2_755 CA ? X  CA . ? B CA 107 ? 1_655 OP1   ? B  DC  3  ? B DC  3   ? 1_555 3.5   ? 
19 OP1   ? A  DC  3  ? A DC  3   ? 1_555 CA ? X  CA . ? B CA 107 ? 1_655 O     ? TA HOH .  ? B HOH 205 ? 1_555 13.3  ? 
20 OP1   ? A  DC  8  ? A DC  8   ? 1_555 CA ? X  CA . ? B CA 107 ? 1_655 O     ? TA HOH .  ? B HOH 205 ? 1_555 69.6  ? 
21 O     ? SA HOH .  ? A HOH 215 ? 1_455 CA ? X  CA . ? B CA 107 ? 1_655 O     ? TA HOH .  ? B HOH 205 ? 1_555 6.8   ? 
22 O     ? SA HOH .  ? A HOH 217 ? 2_755 CA ? X  CA . ? B CA 107 ? 1_655 O     ? TA HOH .  ? B HOH 205 ? 1_555 10.8  ? 
23 OP1   ? B  DC  3  ? B DC  3   ? 1_555 CA ? X  CA . ? B CA 107 ? 1_655 O     ? TA HOH .  ? B HOH 205 ? 1_555 7.3   ? 
24 N3    ? A  DC  4  ? A DC  4   ? 1_555 AG ? F  AG . ? A AG 102 ? 1_555 O6    ? A  DG  9  ? A DG  9   ? 1_555 91.1  ? 
25 O2    ? A  DC  4  ? A DC  4   ? 1_555 AG ? P  AG . ? A AG 112 ? 1_555 N1    ? B  DG  9  ? B DG  9   ? 1_555 84.3  ? 
26 OP1   ? A  DA  6  ? A DA  6   ? 1_555 AG ? H  AG . ? A AG 104 ? 1_555 N7    ? A  DG  7  ? A DG  7   ? 1_555 92.0  ? 
27 N7    ? A  DA  6  ? A DA  6   ? 1_555 AG ? L  AG . ? A AG 108 ? 1_555 O6    ? A  DG  7  ? A DG  7   ? 1_555 94.5  ? 
28 N7    ? A  DA  6  ? A DA  6   ? 1_555 AG ? L  AG . ? A AG 108 ? 1_555 OP2   ? B  DA  6  ? B DA  6   ? 1_555 88.8  ? 
29 O6    ? A  DG  7  ? A DG  7   ? 1_555 AG ? L  AG . ? A AG 108 ? 1_555 OP2   ? B  DA  6  ? B DA  6   ? 1_555 102.5 ? 
30 OP2   ? A  DA  6  ? A DA  6   ? 1_555 AG ? Q  AG . ? A AG 113 ? 1_555 N7    ? B  DA  6  ? B DA  6   ? 1_555 87.7  ? 
31 OP2   ? A  DA  6  ? A DA  6   ? 1_555 AG ? Q  AG . ? A AG 113 ? 1_555 O6    ? B  DG  7  ? B DG  7   ? 1_555 96.0  ? 
32 N7    ? B  DA  6  ? B DA  6   ? 1_555 AG ? Q  AG . ? A AG 113 ? 1_555 O6    ? B  DG  7  ? B DG  7   ? 1_555 105.5 ? 
33 N1    ? A  DG  9  ? A DG  9   ? 1_555 AG ? J  AG . ? A AG 106 ? 1_555 O2    ? B  DC  4  ? B DC  4   ? 1_555 85.2  ? 
34 N7    ? A  DA  10 ? A DA  10  ? 1_555 AG ? QA AG . ? D AG 106 ? 2_755 "O4'" ? D  DA  10 ? D DA  10  ? 1_555 29.7  ? 
35 N7    ? A  DA  10 ? A DA  10  ? 1_555 AG ? QA AG . ? D AG 106 ? 2_755 N3    ? D  DA  10 ? D DA  10  ? 1_555 30.2  ? 
36 "O4'" ? D  DA  10 ? D DA  10  ? 1_555 AG ? QA AG . ? D AG 106 ? 2_755 N3    ? D  DA  10 ? D DA  10  ? 1_555 4.7   ? 
37 N3    ? B  DC  4  ? B DC  4   ? 1_555 AG ? R  AG . ? B AG 101 ? 1_555 O6    ? B  DG  9  ? B DG  9   ? 1_555 88.7  ? 
38 OP1   ? B  DA  6  ? B DA  6   ? 1_555 AG ? T  AG . ? B AG 103 ? 1_555 N7    ? B  DG  7  ? B DG  7   ? 1_555 99.2  ? 
39 O6    ? B  DG  7  ? B DG  7   ? 1_555 AG ? U  AG . ? B AG 104 ? 1_555 O2    ? B  DC  8  ? B DC  8   ? 1_555 78.6  ? 
40 "O4'" ? B  DA  10 ? B DA  10  ? 1_555 AG ? W  AG . ? B AG 106 ? 1_555 N3    ? B  DA  10 ? B DA  10  ? 1_555 74.4  ? 
41 "O4'" ? B  DA  10 ? B DA  10  ? 1_555 AG ? W  AG . ? B AG 106 ? 1_555 N7    ? C  DA  10 ? C DA  10  ? 1_555 106.9 ? 
42 N3    ? B  DA  10 ? B DA  10  ? 1_555 AG ? W  AG . ? B AG 106 ? 1_555 N7    ? C  DA  10 ? C DA  10  ? 1_555 136.9 ? 
43 O2    ? C  DC  1  ? C DC  1   ? 1_555 AG ? Y  AG . ? C AG 101 ? 1_555 N3    ? C  DC  3  ? C DC  3   ? 1_555 95.5  ? 
44 N3    ? C  DC  1  ? C DC  1   ? 1_555 AG ? CA AG . ? C AG 105 ? 1_555 O2    ? D  DC  4  ? D DC  4   ? 1_555 100.5 ? 
45 N1    ? C  DA  2  ? C DA  2   ? 1_555 AG ? HA AG . ? C AG 110 ? 1_555 O2    ? D  DC  1  ? D DC  1   ? 1_555 87.3  ? 
46 N1    ? C  DA  2  ? C DA  2   ? 1_555 AG ? HA AG . ? C AG 110 ? 1_555 N3    ? D  DC  3  ? D DC  3   ? 1_555 105.9 ? 
47 O2    ? D  DC  1  ? D DC  1   ? 1_555 AG ? HA AG . ? C AG 110 ? 1_555 N3    ? D  DC  3  ? D DC  3   ? 1_555 88.9  ? 
48 O2    ? C  DC  3  ? C DC  3   ? 1_555 AG ? IA AG . ? C AG 111 ? 1_555 O2    ? C  DC  4  ? C DC  4   ? 1_555 81.4  ? 
49 O2    ? C  DC  3  ? C DC  3   ? 1_555 AG ? IA AG . ? C AG 111 ? 1_555 N3    ? D  DC  1  ? D DC  1   ? 1_555 78.7  ? 
50 O2    ? C  DC  4  ? C DC  4   ? 1_555 AG ? IA AG . ? C AG 111 ? 1_555 N3    ? D  DC  1  ? D DC  1   ? 1_555 102.4 ? 
51 N3    ? C  DC  4  ? C DC  4   ? 1_555 AG ? Z  AG . ? C AG 102 ? 1_555 O6    ? C  DG  9  ? C DG  9   ? 1_555 89.3  ? 
52 O2    ? C  DC  4  ? C DC  4   ? 1_555 AG ? JA AG . ? C AG 112 ? 1_555 N1    ? D  DG  9  ? D DG  9   ? 1_555 87.5  ? 
53 OP1   ? C  DA  6  ? C DA  6   ? 1_555 AG ? BA AG . ? C AG 104 ? 1_555 N7    ? C  DG  7  ? C DG  7   ? 1_555 93.9  ? 
54 N7    ? C  DA  6  ? C DA  6   ? 1_555 AG ? FA AG . ? C AG 108 ? 1_555 O6    ? C  DG  7  ? C DG  7   ? 1_555 92.5  ? 
55 N7    ? C  DA  6  ? C DA  6   ? 1_555 AG ? FA AG . ? C AG 108 ? 1_555 OP2   ? D  DA  6  ? D DA  6   ? 1_555 91.1  ? 
56 O6    ? C  DG  7  ? C DG  7   ? 1_555 AG ? FA AG . ? C AG 108 ? 1_555 OP2   ? D  DA  6  ? D DA  6   ? 1_555 103.1 ? 
57 OP2   ? C  DA  6  ? C DA  6   ? 1_555 AG ? KA AG . ? C AG 113 ? 1_555 N7    ? D  DA  6  ? D DA  6   ? 1_555 89.3  ? 
58 OP2   ? C  DA  6  ? C DA  6   ? 1_555 AG ? KA AG . ? C AG 113 ? 1_555 O6    ? D  DG  7  ? D DG  7   ? 1_555 97.4  ? 
59 N7    ? D  DA  6  ? D DA  6   ? 1_555 AG ? KA AG . ? C AG 113 ? 1_555 O6    ? D  DG  7  ? D DG  7   ? 1_555 100.8 ? 
60 OP1   ? C  DC  8  ? C DC  8   ? 1_555 CA ? RA CA . ? D CA 107 ? 1_655 OP1   ? D  DC  3  ? D DC  3   ? 1_555 36.7  ? 
61 OP1   ? C  DC  8  ? C DC  8   ? 1_555 CA ? RA CA . ? D CA 107 ? 1_655 OP1   ? D  DG  7  ? D DG  7   ? 1_555 59.5  ? 
62 OP1   ? D  DC  3  ? D DC  3   ? 1_555 CA ? RA CA . ? D CA 107 ? 1_655 OP1   ? D  DG  7  ? D DG  7   ? 1_555 37.8  ? 
63 OP1   ? C  DC  8  ? C DC  8   ? 1_555 CA ? RA CA . ? D CA 107 ? 1_655 O     ? VA HOH .  ? D HOH 204 ? 2_756 66.4  ? 
64 OP1   ? D  DC  3  ? D DC  3   ? 1_555 CA ? RA CA . ? D CA 107 ? 1_655 O     ? VA HOH .  ? D HOH 204 ? 2_756 47.8  ? 
65 OP1   ? D  DG  7  ? D DG  7   ? 1_555 CA ? RA CA . ? D CA 107 ? 1_655 O     ? VA HOH .  ? D HOH 204 ? 2_756 10.1  ? 
66 N1    ? C  DG  9  ? C DG  9   ? 1_555 AG ? DA AG . ? C AG 106 ? 1_555 O2    ? D  DC  4  ? D DC  4   ? 1_555 88.7  ? 
67 N3    ? D  DC  4  ? D DC  4   ? 1_555 AG ? LA AG . ? D AG 101 ? 1_555 O6    ? D  DG  9  ? D DG  9   ? 1_555 86.3  ? 
68 OP1   ? D  DA  6  ? D DA  6   ? 1_555 AG ? NA AG . ? D AG 103 ? 1_555 N7    ? D  DG  7  ? D DG  7   ? 1_555 98.3  ? 
69 O6    ? D  DG  7  ? D DG  7   ? 1_555 AG ? OA AG . ? D AG 104 ? 1_555 O2    ? D  DC  8  ? D DC  8   ? 1_555 78.2  ? 
# 
loop_
_struct_site.id 
_struct_site.pdbx_evidence_code 
_struct_site.pdbx_auth_asym_id 
_struct_site.pdbx_auth_comp_id 
_struct_site.pdbx_auth_seq_id 
_struct_site.pdbx_auth_ins_code 
_struct_site.pdbx_num_residues 
_struct_site.details 
AC1 Software A AG 101 ? 9  'binding site for residue AG A 101' 
AC2 Software A AG 102 ? 9  'binding site for residue AG A 102' 
AC3 Software A AG 103 ? 10 'binding site for residue AG A 103' 
AC4 Software A AG 104 ? 8  'binding site for residue AG A 104' 
AC5 Software A AG 105 ? 9  'binding site for residue AG A 105' 
AC6 Software A AG 106 ? 10 'binding site for residue AG A 106' 
AC7 Software A AG 107 ? 10 'binding site for residue AG A 107' 
AC8 Software A AG 108 ? 7  'binding site for residue AG A 108' 
AC9 Software A AG 109 ? 8  'binding site for residue AG A 109' 
AD1 Software A AG 110 ? 7  'binding site for residue AG A 110' 
AD2 Software A AG 111 ? 9  'binding site for residue AG A 111' 
AD3 Software A AG 112 ? 10 'binding site for residue AG A 112' 
AD4 Software A AG 113 ? 7  'binding site for residue AG A 113' 
AD5 Software B AG 101 ? 10 'binding site for residue AG B 101' 
AD6 Software B AG 102 ? 10 'binding site for residue AG B 102' 
AD7 Software B AG 103 ? 8  'binding site for residue AG B 103' 
AD8 Software B AG 104 ? 10 'binding site for residue AG B 104' 
AD9 Software B AG 105 ? 8  'binding site for residue AG B 105' 
AE1 Software B AG 106 ? 3  'binding site for residue AG B 106' 
AE2 Software B CA 107 ? 4  'binding site for residue CA B 107' 
AE3 Software C AG 101 ? 9  'binding site for residue AG C 101' 
AE4 Software C AG 102 ? 9  'binding site for residue AG C 102' 
AE5 Software C AG 103 ? 10 'binding site for residue AG C 103' 
AE6 Software C AG 104 ? 8  'binding site for residue AG C 104' 
AE7 Software C AG 105 ? 9  'binding site for residue AG C 105' 
AE8 Software C AG 106 ? 10 'binding site for residue AG C 106' 
AE9 Software C AG 107 ? 10 'binding site for residue AG C 107' 
AF1 Software C AG 108 ? 7  'binding site for residue AG C 108' 
AF2 Software C AG 109 ? 7  'binding site for residue AG C 109' 
AF3 Software C AG 110 ? 7  'binding site for residue AG C 110' 
AF4 Software C AG 111 ? 9  'binding site for residue AG C 111' 
AF5 Software C AG 112 ? 10 'binding site for residue AG C 112' 
AF6 Software C AG 113 ? 7  'binding site for residue AG C 113' 
AF7 Software D AG 101 ? 10 'binding site for residue AG D 101' 
AF8 Software D AG 102 ? 10 'binding site for residue AG D 102' 
AF9 Software D AG 103 ? 9  'binding site for residue AG D 103' 
AG1 Software D AG 104 ? 10 'binding site for residue AG D 104' 
AG2 Software D AG 105 ? 9  'binding site for residue AG D 105' 
AG3 Software D AG 106 ? 4  'binding site for residue AG D 106' 
AG4 Software D CA 107 ? 2  'binding site for residue CA D 107' 
# 
loop_
_struct_site_gen.id 
_struct_site_gen.site_id 
_struct_site_gen.pdbx_num_res 
_struct_site_gen.label_comp_id 
_struct_site_gen.label_asym_id 
_struct_site_gen.label_seq_id 
_struct_site_gen.pdbx_auth_ins_code 
_struct_site_gen.auth_comp_id 
_struct_site_gen.auth_asym_id 
_struct_site_gen.auth_seq_id 
_struct_site_gen.label_atom_id 
_struct_site_gen.label_alt_id 
_struct_site_gen.symmetry 
_struct_site_gen.details 
1   AC1 9  DC  A  1  ? DC  A 1   . ? 1_555 ? 
2   AC1 9  DA  A  2  ? DA  A 2   . ? 1_555 ? 
3   AC1 9  DC  A  3  ? DC  A 3   . ? 1_555 ? 
4   AC1 9  DC  A  4  ? DC  A 4   . ? 1_555 ? 
5   AC1 9  DG  A  9  ? DG  A 9   . ? 1_555 ? 
6   AC1 9  AG  F  .  ? AG  A 102 . ? 1_555 ? 
7   AC1 9  AG  I  .  ? AG  A 105 . ? 1_555 ? 
8   AC1 9  AG  N  .  ? AG  A 110 . ? 1_555 ? 
9   AC1 9  AG  O  .  ? AG  A 111 . ? 1_555 ? 
10  AC2 9  DC  A  4  ? DC  A 4   . ? 1_555 ? 
11  AC2 9  DG  A  9  ? DG  A 9   . ? 1_555 ? 
12  AC2 9  AG  E  .  ? AG  A 101 . ? 1_555 ? 
13  AC2 9  AG  G  .  ? AG  A 103 . ? 1_555 ? 
14  AC2 9  AG  I  .  ? AG  A 105 . ? 1_555 ? 
15  AC2 9  AG  J  .  ? AG  A 106 . ? 1_555 ? 
16  AC2 9  AG  O  .  ? AG  A 111 . ? 1_555 ? 
17  AC2 9  AG  P  .  ? AG  A 112 . ? 1_555 ? 
18  AC2 9  AG  R  .  ? AG  B 101 . ? 1_555 ? 
19  AC3 10 DC  A  4  ? DC  A 4   . ? 1_555 ? 
20  AC3 10 DC  A  8  ? DC  A 8   . ? 1_555 ? 
21  AC3 10 AG  F  .  ? AG  A 102 . ? 1_555 ? 
22  AC3 10 AG  H  .  ? AG  A 104 . ? 1_555 ? 
23  AC3 10 AG  J  .  ? AG  A 106 . ? 1_555 ? 
24  AC3 10 AG  K  .  ? AG  A 107 . ? 1_555 ? 
25  AC3 10 AG  M  .  ? AG  A 109 . ? 1_555 ? 
26  AC3 10 AG  P  .  ? AG  A 112 . ? 1_555 ? 
27  AC3 10 AG  S  .  ? AG  B 102 . ? 1_555 ? 
28  AC3 10 AG  U  .  ? AG  B 104 . ? 1_555 ? 
29  AC4 8  DA  A  6  ? DA  A 6   . ? 1_555 ? 
30  AC4 8  DG  A  7  ? DG  A 7   . ? 1_555 ? 
31  AC4 8  DC  A  8  ? DC  A 8   . ? 1_555 ? 
32  AC4 8  AG  G  .  ? AG  A 103 . ? 1_555 ? 
33  AC4 8  AG  K  .  ? AG  A 107 . ? 1_555 ? 
34  AC4 8  AG  L  .  ? AG  A 108 . ? 1_555 ? 
35  AC4 8  AG  Q  .  ? AG  A 113 . ? 1_555 ? 
36  AC4 8  AG  U  .  ? AG  B 104 . ? 1_555 ? 
37  AC5 9  DC  A  1  ? DC  A 1   . ? 1_555 ? 
38  AC5 9  DG  A  9  ? DG  A 9   . ? 1_555 ? 
39  AC5 9  AG  E  .  ? AG  A 101 . ? 1_555 ? 
40  AC5 9  AG  F  .  ? AG  A 102 . ? 1_555 ? 
41  AC5 9  AG  J  .  ? AG  A 106 . ? 1_555 ? 
42  AC5 9  AG  N  .  ? AG  A 110 . ? 1_555 ? 
43  AC5 9  DC  B  3  ? DC  B 3   . ? 1_555 ? 
44  AC5 9  DC  B  4  ? DC  B 4   . ? 1_555 ? 
45  AC5 9  AG  R  .  ? AG  B 101 . ? 1_555 ? 
46  AC6 10 DC  A  8  ? DC  A 8   . ? 1_555 ? 
47  AC6 10 DG  A  9  ? DG  A 9   . ? 1_555 ? 
48  AC6 10 AG  F  .  ? AG  A 102 . ? 1_555 ? 
49  AC6 10 AG  G  .  ? AG  A 103 . ? 1_555 ? 
50  AC6 10 AG  I  .  ? AG  A 105 . ? 1_555 ? 
51  AC6 10 AG  K  .  ? AG  A 107 . ? 1_555 ? 
52  AC6 10 DC  B  4  ? DC  B 4   . ? 1_555 ? 
53  AC6 10 AG  R  .  ? AG  B 101 . ? 1_555 ? 
54  AC6 10 AG  S  .  ? AG  B 102 . ? 1_555 ? 
55  AC6 10 AG  V  .  ? AG  B 105 . ? 1_555 ? 
56  AC7 10 DG  A  7  ? DG  A 7   . ? 1_555 ? 
57  AC7 10 DC  A  8  ? DC  A 8   . ? 1_555 ? 
58  AC7 10 AG  G  .  ? AG  A 103 . ? 1_555 ? 
59  AC7 10 AG  H  .  ? AG  A 104 . ? 1_555 ? 
60  AC7 10 AG  J  .  ? AG  A 106 . ? 1_555 ? 
61  AC7 10 AG  L  .  ? AG  A 108 . ? 1_555 ? 
62  AC7 10 AG  S  .  ? AG  B 102 . ? 1_555 ? 
63  AC7 10 AG  T  .  ? AG  B 103 . ? 1_555 ? 
64  AC7 10 AG  U  .  ? AG  B 104 . ? 1_555 ? 
65  AC7 10 AG  V  .  ? AG  B 105 . ? 1_555 ? 
66  AC8 7  DA  A  6  ? DA  A 6   . ? 1_555 ? 
67  AC8 7  DG  A  7  ? DG  A 7   . ? 1_555 ? 
68  AC8 7  AG  H  .  ? AG  A 104 . ? 1_555 ? 
69  AC8 7  AG  K  .  ? AG  A 107 . ? 1_555 ? 
70  AC8 7  AG  Q  .  ? AG  A 113 . ? 1_555 ? 
71  AC8 7  DA  B  6  ? DA  B 6   . ? 1_555 ? 
72  AC8 7  AG  T  .  ? AG  B 103 . ? 1_555 ? 
73  AC9 8  DC  A  4  ? DC  A 4   . ? 1_555 ? 
74  AC9 8  DT  A  5  ? DT  A 5   . ? 1_555 ? 
75  AC9 8  DC  A  8  ? DC  A 8   . ? 1_555 ? 
76  AC9 8  AG  G  .  ? AG  A 103 . ? 1_555 ? 
77  AC9 8  AG  P  .  ? AG  A 112 . ? 1_555 ? 
78  AC9 8  DG  B  9  ? DG  B 9   . ? 1_555 ? 
79  AC9 8  DA  B  10 ? DA  B 10  . ? 1_555 ? 
80  AC9 8  AG  U  .  ? AG  B 104 . ? 1_555 ? 
81  AD1 7  DA  A  2  ? DA  A 2   . ? 1_555 ? 
82  AD1 7  AG  E  .  ? AG  A 101 . ? 1_555 ? 
83  AD1 7  AG  I  .  ? AG  A 105 . ? 1_555 ? 
84  AD1 7  AG  O  .  ? AG  A 111 . ? 1_555 ? 
85  AD1 7  DC  B  1  ? DC  B 1   . ? 1_555 ? 
86  AD1 7  DC  B  3  ? DC  B 3   . ? 1_555 ? 
87  AD1 7  AG  R  .  ? AG  B 101 . ? 1_555 ? 
88  AD2 9  DC  A  3  ? DC  A 3   . ? 1_555 ? 
89  AD2 9  DC  A  4  ? DC  A 4   . ? 1_555 ? 
90  AD2 9  AG  E  .  ? AG  A 101 . ? 1_555 ? 
91  AD2 9  AG  F  .  ? AG  A 102 . ? 1_555 ? 
92  AD2 9  AG  N  .  ? AG  A 110 . ? 1_555 ? 
93  AD2 9  AG  P  .  ? AG  A 112 . ? 1_555 ? 
94  AD2 9  DC  B  1  ? DC  B 1   . ? 1_555 ? 
95  AD2 9  DG  B  9  ? DG  B 9   . ? 1_555 ? 
96  AD2 9  AG  R  .  ? AG  B 101 . ? 1_555 ? 
97  AD3 10 DC  A  4  ? DC  A 4   . ? 1_555 ? 
98  AD3 10 AG  F  .  ? AG  A 102 . ? 1_555 ? 
99  AD3 10 AG  G  .  ? AG  A 103 . ? 1_555 ? 
100 AD3 10 AG  M  .  ? AG  A 109 . ? 1_555 ? 
101 AD3 10 AG  O  .  ? AG  A 111 . ? 1_555 ? 
102 AD3 10 DC  B  8  ? DC  B 8   . ? 1_555 ? 
103 AD3 10 DG  B  9  ? DG  B 9   . ? 1_555 ? 
104 AD3 10 AG  R  .  ? AG  B 101 . ? 1_555 ? 
105 AD3 10 AG  S  .  ? AG  B 102 . ? 1_555 ? 
106 AD3 10 AG  U  .  ? AG  B 104 . ? 1_555 ? 
107 AD4 7  DA  A  6  ? DA  A 6   . ? 1_555 ? 
108 AD4 7  AG  H  .  ? AG  A 104 . ? 1_555 ? 
109 AD4 7  AG  L  .  ? AG  A 108 . ? 1_555 ? 
110 AD4 7  DA  B  6  ? DA  B 6   . ? 1_555 ? 
111 AD4 7  DG  B  7  ? DG  B 7   . ? 1_555 ? 
112 AD4 7  AG  T  .  ? AG  B 103 . ? 1_555 ? 
113 AD4 7  AG  U  .  ? AG  B 104 . ? 1_555 ? 
114 AD5 10 AG  F  .  ? AG  A 102 . ? 1_555 ? 
115 AD5 10 AG  I  .  ? AG  A 105 . ? 1_555 ? 
116 AD5 10 AG  J  .  ? AG  A 106 . ? 1_555 ? 
117 AD5 10 AG  N  .  ? AG  A 110 . ? 1_555 ? 
118 AD5 10 AG  O  .  ? AG  A 111 . ? 1_555 ? 
119 AD5 10 AG  P  .  ? AG  A 112 . ? 1_555 ? 
120 AD5 10 DC  B  3  ? DC  B 3   . ? 1_555 ? 
121 AD5 10 DC  B  4  ? DC  B 4   . ? 1_555 ? 
122 AD5 10 DG  B  9  ? DG  B 9   . ? 1_555 ? 
123 AD5 10 AG  S  .  ? AG  B 102 . ? 1_555 ? 
124 AD6 10 AG  G  .  ? AG  A 103 . ? 1_555 ? 
125 AD6 10 AG  J  .  ? AG  A 106 . ? 1_555 ? 
126 AD6 10 AG  K  .  ? AG  A 107 . ? 1_555 ? 
127 AD6 10 AG  P  .  ? AG  A 112 . ? 1_555 ? 
128 AD6 10 DC  B  4  ? DC  B 4   . ? 1_555 ? 
129 AD6 10 DC  B  8  ? DC  B 8   . ? 1_555 ? 
130 AD6 10 AG  R  .  ? AG  B 101 . ? 1_555 ? 
131 AD6 10 AG  T  .  ? AG  B 103 . ? 1_555 ? 
132 AD6 10 AG  U  .  ? AG  B 104 . ? 1_555 ? 
133 AD6 10 AG  V  .  ? AG  B 105 . ? 1_555 ? 
134 AD7 8  AG  K  .  ? AG  A 107 . ? 1_555 ? 
135 AD7 8  AG  L  .  ? AG  A 108 . ? 1_555 ? 
136 AD7 8  AG  Q  .  ? AG  A 113 . ? 1_555 ? 
137 AD7 8  DA  B  6  ? DA  B 6   . ? 1_555 ? 
138 AD7 8  DG  B  7  ? DG  B 7   . ? 1_555 ? 
139 AD7 8  DC  B  8  ? DC  B 8   . ? 1_555 ? 
140 AD7 8  AG  S  .  ? AG  B 102 . ? 1_555 ? 
141 AD7 8  AG  U  .  ? AG  B 104 . ? 1_555 ? 
142 AD8 10 AG  G  .  ? AG  A 103 . ? 1_555 ? 
143 AD8 10 AG  H  .  ? AG  A 104 . ? 1_555 ? 
144 AD8 10 AG  K  .  ? AG  A 107 . ? 1_555 ? 
145 AD8 10 AG  M  .  ? AG  A 109 . ? 1_555 ? 
146 AD8 10 AG  P  .  ? AG  A 112 . ? 1_555 ? 
147 AD8 10 AG  Q  .  ? AG  A 113 . ? 1_555 ? 
148 AD8 10 DG  B  7  ? DG  B 7   . ? 1_555 ? 
149 AD8 10 DC  B  8  ? DC  B 8   . ? 1_555 ? 
150 AD8 10 AG  S  .  ? AG  B 102 . ? 1_555 ? 
151 AD8 10 AG  T  .  ? AG  B 103 . ? 1_555 ? 
152 AD9 8  DG  A  9  ? DG  A 9   . ? 1_555 ? 
153 AD9 8  AG  J  .  ? AG  A 106 . ? 1_555 ? 
154 AD9 8  AG  K  .  ? AG  A 107 . ? 1_555 ? 
155 AD9 8  DC  B  4  ? DC  B 4   . ? 1_555 ? 
156 AD9 8  DT  B  5  ? DT  B 5   . ? 1_555 ? 
157 AD9 8  DA  B  6  ? DA  B 6   . ? 1_555 ? 
158 AD9 8  DC  B  8  ? DC  B 8   . ? 1_555 ? 
159 AD9 8  AG  S  .  ? AG  B 102 . ? 1_555 ? 
160 AE1 3  DT  A  5  ? DT  A 5   . ? 1_555 ? 
161 AE1 3  DA  B  10 ? DA  B 10  . ? 1_555 ? 
162 AE1 3  HOH VA .  ? HOH D 201 . ? 1_555 ? 
163 AE2 4  DC  A  3  ? DC  A 3   . ? 1_455 ? 
164 AE2 4  HOH SA .  ? HOH A 215 . ? 1_455 ? 
165 AE2 4  DC  B  3  ? DC  B 3   . ? 1_555 ? 
166 AE2 4  HOH TA .  ? HOH B 205 . ? 1_555 ? 
167 AE3 9  DC  C  1  ? DC  C 1   . ? 1_555 ? 
168 AE3 9  DA  C  2  ? DA  C 2   . ? 1_555 ? 
169 AE3 9  DC  C  3  ? DC  C 3   . ? 1_555 ? 
170 AE3 9  DC  C  4  ? DC  C 4   . ? 1_555 ? 
171 AE3 9  DG  C  9  ? DG  C 9   . ? 1_555 ? 
172 AE3 9  AG  Z  .  ? AG  C 102 . ? 1_555 ? 
173 AE3 9  AG  CA .  ? AG  C 105 . ? 1_555 ? 
174 AE3 9  AG  HA .  ? AG  C 110 . ? 1_555 ? 
175 AE3 9  AG  IA .  ? AG  C 111 . ? 1_555 ? 
176 AE4 9  DC  C  4  ? DC  C 4   . ? 1_555 ? 
177 AE4 9  DG  C  9  ? DG  C 9   . ? 1_555 ? 
178 AE4 9  AG  Y  .  ? AG  C 101 . ? 1_555 ? 
179 AE4 9  AG  AA .  ? AG  C 103 . ? 1_555 ? 
180 AE4 9  AG  CA .  ? AG  C 105 . ? 1_555 ? 
181 AE4 9  AG  DA .  ? AG  C 106 . ? 1_555 ? 
182 AE4 9  AG  IA .  ? AG  C 111 . ? 1_555 ? 
183 AE4 9  AG  JA .  ? AG  C 112 . ? 1_555 ? 
184 AE4 9  AG  LA .  ? AG  D 101 . ? 1_555 ? 
185 AE5 10 DC  C  4  ? DC  C 4   . ? 1_555 ? 
186 AE5 10 DC  C  8  ? DC  C 8   . ? 1_555 ? 
187 AE5 10 AG  Z  .  ? AG  C 102 . ? 1_555 ? 
188 AE5 10 AG  BA .  ? AG  C 104 . ? 1_555 ? 
189 AE5 10 AG  DA .  ? AG  C 106 . ? 1_555 ? 
190 AE5 10 AG  EA .  ? AG  C 107 . ? 1_555 ? 
191 AE5 10 AG  GA .  ? AG  C 109 . ? 1_555 ? 
192 AE5 10 AG  JA .  ? AG  C 112 . ? 1_555 ? 
193 AE5 10 AG  MA .  ? AG  D 102 . ? 1_555 ? 
194 AE5 10 AG  OA .  ? AG  D 104 . ? 1_555 ? 
195 AE6 8  DA  C  6  ? DA  C 6   . ? 1_555 ? 
196 AE6 8  DG  C  7  ? DG  C 7   . ? 1_555 ? 
197 AE6 8  DC  C  8  ? DC  C 8   . ? 1_555 ? 
198 AE6 8  AG  AA .  ? AG  C 103 . ? 1_555 ? 
199 AE6 8  AG  EA .  ? AG  C 107 . ? 1_555 ? 
200 AE6 8  AG  FA .  ? AG  C 108 . ? 1_555 ? 
201 AE6 8  AG  KA .  ? AG  C 113 . ? 1_555 ? 
202 AE6 8  AG  OA .  ? AG  D 104 . ? 1_555 ? 
203 AE7 9  DC  C  1  ? DC  C 1   . ? 1_555 ? 
204 AE7 9  DG  C  9  ? DG  C 9   . ? 1_555 ? 
205 AE7 9  AG  Y  .  ? AG  C 101 . ? 1_555 ? 
206 AE7 9  AG  Z  .  ? AG  C 102 . ? 1_555 ? 
207 AE7 9  AG  DA .  ? AG  C 106 . ? 1_555 ? 
208 AE7 9  AG  HA .  ? AG  C 110 . ? 1_555 ? 
209 AE7 9  DC  D  3  ? DC  D 3   . ? 1_555 ? 
210 AE7 9  DC  D  4  ? DC  D 4   . ? 1_555 ? 
211 AE7 9  AG  LA .  ? AG  D 101 . ? 1_555 ? 
212 AE8 10 DC  C  8  ? DC  C 8   . ? 1_555 ? 
213 AE8 10 DG  C  9  ? DG  C 9   . ? 1_555 ? 
214 AE8 10 AG  Z  .  ? AG  C 102 . ? 1_555 ? 
215 AE8 10 AG  AA .  ? AG  C 103 . ? 1_555 ? 
216 AE8 10 AG  CA .  ? AG  C 105 . ? 1_555 ? 
217 AE8 10 AG  EA .  ? AG  C 107 . ? 1_555 ? 
218 AE8 10 DC  D  4  ? DC  D 4   . ? 1_555 ? 
219 AE8 10 AG  LA .  ? AG  D 101 . ? 1_555 ? 
220 AE8 10 AG  MA .  ? AG  D 102 . ? 1_555 ? 
221 AE8 10 AG  PA .  ? AG  D 105 . ? 1_555 ? 
222 AE9 10 DG  C  7  ? DG  C 7   . ? 1_555 ? 
223 AE9 10 DC  C  8  ? DC  C 8   . ? 1_555 ? 
224 AE9 10 AG  AA .  ? AG  C 103 . ? 1_555 ? 
225 AE9 10 AG  BA .  ? AG  C 104 . ? 1_555 ? 
226 AE9 10 AG  DA .  ? AG  C 106 . ? 1_555 ? 
227 AE9 10 AG  FA .  ? AG  C 108 . ? 1_555 ? 
228 AE9 10 AG  MA .  ? AG  D 102 . ? 1_555 ? 
229 AE9 10 AG  NA .  ? AG  D 103 . ? 1_555 ? 
230 AE9 10 AG  OA .  ? AG  D 104 . ? 1_555 ? 
231 AE9 10 AG  PA .  ? AG  D 105 . ? 1_555 ? 
232 AF1 7  DA  C  6  ? DA  C 6   . ? 1_555 ? 
233 AF1 7  DG  C  7  ? DG  C 7   . ? 1_555 ? 
234 AF1 7  AG  BA .  ? AG  C 104 . ? 1_555 ? 
235 AF1 7  AG  EA .  ? AG  C 107 . ? 1_555 ? 
236 AF1 7  AG  KA .  ? AG  C 113 . ? 1_555 ? 
237 AF1 7  DA  D  6  ? DA  D 6   . ? 1_555 ? 
238 AF1 7  AG  NA .  ? AG  D 103 . ? 1_555 ? 
239 AF2 7  DC  C  4  ? DC  C 4   . ? 1_555 ? 
240 AF2 7  DC  C  8  ? DC  C 8   . ? 1_555 ? 
241 AF2 7  AG  AA .  ? AG  C 103 . ? 1_555 ? 
242 AF2 7  AG  JA .  ? AG  C 112 . ? 1_555 ? 
243 AF2 7  DG  D  9  ? DG  D 9   . ? 1_555 ? 
244 AF2 7  DA  D  10 ? DA  D 10  . ? 1_555 ? 
245 AF2 7  AG  OA .  ? AG  D 104 . ? 1_555 ? 
246 AF3 7  DA  C  2  ? DA  C 2   . ? 1_555 ? 
247 AF3 7  AG  Y  .  ? AG  C 101 . ? 1_555 ? 
248 AF3 7  AG  CA .  ? AG  C 105 . ? 1_555 ? 
249 AF3 7  AG  IA .  ? AG  C 111 . ? 1_555 ? 
250 AF3 7  DC  D  1  ? DC  D 1   . ? 1_555 ? 
251 AF3 7  DC  D  3  ? DC  D 3   . ? 1_555 ? 
252 AF3 7  AG  LA .  ? AG  D 101 . ? 1_555 ? 
253 AF4 9  DC  C  3  ? DC  C 3   . ? 1_555 ? 
254 AF4 9  DC  C  4  ? DC  C 4   . ? 1_555 ? 
255 AF4 9  AG  Y  .  ? AG  C 101 . ? 1_555 ? 
256 AF4 9  AG  Z  .  ? AG  C 102 . ? 1_555 ? 
257 AF4 9  AG  HA .  ? AG  C 110 . ? 1_555 ? 
258 AF4 9  AG  JA .  ? AG  C 112 . ? 1_555 ? 
259 AF4 9  DC  D  1  ? DC  D 1   . ? 1_555 ? 
260 AF4 9  DG  D  9  ? DG  D 9   . ? 1_555 ? 
261 AF4 9  AG  LA .  ? AG  D 101 . ? 1_555 ? 
262 AF5 10 DC  C  4  ? DC  C 4   . ? 1_555 ? 
263 AF5 10 AG  Z  .  ? AG  C 102 . ? 1_555 ? 
264 AF5 10 AG  AA .  ? AG  C 103 . ? 1_555 ? 
265 AF5 10 AG  GA .  ? AG  C 109 . ? 1_555 ? 
266 AF5 10 AG  IA .  ? AG  C 111 . ? 1_555 ? 
267 AF5 10 DC  D  8  ? DC  D 8   . ? 1_555 ? 
268 AF5 10 DG  D  9  ? DG  D 9   . ? 1_555 ? 
269 AF5 10 AG  LA .  ? AG  D 101 . ? 1_555 ? 
270 AF5 10 AG  MA .  ? AG  D 102 . ? 1_555 ? 
271 AF5 10 AG  OA .  ? AG  D 104 . ? 1_555 ? 
272 AF6 7  DA  C  6  ? DA  C 6   . ? 1_555 ? 
273 AF6 7  AG  BA .  ? AG  C 104 . ? 1_555 ? 
274 AF6 7  AG  FA .  ? AG  C 108 . ? 1_555 ? 
275 AF6 7  DA  D  6  ? DA  D 6   . ? 1_555 ? 
276 AF6 7  DG  D  7  ? DG  D 7   . ? 1_555 ? 
277 AF6 7  AG  NA .  ? AG  D 103 . ? 1_555 ? 
278 AF6 7  AG  OA .  ? AG  D 104 . ? 1_555 ? 
279 AF7 10 AG  Z  .  ? AG  C 102 . ? 1_555 ? 
280 AF7 10 AG  CA .  ? AG  C 105 . ? 1_555 ? 
281 AF7 10 AG  DA .  ? AG  C 106 . ? 1_555 ? 
282 AF7 10 AG  HA .  ? AG  C 110 . ? 1_555 ? 
283 AF7 10 AG  IA .  ? AG  C 111 . ? 1_555 ? 
284 AF7 10 AG  JA .  ? AG  C 112 . ? 1_555 ? 
285 AF7 10 DC  D  3  ? DC  D 3   . ? 1_555 ? 
286 AF7 10 DC  D  4  ? DC  D 4   . ? 1_555 ? 
287 AF7 10 DG  D  9  ? DG  D 9   . ? 1_555 ? 
288 AF7 10 AG  MA .  ? AG  D 102 . ? 1_555 ? 
289 AF8 10 AG  AA .  ? AG  C 103 . ? 1_555 ? 
290 AF8 10 AG  DA .  ? AG  C 106 . ? 1_555 ? 
291 AF8 10 AG  EA .  ? AG  C 107 . ? 1_555 ? 
292 AF8 10 AG  JA .  ? AG  C 112 . ? 1_555 ? 
293 AF8 10 DC  D  4  ? DC  D 4   . ? 1_555 ? 
294 AF8 10 DC  D  8  ? DC  D 8   . ? 1_555 ? 
295 AF8 10 AG  LA .  ? AG  D 101 . ? 1_555 ? 
296 AF8 10 AG  NA .  ? AG  D 103 . ? 1_555 ? 
297 AF8 10 AG  OA .  ? AG  D 104 . ? 1_555 ? 
298 AF8 10 AG  PA .  ? AG  D 105 . ? 1_555 ? 
299 AF9 9  AG  EA .  ? AG  C 107 . ? 1_555 ? 
300 AF9 9  AG  FA .  ? AG  C 108 . ? 1_555 ? 
301 AF9 9  AG  KA .  ? AG  C 113 . ? 1_555 ? 
302 AF9 9  DA  D  6  ? DA  D 6   . ? 1_555 ? 
303 AF9 9  DG  D  7  ? DG  D 7   . ? 1_555 ? 
304 AF9 9  DC  D  8  ? DC  D 8   . ? 1_555 ? 
305 AF9 9  AG  MA .  ? AG  D 102 . ? 1_555 ? 
306 AF9 9  AG  OA .  ? AG  D 104 . ? 1_555 ? 
307 AF9 9  AG  PA .  ? AG  D 105 . ? 1_555 ? 
308 AG1 10 AG  AA .  ? AG  C 103 . ? 1_555 ? 
309 AG1 10 AG  BA .  ? AG  C 104 . ? 1_555 ? 
310 AG1 10 AG  EA .  ? AG  C 107 . ? 1_555 ? 
311 AG1 10 AG  GA .  ? AG  C 109 . ? 1_555 ? 
312 AG1 10 AG  JA .  ? AG  C 112 . ? 1_555 ? 
313 AG1 10 AG  KA .  ? AG  C 113 . ? 1_555 ? 
314 AG1 10 DG  D  7  ? DG  D 7   . ? 1_555 ? 
315 AG1 10 DC  D  8  ? DC  D 8   . ? 1_555 ? 
316 AG1 10 AG  MA .  ? AG  D 102 . ? 1_555 ? 
317 AG1 10 AG  NA .  ? AG  D 103 . ? 1_555 ? 
318 AG2 9  DG  C  9  ? DG  C 9   . ? 1_555 ? 
319 AG2 9  AG  DA .  ? AG  C 106 . ? 1_555 ? 
320 AG2 9  AG  EA .  ? AG  C 107 . ? 1_555 ? 
321 AG2 9  DC  D  4  ? DC  D 4   . ? 1_555 ? 
322 AG2 9  DT  D  5  ? DT  D 5   . ? 1_555 ? 
323 AG2 9  DA  D  6  ? DA  D 6   . ? 1_555 ? 
324 AG2 9  DC  D  8  ? DC  D 8   . ? 1_555 ? 
325 AG2 9  AG  MA .  ? AG  D 102 . ? 1_555 ? 
326 AG2 9  AG  NA .  ? AG  D 103 . ? 1_555 ? 
327 AG3 4  DA  B  6  ? DA  B 6   . ? 1_555 ? 
328 AG3 4  HOH TA .  ? HOH B 201 . ? 1_555 ? 
329 AG3 4  DT  C  5  ? DT  C 5   . ? 1_555 ? 
330 AG3 4  DA  D  10 ? DA  D 10  . ? 1_555 ? 
331 AG4 2  DC  C  8  ? DC  C 8   . ? 1_455 ? 
332 AG4 2  DG  D  7  ? DG  D 7   . ? 1_555 ? 
# 
_pdbx_validate_rmsd_bond.id                        1 
_pdbx_validate_rmsd_bond.PDB_model_num             1 
_pdbx_validate_rmsd_bond.auth_atom_id_1            "O3'" 
_pdbx_validate_rmsd_bond.auth_asym_id_1            B 
_pdbx_validate_rmsd_bond.auth_comp_id_1            DC 
_pdbx_validate_rmsd_bond.auth_seq_id_1             3 
_pdbx_validate_rmsd_bond.PDB_ins_code_1            ? 
_pdbx_validate_rmsd_bond.label_alt_id_1            ? 
_pdbx_validate_rmsd_bond.auth_atom_id_2            "C3'" 
_pdbx_validate_rmsd_bond.auth_asym_id_2            B 
_pdbx_validate_rmsd_bond.auth_comp_id_2            DC 
_pdbx_validate_rmsd_bond.auth_seq_id_2             3 
_pdbx_validate_rmsd_bond.PDB_ins_code_2            ? 
_pdbx_validate_rmsd_bond.label_alt_id_2            ? 
_pdbx_validate_rmsd_bond.bond_value                1.373 
_pdbx_validate_rmsd_bond.bond_target_value         1.419 
_pdbx_validate_rmsd_bond.bond_deviation            -0.046 
_pdbx_validate_rmsd_bond.bond_standard_deviation   0.006 
_pdbx_validate_rmsd_bond.linker_flag               N 
# 
loop_
_pdbx_validate_rmsd_angle.id 
_pdbx_validate_rmsd_angle.PDB_model_num 
_pdbx_validate_rmsd_angle.auth_atom_id_1 
_pdbx_validate_rmsd_angle.auth_asym_id_1 
_pdbx_validate_rmsd_angle.auth_comp_id_1 
_pdbx_validate_rmsd_angle.auth_seq_id_1 
_pdbx_validate_rmsd_angle.PDB_ins_code_1 
_pdbx_validate_rmsd_angle.label_alt_id_1 
_pdbx_validate_rmsd_angle.auth_atom_id_2 
_pdbx_validate_rmsd_angle.auth_asym_id_2 
_pdbx_validate_rmsd_angle.auth_comp_id_2 
_pdbx_validate_rmsd_angle.auth_seq_id_2 
_pdbx_validate_rmsd_angle.PDB_ins_code_2 
_pdbx_validate_rmsd_angle.label_alt_id_2 
_pdbx_validate_rmsd_angle.auth_atom_id_3 
_pdbx_validate_rmsd_angle.auth_asym_id_3 
_pdbx_validate_rmsd_angle.auth_comp_id_3 
_pdbx_validate_rmsd_angle.auth_seq_id_3 
_pdbx_validate_rmsd_angle.PDB_ins_code_3 
_pdbx_validate_rmsd_angle.label_alt_id_3 
_pdbx_validate_rmsd_angle.angle_value 
_pdbx_validate_rmsd_angle.angle_target_value 
_pdbx_validate_rmsd_angle.angle_deviation 
_pdbx_validate_rmsd_angle.angle_standard_deviation 
_pdbx_validate_rmsd_angle.linker_flag 
1 1 "O4'" B DC 4 ? ? "C1'" B DC 4 ? ? N1 B DC 4 ? ? 110.72 108.30 2.42 0.30 N 
2 1 "O4'" C DC 4 ? ? "C1'" C DC 4 ? ? N1 C DC 4 ? ? 110.27 108.30 1.97 0.30 N 
3 1 "O4'" D DC 4 ? ? "C1'" D DC 4 ? ? N1 D DC 4 ? ? 110.48 108.30 2.18 0.30 N 
# 
_pdbx_entry_details.compound_details         ? 
_pdbx_entry_details.entry_id                 6JR4 
_pdbx_entry_details.nonpolymer_details       
;Ag Atom: A101-A113, B101-B105, C101-C113, and D101-D105,
Ag Ion: B106 and D106
;
_pdbx_entry_details.sequence_details         ? 
_pdbx_entry_details.source_details           ? 
_pdbx_entry_details.has_ligand_of_interest   ? 
# 
loop_
_chem_comp_atom.comp_id 
_chem_comp_atom.atom_id 
_chem_comp_atom.type_symbol 
_chem_comp_atom.pdbx_aromatic_flag 
_chem_comp_atom.pdbx_stereo_config 
_chem_comp_atom.pdbx_ordinal 
AG  AG     AG N N 1   
CA  CA     CA N N 2   
DA  OP3    O  N N 3   
DA  P      P  N N 4   
DA  OP1    O  N N 5   
DA  OP2    O  N N 6   
DA  "O5'"  O  N N 7   
DA  "C5'"  C  N N 8   
DA  "C4'"  C  N R 9   
DA  "O4'"  O  N N 10  
DA  "C3'"  C  N S 11  
DA  "O3'"  O  N N 12  
DA  "C2'"  C  N N 13  
DA  "C1'"  C  N R 14  
DA  N9     N  Y N 15  
DA  C8     C  Y N 16  
DA  N7     N  Y N 17  
DA  C5     C  Y N 18  
DA  C6     C  Y N 19  
DA  N6     N  N N 20  
DA  N1     N  Y N 21  
DA  C2     C  Y N 22  
DA  N3     N  Y N 23  
DA  C4     C  Y N 24  
DA  HOP3   H  N N 25  
DA  HOP2   H  N N 26  
DA  "H5'"  H  N N 27  
DA  "H5''" H  N N 28  
DA  "H4'"  H  N N 29  
DA  "H3'"  H  N N 30  
DA  "HO3'" H  N N 31  
DA  "H2'"  H  N N 32  
DA  "H2''" H  N N 33  
DA  "H1'"  H  N N 34  
DA  H8     H  N N 35  
DA  H61    H  N N 36  
DA  H62    H  N N 37  
DA  H2     H  N N 38  
DC  OP3    O  N N 39  
DC  P      P  N N 40  
DC  OP1    O  N N 41  
DC  OP2    O  N N 42  
DC  "O5'"  O  N N 43  
DC  "C5'"  C  N N 44  
DC  "C4'"  C  N R 45  
DC  "O4'"  O  N N 46  
DC  "C3'"  C  N S 47  
DC  "O3'"  O  N N 48  
DC  "C2'"  C  N N 49  
DC  "C1'"  C  N R 50  
DC  N1     N  N N 51  
DC  C2     C  N N 52  
DC  O2     O  N N 53  
DC  N3     N  N N 54  
DC  C4     C  N N 55  
DC  N4     N  N N 56  
DC  C5     C  N N 57  
DC  C6     C  N N 58  
DC  HOP3   H  N N 59  
DC  HOP2   H  N N 60  
DC  "H5'"  H  N N 61  
DC  "H5''" H  N N 62  
DC  "H4'"  H  N N 63  
DC  "H3'"  H  N N 64  
DC  "HO3'" H  N N 65  
DC  "H2'"  H  N N 66  
DC  "H2''" H  N N 67  
DC  "H1'"  H  N N 68  
DC  H41    H  N N 69  
DC  H42    H  N N 70  
DC  H5     H  N N 71  
DC  H6     H  N N 72  
DG  OP3    O  N N 73  
DG  P      P  N N 74  
DG  OP1    O  N N 75  
DG  OP2    O  N N 76  
DG  "O5'"  O  N N 77  
DG  "C5'"  C  N N 78  
DG  "C4'"  C  N R 79  
DG  "O4'"  O  N N 80  
DG  "C3'"  C  N S 81  
DG  "O3'"  O  N N 82  
DG  "C2'"  C  N N 83  
DG  "C1'"  C  N R 84  
DG  N9     N  Y N 85  
DG  C8     C  Y N 86  
DG  N7     N  Y N 87  
DG  C5     C  Y N 88  
DG  C6     C  N N 89  
DG  O6     O  N N 90  
DG  N1     N  N N 91  
DG  C2     C  N N 92  
DG  N2     N  N N 93  
DG  N3     N  N N 94  
DG  C4     C  Y N 95  
DG  HOP3   H  N N 96  
DG  HOP2   H  N N 97  
DG  "H5'"  H  N N 98  
DG  "H5''" H  N N 99  
DG  "H4'"  H  N N 100 
DG  "H3'"  H  N N 101 
DG  "HO3'" H  N N 102 
DG  "H2'"  H  N N 103 
DG  "H2''" H  N N 104 
DG  "H1'"  H  N N 105 
DG  H8     H  N N 106 
DG  H1     H  N N 107 
DG  H21    H  N N 108 
DG  H22    H  N N 109 
DT  OP3    O  N N 110 
DT  P      P  N N 111 
DT  OP1    O  N N 112 
DT  OP2    O  N N 113 
DT  "O5'"  O  N N 114 
DT  "C5'"  C  N N 115 
DT  "C4'"  C  N R 116 
DT  "O4'"  O  N N 117 
DT  "C3'"  C  N S 118 
DT  "O3'"  O  N N 119 
DT  "C2'"  C  N N 120 
DT  "C1'"  C  N R 121 
DT  N1     N  N N 122 
DT  C2     C  N N 123 
DT  O2     O  N N 124 
DT  N3     N  N N 125 
DT  C4     C  N N 126 
DT  O4     O  N N 127 
DT  C5     C  N N 128 
DT  C7     C  N N 129 
DT  C6     C  N N 130 
DT  HOP3   H  N N 131 
DT  HOP2   H  N N 132 
DT  "H5'"  H  N N 133 
DT  "H5''" H  N N 134 
DT  "H4'"  H  N N 135 
DT  "H3'"  H  N N 136 
DT  "HO3'" H  N N 137 
DT  "H2'"  H  N N 138 
DT  "H2''" H  N N 139 
DT  "H1'"  H  N N 140 
DT  H3     H  N N 141 
DT  H71    H  N N 142 
DT  H72    H  N N 143 
DT  H73    H  N N 144 
DT  H6     H  N N 145 
HOH O      O  N N 146 
HOH H1     H  N N 147 
HOH H2     H  N N 148 
# 
loop_
_chem_comp_bond.comp_id 
_chem_comp_bond.atom_id_1 
_chem_comp_bond.atom_id_2 
_chem_comp_bond.value_order 
_chem_comp_bond.pdbx_aromatic_flag 
_chem_comp_bond.pdbx_stereo_config 
_chem_comp_bond.pdbx_ordinal 
DA  OP3   P      sing N N 1   
DA  OP3   HOP3   sing N N 2   
DA  P     OP1    doub N N 3   
DA  P     OP2    sing N N 4   
DA  P     "O5'"  sing N N 5   
DA  OP2   HOP2   sing N N 6   
DA  "O5'" "C5'"  sing N N 7   
DA  "C5'" "C4'"  sing N N 8   
DA  "C5'" "H5'"  sing N N 9   
DA  "C5'" "H5''" sing N N 10  
DA  "C4'" "O4'"  sing N N 11  
DA  "C4'" "C3'"  sing N N 12  
DA  "C4'" "H4'"  sing N N 13  
DA  "O4'" "C1'"  sing N N 14  
DA  "C3'" "O3'"  sing N N 15  
DA  "C3'" "C2'"  sing N N 16  
DA  "C3'" "H3'"  sing N N 17  
DA  "O3'" "HO3'" sing N N 18  
DA  "C2'" "C1'"  sing N N 19  
DA  "C2'" "H2'"  sing N N 20  
DA  "C2'" "H2''" sing N N 21  
DA  "C1'" N9     sing N N 22  
DA  "C1'" "H1'"  sing N N 23  
DA  N9    C8     sing Y N 24  
DA  N9    C4     sing Y N 25  
DA  C8    N7     doub Y N 26  
DA  C8    H8     sing N N 27  
DA  N7    C5     sing Y N 28  
DA  C5    C6     sing Y N 29  
DA  C5    C4     doub Y N 30  
DA  C6    N6     sing N N 31  
DA  C6    N1     doub Y N 32  
DA  N6    H61    sing N N 33  
DA  N6    H62    sing N N 34  
DA  N1    C2     sing Y N 35  
DA  C2    N3     doub Y N 36  
DA  C2    H2     sing N N 37  
DA  N3    C4     sing Y N 38  
DC  OP3   P      sing N N 39  
DC  OP3   HOP3   sing N N 40  
DC  P     OP1    doub N N 41  
DC  P     OP2    sing N N 42  
DC  P     "O5'"  sing N N 43  
DC  OP2   HOP2   sing N N 44  
DC  "O5'" "C5'"  sing N N 45  
DC  "C5'" "C4'"  sing N N 46  
DC  "C5'" "H5'"  sing N N 47  
DC  "C5'" "H5''" sing N N 48  
DC  "C4'" "O4'"  sing N N 49  
DC  "C4'" "C3'"  sing N N 50  
DC  "C4'" "H4'"  sing N N 51  
DC  "O4'" "C1'"  sing N N 52  
DC  "C3'" "O3'"  sing N N 53  
DC  "C3'" "C2'"  sing N N 54  
DC  "C3'" "H3'"  sing N N 55  
DC  "O3'" "HO3'" sing N N 56  
DC  "C2'" "C1'"  sing N N 57  
DC  "C2'" "H2'"  sing N N 58  
DC  "C2'" "H2''" sing N N 59  
DC  "C1'" N1     sing N N 60  
DC  "C1'" "H1'"  sing N N 61  
DC  N1    C2     sing N N 62  
DC  N1    C6     sing N N 63  
DC  C2    O2     doub N N 64  
DC  C2    N3     sing N N 65  
DC  N3    C4     doub N N 66  
DC  C4    N4     sing N N 67  
DC  C4    C5     sing N N 68  
DC  N4    H41    sing N N 69  
DC  N4    H42    sing N N 70  
DC  C5    C6     doub N N 71  
DC  C5    H5     sing N N 72  
DC  C6    H6     sing N N 73  
DG  OP3   P      sing N N 74  
DG  OP3   HOP3   sing N N 75  
DG  P     OP1    doub N N 76  
DG  P     OP2    sing N N 77  
DG  P     "O5'"  sing N N 78  
DG  OP2   HOP2   sing N N 79  
DG  "O5'" "C5'"  sing N N 80  
DG  "C5'" "C4'"  sing N N 81  
DG  "C5'" "H5'"  sing N N 82  
DG  "C5'" "H5''" sing N N 83  
DG  "C4'" "O4'"  sing N N 84  
DG  "C4'" "C3'"  sing N N 85  
DG  "C4'" "H4'"  sing N N 86  
DG  "O4'" "C1'"  sing N N 87  
DG  "C3'" "O3'"  sing N N 88  
DG  "C3'" "C2'"  sing N N 89  
DG  "C3'" "H3'"  sing N N 90  
DG  "O3'" "HO3'" sing N N 91  
DG  "C2'" "C1'"  sing N N 92  
DG  "C2'" "H2'"  sing N N 93  
DG  "C2'" "H2''" sing N N 94  
DG  "C1'" N9     sing N N 95  
DG  "C1'" "H1'"  sing N N 96  
DG  N9    C8     sing Y N 97  
DG  N9    C4     sing Y N 98  
DG  C8    N7     doub Y N 99  
DG  C8    H8     sing N N 100 
DG  N7    C5     sing Y N 101 
DG  C5    C6     sing N N 102 
DG  C5    C4     doub Y N 103 
DG  C6    O6     doub N N 104 
DG  C6    N1     sing N N 105 
DG  N1    C2     sing N N 106 
DG  N1    H1     sing N N 107 
DG  C2    N2     sing N N 108 
DG  C2    N3     doub N N 109 
DG  N2    H21    sing N N 110 
DG  N2    H22    sing N N 111 
DG  N3    C4     sing N N 112 
DT  OP3   P      sing N N 113 
DT  OP3   HOP3   sing N N 114 
DT  P     OP1    doub N N 115 
DT  P     OP2    sing N N 116 
DT  P     "O5'"  sing N N 117 
DT  OP2   HOP2   sing N N 118 
DT  "O5'" "C5'"  sing N N 119 
DT  "C5'" "C4'"  sing N N 120 
DT  "C5'" "H5'"  sing N N 121 
DT  "C5'" "H5''" sing N N 122 
DT  "C4'" "O4'"  sing N N 123 
DT  "C4'" "C3'"  sing N N 124 
DT  "C4'" "H4'"  sing N N 125 
DT  "O4'" "C1'"  sing N N 126 
DT  "C3'" "O3'"  sing N N 127 
DT  "C3'" "C2'"  sing N N 128 
DT  "C3'" "H3'"  sing N N 129 
DT  "O3'" "HO3'" sing N N 130 
DT  "C2'" "C1'"  sing N N 131 
DT  "C2'" "H2'"  sing N N 132 
DT  "C2'" "H2''" sing N N 133 
DT  "C1'" N1     sing N N 134 
DT  "C1'" "H1'"  sing N N 135 
DT  N1    C2     sing N N 136 
DT  N1    C6     sing N N 137 
DT  C2    O2     doub N N 138 
DT  C2    N3     sing N N 139 
DT  N3    C4     sing N N 140 
DT  N3    H3     sing N N 141 
DT  C4    O4     doub N N 142 
DT  C4    C5     sing N N 143 
DT  C5    C7     sing N N 144 
DT  C5    C6     doub N N 145 
DT  C7    H71    sing N N 146 
DT  C7    H72    sing N N 147 
DT  C7    H73    sing N N 148 
DT  C6    H6     sing N N 149 
HOH O     H1     sing N N 150 
HOH O     H2     sing N N 151 
# 
loop_
_ndb_struct_conf_na.entry_id 
_ndb_struct_conf_na.feature 
6JR4 'double helix'        
6JR4 'z-form double helix' 
# 
loop_
_ndb_struct_na_base_pair.model_number 
_ndb_struct_na_base_pair.i_label_asym_id 
_ndb_struct_na_base_pair.i_label_comp_id 
_ndb_struct_na_base_pair.i_label_seq_id 
_ndb_struct_na_base_pair.i_symmetry 
_ndb_struct_na_base_pair.j_label_asym_id 
_ndb_struct_na_base_pair.j_label_comp_id 
_ndb_struct_na_base_pair.j_label_seq_id 
_ndb_struct_na_base_pair.j_symmetry 
_ndb_struct_na_base_pair.shear 
_ndb_struct_na_base_pair.stretch 
_ndb_struct_na_base_pair.stagger 
_ndb_struct_na_base_pair.buckle 
_ndb_struct_na_base_pair.propeller 
_ndb_struct_na_base_pair.opening 
_ndb_struct_na_base_pair.pair_number 
_ndb_struct_na_base_pair.pair_name 
_ndb_struct_na_base_pair.i_auth_asym_id 
_ndb_struct_na_base_pair.i_auth_seq_id 
_ndb_struct_na_base_pair.i_PDB_ins_code 
_ndb_struct_na_base_pair.j_auth_asym_id 
_ndb_struct_na_base_pair.j_auth_seq_id 
_ndb_struct_na_base_pair.j_PDB_ins_code 
_ndb_struct_na_base_pair.hbond_type_28 
_ndb_struct_na_base_pair.hbond_type_12 
1 A DT 5  1_555 D DA 6  1_555 1.197  1.487  -0.750 8.514   -38.052 64.104  1  A_DT5:DA6_D  A 5  ? D 6  ? ? ? 
1 B DA 6  1_555 C DT 5  1_555 -1.186 1.516  -0.638 -5.596  -37.926 63.290  2  B_DA6:DT5_C  B 6  ? C 5  ? ? ? 
1 A DG 7  1_555 B DT 5  1_555 -0.416 5.301  0.318  22.533  16.125  117.079 3  A_DG7:DT5_B  A 7  ? B 5  ? ? 2 
1 B DC 1  1_555 A DC 4  1_555 -1.250 2.895  -0.469 -27.289 -14.363 87.478  4  B_DC1:DC4_A  B 1  ? A 4  ? ? ? 
1 A DC 1  1_555 B DC 4  1_555 -1.425 3.295  0.289  -21.710 -33.361 85.066  5  A_DC1:DC4_B  A 1  ? B 4  ? ? ? 
1 A DA 2  1_555 B DC 3  1_555 -1.002 2.223  -1.323 -11.478 -30.784 124.073 6  A_DA2:DC3_B  A 2  ? B 3  ? ? ? 
1 B DC 8  1_555 B DA 10 1_555 6.868  -0.462 1.062  21.976  -14.826 76.067  7  B_DC8:DA10_B B 8  ? B 10 ? ? ? 
1 C DG 7  1_555 D DT 5  1_555 -0.322 5.271  0.343  19.239  16.759  118.180 8  C_DG7:DT5_D  C 7  ? D 5  ? ? 2 
1 D DC 1  1_555 D DC 3  1_555 1.460  -3.001 0.408  -33.430 11.606  -84.717 9  D_DC1:DC3_D  D 1  ? D 3  ? ? ? 
1 C DC 1  1_555 D DC 4  1_555 -1.511 3.288  0.043  -19.852 -34.651 84.111  10 C_DC1:DC4_D  C 1  ? D 4  ? ? ? 
1 C DC 4  1_555 C DG 9  1_555 1.598  1.704  -0.904 10.155  -41.048 -95.511 11 C_DC4:DG9_C  C 4  ? C 9  ? ? ? 
1 D DA 10 1_555 D DC 8  1_555 -6.952 -0.662 1.169  -25.791 -15.227 75.836  12 D_DA10:DC8_D D 10 ? D 8  ? ? ? 
# 
loop_
_ndb_struct_na_base_pair_step.model_number 
_ndb_struct_na_base_pair_step.i_label_asym_id_1 
_ndb_struct_na_base_pair_step.i_label_comp_id_1 
_ndb_struct_na_base_pair_step.i_label_seq_id_1 
_ndb_struct_na_base_pair_step.i_symmetry_1 
_ndb_struct_na_base_pair_step.j_label_asym_id_1 
_ndb_struct_na_base_pair_step.j_label_comp_id_1 
_ndb_struct_na_base_pair_step.j_label_seq_id_1 
_ndb_struct_na_base_pair_step.j_symmetry_1 
_ndb_struct_na_base_pair_step.i_label_asym_id_2 
_ndb_struct_na_base_pair_step.i_label_comp_id_2 
_ndb_struct_na_base_pair_step.i_label_seq_id_2 
_ndb_struct_na_base_pair_step.i_symmetry_2 
_ndb_struct_na_base_pair_step.j_label_asym_id_2 
_ndb_struct_na_base_pair_step.j_label_comp_id_2 
_ndb_struct_na_base_pair_step.j_label_seq_id_2 
_ndb_struct_na_base_pair_step.j_symmetry_2 
_ndb_struct_na_base_pair_step.shift 
_ndb_struct_na_base_pair_step.slide 
_ndb_struct_na_base_pair_step.rise 
_ndb_struct_na_base_pair_step.tilt 
_ndb_struct_na_base_pair_step.roll 
_ndb_struct_na_base_pair_step.twist 
_ndb_struct_na_base_pair_step.x_displacement 
_ndb_struct_na_base_pair_step.y_displacement 
_ndb_struct_na_base_pair_step.helical_rise 
_ndb_struct_na_base_pair_step.inclination 
_ndb_struct_na_base_pair_step.tip 
_ndb_struct_na_base_pair_step.helical_twist 
_ndb_struct_na_base_pair_step.step_number 
_ndb_struct_na_base_pair_step.step_name 
_ndb_struct_na_base_pair_step.i_auth_asym_id_1 
_ndb_struct_na_base_pair_step.i_auth_seq_id_1 
_ndb_struct_na_base_pair_step.i_PDB_ins_code_1 
_ndb_struct_na_base_pair_step.j_auth_asym_id_1 
_ndb_struct_na_base_pair_step.j_auth_seq_id_1 
_ndb_struct_na_base_pair_step.j_PDB_ins_code_1 
_ndb_struct_na_base_pair_step.i_auth_asym_id_2 
_ndb_struct_na_base_pair_step.i_auth_seq_id_2 
_ndb_struct_na_base_pair_step.i_PDB_ins_code_2 
_ndb_struct_na_base_pair_step.j_auth_asym_id_2 
_ndb_struct_na_base_pair_step.j_auth_seq_id_2 
_ndb_struct_na_base_pair_step.j_PDB_ins_code_2 
1 A DT 5 1_555 D DA 6 1_555 B DA 6  1_555 C DT 5 1_555 -0.107 5.420  3.430  1.312   -17.622 -79.080  -3.631 -0.041 4.362  13.683  
1.018   -80.713  1 AB_DT5DA6:DT5DA6_CD  A 5 ? D 6 ? B 6  ? C 5 ? 
1 B DC 1 1_555 A DC 4 1_555 A DC 1  1_555 B DC 4 1_555 1.774  -3.213 0.440  -49.766 -5.189  -177.519 1.607  0.885  0.453  2.595   
-24.888 -177.751 2 BA_DC1DC1:DC4DC4_BA  B 1 ? A 4 ? A 1  ? B 4 ? 
1 A DC 1 1_555 B DC 4 1_555 A DA 2  1_555 B DC 3 1_555 -1.512 -0.912 -2.939 -9.554  10.917  9.342    2.796  10.153 -1.337 43.186  
37.793  17.241   3 AA_DC1DA2:DC3DC4_BB  A 1 ? B 4 ? A 2  ? B 3 ? 
1 D DC 1 1_555 D DC 3 1_555 C DC 1  1_555 D DC 4 1_555 -1.077 2.804  1.198  33.890  -28.515 99.817   1.843  0.785  0.347  -18.035 
-21.434 106.761  4 DC_DC1DC1:DC4DC3_DD  D 1 ? D 3 ? C 1  ? D 4 ? 
1 C DC 1 1_555 D DC 4 1_555 C DC 4  1_555 C DG 9 1_555 -1.311 -2.683 2.012  -11.743 -3.622  -171.526 1.348  -0.665 1.995  1.816   
-5.888  -171.575 5 CC_DC1DC4:DG9DC4_CD  C 1 ? D 4 ? C 4  ? C 9 ? 
1 C DC 4 1_555 C DG 9 1_555 D DA 10 1_555 D DC 8 1_555 -6.206 0.500  2.907  -1.074  -5.459  -94.052  -0.254 -4.254 2.872  3.728   
-0.733  -94.178  6 CD_DC4DA10:DC8DG9_DC C 4 ? C 9 ? D 10 ? D 8 ? 
# 
_pdbx_audit_support.funding_organization   'Ministry of Education, Culture, Sports, Science and Technology (Japan)' 
_pdbx_audit_support.country                Japan 
_pdbx_audit_support.grant_number           17H03033 
_pdbx_audit_support.ordinal                1 
# 
_pdbx_entity_instance_feature.ordinal        1 
_pdbx_entity_instance_feature.comp_id        AG 
_pdbx_entity_instance_feature.asym_id        ? 
_pdbx_entity_instance_feature.seq_num        ? 
_pdbx_entity_instance_feature.auth_comp_id   AG 
_pdbx_entity_instance_feature.auth_asym_id   ? 
_pdbx_entity_instance_feature.auth_seq_num   ? 
_pdbx_entity_instance_feature.feature_type   'SUBJECT OF INVESTIGATION' 
_pdbx_entity_instance_feature.details        ? 
# 
_atom_sites.entry_id                    6JR4 
_atom_sites.fract_transf_matrix[1][1]   0.00310324 
_atom_sites.fract_transf_matrix[1][2]   -0.02517967 
_atom_sites.fract_transf_matrix[1][3]   0.03301658 
_atom_sites.fract_transf_matrix[2][1]   -0.02942729 
_atom_sites.fract_transf_matrix[2][2]   -0.00245441 
_atom_sites.fract_transf_matrix[2][3]   0.00089406 
_atom_sites.fract_transf_matrix[3][1]   0.00098193 
_atom_sites.fract_transf_matrix[3][2]   -0.01486586 
_atom_sites.fract_transf_matrix[3][3]   -0.00849093 
_atom_sites.fract_transf_vector[1]      1.265058 
_atom_sites.fract_transf_vector[2]      0.599468 
_atom_sites.fract_transf_vector[3]      0.244810 
# 
loop_
_atom_type.symbol 
AG 
C  
CA 
N  
O  
P  
# 
loop_
_atom_site.group_PDB 
_atom_site.id 
_atom_site.type_symbol 
_atom_site.label_atom_id 
_atom_site.label_alt_id 
_atom_site.label_comp_id 
_atom_site.label_asym_id 
_atom_site.label_entity_id 
_atom_site.label_seq_id 
_atom_site.pdbx_PDB_ins_code 
_atom_site.Cartn_x 
_atom_site.Cartn_y 
_atom_site.Cartn_z 
_atom_site.occupancy 
_atom_site.B_iso_or_equiv 
_atom_site.pdbx_formal_charge 
_atom_site.auth_seq_id 
_atom_site.auth_comp_id 
_atom_site.auth_asym_id 
_atom_site.auth_atom_id 
_atom_site.pdbx_PDB_model_num 
ATOM   1   O  "O5'" . DC  A  1 1  ? -9.730  17.586  8.268   1.00 23.30 ? 1   DC  A "O5'" 1 
ATOM   2   C  "C5'" . DC  A  1 1  ? -11.053 17.406  8.763   1.00 23.32 ? 1   DC  A "C5'" 1 
ATOM   3   C  "C4'" . DC  A  1 1  ? -11.449 15.933  8.757   1.00 20.30 ? 1   DC  A "C4'" 1 
ATOM   4   O  "O4'" . DC  A  1 1  ? -11.343 15.389  7.420   1.00 15.23 ? 1   DC  A "O4'" 1 
ATOM   5   C  "C3'" . DC  A  1 1  ? -10.600 15.008  9.618   1.00 19.67 ? 1   DC  A "C3'" 1 
ATOM   6   O  "O3'" . DC  A  1 1  ? -11.392 13.894  9.950   1.00 19.18 ? 1   DC  A "O3'" 1 
ATOM   7   C  "C2'" . DC  A  1 1  ? -9.493  14.601  8.641   1.00 18.35 ? 1   DC  A "C2'" 1 
ATOM   8   C  "C1'" . DC  A  1 1  ? -10.333 14.382  7.387   1.00 17.15 ? 1   DC  A "C1'" 1 
ATOM   9   N  N1    . DC  A  1 1  ? -9.611  14.544  6.116   1.00 16.12 ? 1   DC  A N1    1 
ATOM   10  C  C2    . DC  A  1 1  ? -9.218  13.418  5.375   1.00 12.54 ? 1   DC  A C2    1 
ATOM   11  O  O2    . DC  A  1 1  ? -9.438  12.282  5.826   1.00 11.72 ? 1   DC  A O2    1 
ATOM   12  N  N3    . DC  A  1 1  ? -8.587  13.605  4.187   1.00 10.01 ? 1   DC  A N3    1 
ATOM   13  C  C4    . DC  A  1 1  ? -8.364  14.838  3.737   1.00 11.08 ? 1   DC  A C4    1 
ATOM   14  N  N4    . DC  A  1 1  ? -7.750  14.969  2.564   1.00 12.89 ? 1   DC  A N4    1 
ATOM   15  C  C5    . DC  A  1 1  ? -8.762  15.998  4.473   1.00 13.84 ? 1   DC  A C5    1 
ATOM   16  C  C6    . DC  A  1 1  ? -9.387  15.803  5.640   1.00 14.33 ? 1   DC  A C6    1 
ATOM   17  P  P     . DA  A  1 2  ? -11.395 13.283  11.432  1.00 26.37 ? 2   DA  A P     1 
ATOM   18  O  OP1   . DA  A  1 2  ? -12.474 13.975  12.175  1.00 31.02 ? 2   DA  A OP1   1 
ATOM   19  O  OP2   . DA  A  1 2  ? -10.017 13.297  11.948  1.00 25.25 ? 2   DA  A OP2   1 
ATOM   20  O  "O5'" . DA  A  1 2  ? -11.818 11.752  11.193  1.00 23.76 ? 2   DA  A "O5'" 1 
ATOM   21  C  "C5'" . DA  A  1 2  ? -12.925 11.212  11.892  1.00 25.83 ? 2   DA  A "C5'" 1 
ATOM   22  C  "C4'" . DA  A  1 2  ? -13.423 9.926   11.236  1.00 20.78 ? 2   DA  A "C4'" 1 
ATOM   23  O  "O4'" . DA  A  1 2  ? -14.035 10.235  9.970   1.00 20.42 ? 2   DA  A "O4'" 1 
ATOM   24  C  "C3'" . DA  A  1 2  ? -12.375 8.851   10.967  1.00 18.15 ? 2   DA  A "C3'" 1 
ATOM   25  O  "O3'" . DA  A  1 2  ? -12.906 7.582   11.304  1.00 18.38 ? 2   DA  A "O3'" 1 
ATOM   26  C  "C2'" . DA  A  1 2  ? -12.120 8.951   9.464   1.00 18.24 ? 2   DA  A "C2'" 1 
ATOM   27  C  "C1'" . DA  A  1 2  ? -13.417 9.542   8.920   1.00 16.84 ? 2   DA  A "C1'" 1 
ATOM   28  N  N9    . DA  A  1 2  ? -13.169 10.495  7.846   1.00 14.02 ? 2   DA  A N9    1 
ATOM   29  C  C8    . DA  A  1 2  ? -13.257 11.858  7.906   1.00 15.40 ? 2   DA  A C8    1 
ATOM   30  N  N7    . DA  A  1 2  ? -12.956 12.456  6.771   1.00 14.17 ? 2   DA  A N7    1 
ATOM   31  C  C5    . DA  A  1 2  ? -12.619 11.414  5.929   1.00 13.31 ? 2   DA  A C5    1 
ATOM   32  C  C6    . DA  A  1 2  ? -12.188 11.372  4.586   1.00 14.11 ? 2   DA  A C6    1 
ATOM   33  N  N6    . DA  A  1 2  ? -12.022 12.456  3.836   1.00 11.98 ? 2   DA  A N6    1 
ATOM   34  N  N1    . DA  A  1 2  ? -11.935 10.155  4.048   1.00 13.46 ? 2   DA  A N1    1 
ATOM   35  C  C2    . DA  A  1 2  ? -12.110 9.064   4.802   1.00 14.70 ? 2   DA  A C2    1 
ATOM   36  N  N3    . DA  A  1 2  ? -12.511 8.981   6.070   1.00 13.02 ? 2   DA  A N3    1 
ATOM   37  C  C4    . DA  A  1 2  ? -12.743 10.200  6.581   1.00 13.18 ? 2   DA  A C4    1 
ATOM   38  P  P     . DC  A  1 3  ? -12.044 6.556   12.186  1.00 17.38 ? 3   DC  A P     1 
ATOM   39  O  OP1   . DC  A  1 3  ? -13.007 5.626   12.787  1.00 16.81 ? 3   DC  A OP1   1 
ATOM   40  O  OP2   . DC  A  1 3  ? -11.071 7.334   12.999  1.00 16.21 ? 3   DC  A OP2   1 
ATOM   41  O  "O5'" . DC  A  1 3  ? -11.211 5.747   11.104  1.00 18.09 ? 3   DC  A "O5'" 1 
ATOM   42  C  "C5'" . DC  A  1 3  ? -11.882 4.864   10.232  1.00 21.25 ? 3   DC  A "C5'" 1 
ATOM   43  C  "C4'" . DC  A  1 3  ? -10.919 4.280   9.217   1.00 17.61 ? 3   DC  A "C4'" 1 
ATOM   44  O  "O4'" . DC  A  1 3  ? -10.552 5.292   8.247   1.00 15.52 ? 3   DC  A "O4'" 1 
ATOM   45  C  "C3'" . DC  A  1 3  ? -9.619  3.742   9.789   1.00 22.32 ? 3   DC  A "C3'" 1 
ATOM   46  O  "O3'" . DC  A  1 3  ? -9.240  2.583   9.063   1.00 27.09 ? 3   DC  A "O3'" 1 
ATOM   47  C  "C2'" . DC  A  1 3  ? -8.633  4.900   9.585   1.00 22.25 ? 3   DC  A "C2'" 1 
ATOM   48  C  "C1'" . DC  A  1 3  ? -9.160  5.577   8.317   1.00 19.70 ? 3   DC  A "C1'" 1 
ATOM   49  N  N1    . DC  A  1 3  ? -9.005  7.085   8.313   1.00 17.54 ? 3   DC  A N1    1 
ATOM   50  C  C2    . DC  A  1 3  ? -9.106  7.800   7.103   1.00 15.05 ? 3   DC  A C2    1 
ATOM   51  O  O2    . DC  A  1 3  ? -9.298  7.185   6.056   1.00 15.11 ? 3   DC  A O2    1 
ATOM   52  N  N3    . DC  A  1 3  ? -8.990  9.148   7.123   1.00 12.88 ? 3   DC  A N3    1 
ATOM   53  C  C4    . DC  A  1 3  ? -8.779  9.778   8.272   1.00 17.27 ? 3   DC  A C4    1 
ATOM   54  N  N4    . DC  A  1 3  ? -8.665  11.108  8.241   1.00 15.47 ? 3   DC  A N4    1 
ATOM   55  C  C5    . DC  A  1 3  ? -8.670  9.071   9.516   1.00 15.64 ? 3   DC  A C5    1 
ATOM   56  C  C6    . DC  A  1 3  ? -8.790  7.741   9.482   1.00 18.36 ? 3   DC  A C6    1 
ATOM   57  P  P     . DC  A  1 4  ? -8.048  1.663   9.603   1.00 37.62 ? 4   DC  A P     1 
ATOM   58  O  OP1   . DC  A  1 4  ? -8.524  0.256   9.621   1.00 37.07 ? 4   DC  A OP1   1 
ATOM   59  O  OP2   . DC  A  1 4  ? -7.520  2.276   10.848  1.00 32.09 ? 4   DC  A OP2   1 
ATOM   60  O  "O5'" . DC  A  1 4  ? -6.946  1.803   8.462   1.00 30.74 ? 4   DC  A "O5'" 1 
ATOM   61  C  "C5'" . DC  A  1 4  ? -7.310  1.668   7.077   1.00 30.88 ? 4   DC  A "C5'" 1 
ATOM   62  C  "C4'" . DC  A  1 4  ? -6.269  2.313   6.191   1.00 28.60 ? 4   DC  A "C4'" 1 
ATOM   63  O  "O4'" . DC  A  1 4  ? -6.518  3.700   6.041   1.00 21.86 ? 4   DC  A "O4'" 1 
ATOM   64  C  "C3'" . DC  A  1 4  ? -4.832  2.235   6.705   1.00 23.30 ? 4   DC  A "C3'" 1 
ATOM   65  O  "O3'" . DC  A  1 4  ? -4.233  1.135   6.025   1.00 21.64 ? 4   DC  A "O3'" 1 
ATOM   66  C  "C2'" . DC  A  1 4  ? -4.203  3.542   6.245   1.00 21.86 ? 4   DC  A "C2'" 1 
ATOM   67  C  "C1'" . DC  A  1 4  ? -5.350  4.363   5.661   1.00 22.75 ? 4   DC  A "C1'" 1 
ATOM   68  N  N1    . DC  A  1 4  ? -5.411  5.738   6.163   1.00 18.00 ? 4   DC  A N1    1 
ATOM   69  C  C2    . DC  A  1 4  ? -6.104  6.696   5.418   1.00 15.62 ? 4   DC  A C2    1 
ATOM   70  O  O2    . DC  A  1 4  ? -6.636  6.349   4.344   1.00 13.63 ? 4   DC  A O2    1 
ATOM   71  N  N3    . DC  A  1 4  ? -6.171  7.970   5.881   1.00 14.83 ? 4   DC  A N3    1 
ATOM   72  C  C4    . DC  A  1 4  ? -5.583  8.292   7.040   1.00 15.12 ? 4   DC  A C4    1 
ATOM   73  N  N4    . DC  A  1 4  ? -5.672  9.560   7.468   1.00 14.69 ? 4   DC  A N4    1 
ATOM   74  C  C5    . DC  A  1 4  ? -4.877  7.331   7.818   1.00 16.63 ? 4   DC  A C5    1 
ATOM   75  C  C6    . DC  A  1 4  ? -4.819  6.078   7.348   1.00 23.97 ? 4   DC  A C6    1 
ATOM   76  P  P     . DT  A  1 5  ? -2.680  0.795   6.183   1.00 27.95 ? 5   DT  A P     1 
ATOM   77  O  OP1   . DT  A  1 5  ? -2.486  -0.554  5.604   1.00 28.84 ? 5   DT  A OP1   1 
ATOM   78  O  OP2   . DT  A  1 5  ? -2.246  1.088   7.564   1.00 27.92 ? 5   DT  A OP2   1 
ATOM   79  O  "O5'" . DT  A  1 5  ? -1.958  1.838   5.217   1.00 22.64 ? 5   DT  A "O5'" 1 
ATOM   80  C  "C5'" . DT  A  1 5  ? -0.582  2.123   5.398   1.00 19.79 ? 5   DT  A "C5'" 1 
ATOM   81  C  "C4'" . DT  A  1 5  ? 0.078   2.509   4.088   1.00 18.03 ? 5   DT  A "C4'" 1 
ATOM   82  O  "O4'" . DT  A  1 5  ? 0.005   1.407   3.140   1.00 13.99 ? 5   DT  A "O4'" 1 
ATOM   83  C  "C3'" . DT  A  1 5  ? -0.530  3.708   3.357   1.00 14.93 ? 5   DT  A "C3'" 1 
ATOM   84  O  "O3'" . DT  A  1 5  ? 0.503   4.348   2.654   1.00 15.74 ? 5   DT  A "O3'" 1 
ATOM   85  C  "C2'" . DT  A  1 5  ? -1.467  3.029   2.367   1.00 15.28 ? 5   DT  A "C2'" 1 
ATOM   86  C  "C1'" . DT  A  1 5  ? -0.564  1.880   1.940   1.00 17.86 ? 5   DT  A "C1'" 1 
ATOM   87  N  N1    . DT  A  1 5  ? -1.242  0.752   1.249   1.00 15.54 ? 5   DT  A N1    1 
ATOM   88  C  C2    . DT  A  1 5  ? -1.377  0.790   -0.118  1.00 18.09 ? 5   DT  A C2    1 
ATOM   89  O  O2    . DT  A  1 5  ? -1.006  1.728   -0.797  1.00 17.81 ? 5   DT  A O2    1 
ATOM   90  N  N3    . DT  A  1 5  ? -1.984  -0.312  -0.667  1.00 22.47 ? 5   DT  A N3    1 
ATOM   91  C  C4    . DT  A  1 5  ? -2.441  -1.433  0.001   1.00 20.33 ? 5   DT  A C4    1 
ATOM   92  O  O4    . DT  A  1 5  ? -2.969  -2.374  -0.581  1.00 20.98 ? 5   DT  A O4    1 
ATOM   93  C  C5    . DT  A  1 5  ? -2.260  -1.416  1.431   1.00 18.64 ? 5   DT  A C5    1 
ATOM   94  C  C7    . DT  A  1 5  ? -2.722  -2.580  2.257   1.00 20.09 ? 5   DT  A C7    1 
ATOM   95  C  C6    . DT  A  1 5  ? -1.670  -0.340  1.983   1.00 20.51 ? 5   DT  A C6    1 
ATOM   96  P  P     . DA  A  1 6  ? 1.039   5.788   3.075   1.00 14.99 ? 6   DA  A P     1 
ATOM   97  O  OP1   . DA  A  1 6  ? -0.009  6.540   3.828   1.00 11.26 ? 6   DA  A OP1   1 
ATOM   98  O  OP2   . DA  A  1 6  ? 1.569   6.305   1.794   1.00 14.70 ? 6   DA  A OP2   1 
ATOM   99  O  "O5'" . DA  A  1 6  ? 2.258   5.499   4.074   1.00 19.80 ? 6   DA  A "O5'" 1 
ATOM   100 C  "C5'" . DA  A  1 6  ? 3.536   5.082   3.561   1.00 14.79 ? 6   DA  A "C5'" 1 
ATOM   101 C  "C4'" . DA  A  1 6  ? 4.627   6.046   4.007   1.00 17.73 ? 6   DA  A "C4'" 1 
ATOM   102 O  "O4'" . DA  A  1 6  ? 4.798   7.053   2.995   1.00 17.60 ? 6   DA  A "O4'" 1 
ATOM   103 C  "C3'" . DA  A  1 6  ? 4.334   6.788   5.311   1.00 15.10 ? 6   DA  A "C3'" 1 
ATOM   104 O  "O3'" . DA  A  1 6  ? 5.062   6.192   6.382   1.00 14.59 ? 6   DA  A "O3'" 1 
ATOM   105 C  "C2'" . DA  A  1 6  ? 4.803   8.231   5.074   1.00 14.85 ? 6   DA  A "C2'" 1 
ATOM   106 C  "C1'" . DA  A  1 6  ? 5.080   8.315   3.577   1.00 13.25 ? 6   DA  A "C1'" 1 
ATOM   107 N  N9    . DA  A  1 6  ? 4.295   9.331   2.854   1.00 13.48 ? 6   DA  A N9    1 
ATOM   108 C  C8    . DA  A  1 6  ? 3.219   9.100   2.042   1.00 13.81 ? 6   DA  A C8    1 
ATOM   109 N  N7    . DA  A  1 6  ? 2.734   10.185  1.469   1.00 12.85 ? 6   DA  A N7    1 
ATOM   110 C  C5    . DA  A  1 6  ? 3.549   11.202  1.931   1.00 13.95 ? 6   DA  A C5    1 
ATOM   111 C  C6    . DA  A  1 6  ? 3.555   12.596  1.689   1.00 12.90 ? 6   DA  A C6    1 
ATOM   112 N  N6    . DA  A  1 6  ? 2.676   13.207  0.896   1.00 12.07 ? 6   DA  A N6    1 
ATOM   113 N  N1    . DA  A  1 6  ? 4.505   13.333  2.302   1.00 14.09 ? 6   DA  A N1    1 
ATOM   114 C  C2    . DA  A  1 6  ? 5.394   12.705  3.095   1.00 12.69 ? 6   DA  A C2    1 
ATOM   115 N  N3    . DA  A  1 6  ? 5.494   11.408  3.393   1.00 12.28 ? 6   DA  A N3    1 
ATOM   116 C  C4    . DA  A  1 6  ? 4.529   10.700  2.777   1.00 16.02 ? 6   DA  A C4    1 
ATOM   117 P  P     . DG  A  1 7  ? 4.274   5.604   7.645   1.00 18.78 ? 7   DG  A P     1 
ATOM   118 O  OP1   . DG  A  1 7  ? 5.271   5.020   8.579   1.00 20.55 ? 7   DG  A OP1   1 
ATOM   119 O  OP2   . DG  A  1 7  ? 3.158   4.764   7.141   1.00 19.36 ? 7   DG  A OP2   1 
ATOM   120 O  "O5'" . DG  A  1 7  ? 3.660   6.911   8.320   1.00 19.30 ? 7   DG  A "O5'" 1 
ATOM   121 C  "C5'" . DG  A  1 7  ? 4.512   8.018   8.663   1.00 17.82 ? 7   DG  A "C5'" 1 
ATOM   122 C  "C4'" . DG  A  1 7  ? 3.697   9.267   8.904   1.00 18.49 ? 7   DG  A "C4'" 1 
ATOM   123 O  "O4'" . DG  A  1 7  ? 3.290   9.857   7.645   1.00 14.43 ? 7   DG  A "O4'" 1 
ATOM   124 C  "C3'" . DG  A  1 7  ? 2.407   9.078   9.707   1.00 14.84 ? 7   DG  A "C3'" 1 
ATOM   125 O  "O3'" . DG  A  1 7  ? 2.233   10.261  10.489  1.00 15.15 ? 7   DG  A "O3'" 1 
ATOM   126 C  "C2'" . DG  A  1 7  ? 1.332   9.120   8.639   1.00 15.90 ? 7   DG  A "C2'" 1 
ATOM   127 C  "C1'" . DG  A  1 7  ? 1.921   10.200  7.764   1.00 11.60 ? 7   DG  A "C1'" 1 
ATOM   128 N  N9    . DG  A  1 7  ? 1.367   10.342  6.424   1.00 14.62 ? 7   DG  A N9    1 
ATOM   129 C  C8    . DG  A  1 7  ? 0.774   9.379   5.640   1.00 15.68 ? 7   DG  A C8    1 
ATOM   130 N  N7    . DG  A  1 7  ? 0.365   9.836   4.487   1.00 13.24 ? 7   DG  A N7    1 
ATOM   131 C  C5    . DG  A  1 7  ? 0.704   11.185  4.513   1.00 12.63 ? 7   DG  A C5    1 
ATOM   132 C  C6    . DG  A  1 7  ? 0.513   12.212  3.532   1.00 11.25 ? 7   DG  A C6    1 
ATOM   133 O  O6    . DG  A  1 7  ? -0.011  12.126  2.416   1.00 10.24 ? 7   DG  A O6    1 
ATOM   134 N  N1    . DG  A  1 7  ? 1.006   13.439  3.969   1.00 14.36 ? 7   DG  A N1    1 
ATOM   135 C  C2    . DG  A  1 7  ? 1.605   13.656  5.188   1.00 14.75 ? 7   DG  A C2    1 
ATOM   136 N  N2    . DG  A  1 7  ? 2.017   14.909  5.428   1.00 19.38 ? 7   DG  A N2    1 
ATOM   137 N  N3    . DG  A  1 7  ? 1.790   12.712  6.106   1.00 15.22 ? 7   DG  A N3    1 
ATOM   138 C  C4    . DG  A  1 7  ? 1.319   11.510  5.704   1.00 14.39 ? 7   DG  A C4    1 
ATOM   139 P  P     . DC  A  1 8  ? 0.914   10.468  11.365  1.00 12.70 ? 8   DC  A P     1 
ATOM   140 O  OP1   . DC  A  1 8  ? 1.278   11.321  12.516  1.00 14.56 ? 8   DC  A OP1   1 
ATOM   141 O  OP2   . DC  A  1 8  ? 0.285   9.151   11.562  1.00 14.13 ? 8   DC  A OP2   1 
ATOM   142 O  "O5'" . DC  A  1 8  ? -0.072  11.283  10.394  1.00 14.23 ? 8   DC  A "O5'" 1 
ATOM   143 C  "C5'" . DC  A  1 8  ? 0.174   12.643  10.129  1.00 13.82 ? 8   DC  A "C5'" 1 
ATOM   144 C  "C4'" . DC  A  1 8  ? -0.640  13.105  8.939   1.00 15.99 ? 8   DC  A "C4'" 1 
ATOM   145 O  "O4'" . DC  A  1 8  ? -0.427  12.202  7.832   1.00 13.63 ? 8   DC  A "O4'" 1 
ATOM   146 C  "C3'" . DC  A  1 8  ? -2.149  13.092  9.158   1.00 15.68 ? 8   DC  A "C3'" 1 
ATOM   147 O  "O3'" . DC  A  1 8  ? -2.542  14.311  9.723   1.00 17.96 ? 8   DC  A "O3'" 1 
ATOM   148 C  "C2'" . DC  A  1 8  ? -2.688  12.973  7.731   1.00 14.94 ? 8   DC  A "C2'" 1 
ATOM   149 C  "C1'" . DC  A  1 8  ? -1.584  12.198  7.002   1.00 12.56 ? 8   DC  A "C1'" 1 
ATOM   150 N  N1    . DC  A  1 8  ? -1.932  10.796  6.704   1.00 13.00 ? 8   DC  A N1    1 
ATOM   151 C  C2    . DC  A  1 8  ? -2.343  10.449  5.420   1.00 12.51 ? 8   DC  A C2    1 
ATOM   152 O  O2    . DC  A  1 8  ? -2.428  11.329  4.564   1.00 13.97 ? 8   DC  A O2    1 
ATOM   153 N  N3    . DC  A  1 8  ? -2.635  9.145   5.147   1.00 11.13 ? 8   DC  A N3    1 
ATOM   154 C  C4    . DC  A  1 8  ? -2.531  8.230   6.094   1.00 14.83 ? 8   DC  A C4    1 
ATOM   155 N  N4    . DC  A  1 8  ? -2.835  6.965   5.776   1.00 17.11 ? 8   DC  A N4    1 
ATOM   156 C  C5    . DC  A  1 8  ? -2.117  8.563   7.415   1.00 14.91 ? 8   DC  A C5    1 
ATOM   157 C  C6    . DC  A  1 8  ? -1.820  9.847   7.673   1.00 12.01 ? 8   DC  A C6    1 
ATOM   158 P  P     . DG  A  1 9  ? -3.311  14.362  11.127  1.00 20.31 ? 9   DG  A P     1 
ATOM   159 O  OP1   . DG  A  1 9  ? -2.280  14.562  12.177  1.00 25.13 ? 9   DG  A OP1   1 
ATOM   160 O  OP2   . DG  A  1 9  ? -4.220  13.201  11.204  1.00 17.91 ? 9   DG  A OP2   1 
ATOM   161 O  "O5'" . DG  A  1 9  ? -4.202  15.683  10.997  1.00 26.70 ? 9   DG  A "O5'" 1 
ATOM   162 C  "C5'" . DG  A  1 9  ? -3.570  16.933  10.671  1.00 23.24 ? 9   DG  A "C5'" 1 
ATOM   163 C  "C4'" . DG  A  1 9  ? -4.283  17.640  9.521   1.00 22.36 ? 9   DG  A "C4'" 1 
ATOM   164 O  "O4'" . DG  A  1 9  ? -4.023  16.949  8.271   1.00 20.97 ? 9   DG  A "O4'" 1 
ATOM   165 C  "C3'" . DG  A  1 9  ? -5.795  17.726  9.651   1.00 23.79 ? 9   DG  A "C3'" 1 
ATOM   166 O  "O3'" . DG  A  1 9  ? -6.134  18.932  10.311  1.00 34.09 ? 9   DG  A "O3'" 1 
ATOM   167 C  "C2'" . DG  A  1 9  ? -6.269  17.744  8.200   1.00 20.42 ? 9   DG  A "C2'" 1 
ATOM   168 C  "C1'" . DG  A  1 9  ? -5.197  16.922  7.473   1.00 17.54 ? 9   DG  A "C1'" 1 
ATOM   169 N  N9    . DG  A  1 9  ? -5.556  15.518  7.276   1.00 14.75 ? 9   DG  A N9    1 
ATOM   170 C  C8    . DG  A  1 9  ? -5.991  14.632  8.237   1.00 17.22 ? 9   DG  A C8    1 
ATOM   171 N  N7    . DG  A  1 9  ? -6.196  13.426  7.774   1.00 15.14 ? 9   DG  A N7    1 
ATOM   172 C  C5    . DG  A  1 9  ? -5.859  13.517  6.430   1.00 14.16 ? 9   DG  A C5    1 
ATOM   173 C  C6    . DG  A  1 9  ? -5.869  12.521  5.419   1.00 13.94 ? 9   DG  A C6    1 
ATOM   174 O  O6    . DG  A  1 9  ? -6.206  11.333  5.517   1.00 11.82 ? 9   DG  A O6    1 
ATOM   175 N  N1    . DG  A  1 9  ? -5.457  13.032  4.187   1.00 11.21 ? 9   DG  A N1    1 
ATOM   176 C  C2    . DG  A  1 9  ? -5.059  14.327  3.969   1.00 13.00 ? 9   DG  A C2    1 
ATOM   177 N  N2    . DG  A  1 9  ? -4.682  14.628  2.717   1.00 15.18 ? 9   DG  A N2    1 
ATOM   178 N  N3    . DG  A  1 9  ? -5.047  15.275  4.908   1.00 12.92 ? 9   DG  A N3    1 
ATOM   179 C  C4    . DG  A  1 9  ? -5.459  14.797  6.112   1.00 11.31 ? 9   DG  A C4    1 
ATOM   180 P  P     . DA  A  1 10 ? -6.960  18.913  11.690  1.00 44.87 ? 10  DA  A P     1 
ATOM   181 O  OP1   . DA  A  1 10 ? -6.582  20.169  12.384  1.00 43.09 ? 10  DA  A OP1   1 
ATOM   182 O  OP2   . DA  A  1 10 ? -6.764  17.617  12.381  1.00 38.23 ? 10  DA  A OP2   1 
ATOM   183 O  "O5'" . DA  A  1 10 ? -8.492  18.958  11.227  1.00 37.26 ? 10  DA  A "O5'" 1 
ATOM   184 C  "C5'" . DA  A  1 10 ? -9.115  20.212  10.912  1.00 40.31 ? 10  DA  A "C5'" 1 
ATOM   185 C  "C4'" . DA  A  1 10 ? -9.454  20.994  12.176  1.00 40.78 ? 10  DA  A "C4'" 1 
ATOM   186 O  "O4'" . DA  A  1 10 ? -9.849  22.335  11.817  1.00 38.07 ? 10  DA  A "O4'" 1 
ATOM   187 C  "C3'" . DA  A  1 10 ? -10.620 20.447  12.986  1.00 41.14 ? 10  DA  A "C3'" 1 
ATOM   188 O  "O3'" . DA  A  1 10 ? -10.533 20.904  14.329  1.00 45.42 ? 10  DA  A "O3'" 1 
ATOM   189 C  "C2'" . DA  A  1 10 ? -11.806 21.073  12.275  1.00 34.54 ? 10  DA  A "C2'" 1 
ATOM   190 C  "C1'" . DA  A  1 10 ? -11.259 22.458  11.933  1.00 34.27 ? 10  DA  A "C1'" 1 
ATOM   191 N  N9    . DA  A  1 10 ? -11.784 23.010  10.687  1.00 29.84 ? 10  DA  A N9    1 
ATOM   192 C  C8    . DA  A  1 10 ? -12.164 24.303  10.477  1.00 30.33 ? 10  DA  A C8    1 
ATOM   193 N  N7    . DA  A  1 10 ? -12.594 24.536  9.262   1.00 33.63 ? 10  DA  A N7    1 
ATOM   194 C  C5    . DA  A  1 10 ? -12.494 23.315  8.624   1.00 28.21 ? 10  DA  A C5    1 
ATOM   195 C  C6    . DA  A  1 10 ? -12.798 22.911  7.312   1.00 28.29 ? 10  DA  A C6    1 
ATOM   196 N  N6    . DA  A  1 10 ? -13.293 23.743  6.386   1.00 29.42 ? 10  DA  A N6    1 
ATOM   197 N  N1    . DA  A  1 10 ? -12.595 21.615  6.991   1.00 27.79 ? 10  DA  A N1    1 
ATOM   198 C  C2    . DA  A  1 10 ? -12.102 20.790  7.928   1.00 28.25 ? 10  DA  A C2    1 
ATOM   199 N  N3    . DA  A  1 10 ? -11.775 21.058  9.196   1.00 29.75 ? 10  DA  A N3    1 
ATOM   200 C  C4    . DA  A  1 10 ? -11.997 22.352  9.484   1.00 28.99 ? 10  DA  A C4    1 
ATOM   201 O  "O5'" . DC  B  1 1  ? -14.220 2.436   0.456   1.00 30.58 ? 1   DC  B "O5'" 1 
ATOM   202 C  "C5'" . DC  B  1 1  ? -15.373 3.276   0.628   1.00 25.85 ? 1   DC  B "C5'" 1 
ATOM   203 C  "C4'" . DC  B  1 1  ? -15.074 4.726   0.262   1.00 27.33 ? 1   DC  B "C4'" 1 
ATOM   204 O  "O4'" . DC  B  1 1  ? -14.201 5.331   1.258   1.00 26.77 ? 1   DC  B "O4'" 1 
ATOM   205 C  "C3'" . DC  B  1 1  ? -14.369 4.945   -1.065  1.00 22.69 ? 1   DC  B "C3'" 1 
ATOM   206 O  "O3'" . DC  B  1 1  ? -14.724 6.220   -1.555  1.00 26.59 ? 1   DC  B "O3'" 1 
ATOM   207 C  "C2'" . DC  B  1 1  ? -12.900 4.917   -0.649  1.00 21.97 ? 1   DC  B "C2'" 1 
ATOM   208 C  "C1'" . DC  B  1 1  ? -12.964 5.690   0.662   1.00 21.53 ? 1   DC  B "C1'" 1 
ATOM   209 N  N1    . DC  B  1 1  ? -11.892 5.363   1.652   1.00 19.76 ? 1   DC  B N1    1 
ATOM   210 C  C2    . DC  B  1 1  ? -11.057 6.382   2.130   1.00 15.83 ? 1   DC  B C2    1 
ATOM   211 O  O2    . DC  B  1 1  ? -11.172 7.528   1.668   1.00 17.10 ? 1   DC  B O2    1 
ATOM   212 N  N3    . DC  B  1 1  ? -10.135 6.078   3.068   1.00 15.48 ? 1   DC  B N3    1 
ATOM   213 C  C4    . DC  B  1 1  ? -10.040 4.824   3.537   1.00 18.63 ? 1   DC  B C4    1 
ATOM   214 N  N4    . DC  B  1 1  ? -9.105  4.567   4.455   1.00 19.20 ? 1   DC  B N4    1 
ATOM   215 C  C5    . DC  B  1 1  ? -10.893 3.782   3.076   1.00 16.65 ? 1   DC  B C5    1 
ATOM   216 C  C6    . DC  B  1 1  ? -11.800 4.093   2.152   1.00 19.78 ? 1   DC  B C6    1 
ATOM   217 P  P     . DA  B  1 2  ? -15.112 6.440   -3.100  1.00 30.20 ? 2   DA  B P     1 
ATOM   218 O  OP1   . DA  B  1 2  ? -16.225 5.529   -3.419  1.00 28.34 ? 2   DA  B OP1   1 
ATOM   219 O  OP2   . DA  B  1 2  ? -13.881 6.489   -3.918  1.00 24.46 ? 2   DA  B OP2   1 
ATOM   220 O  "O5'" . DA  B  1 2  ? -15.705 7.918   -3.115  1.00 23.21 ? 2   DA  B "O5'" 1 
ATOM   221 C  "C5'" . DA  B  1 2  ? -14.884 9.012   -2.764  1.00 20.85 ? 2   DA  B "C5'" 1 
ATOM   222 C  "C4'" . DA  B  1 2  ? -15.580 10.313  -3.118  1.00 20.92 ? 2   DA  B "C4'" 1 
ATOM   223 O  "O4'" . DA  B  1 2  ? -16.933 10.258  -2.633  1.00 18.87 ? 2   DA  B "O4'" 1 
ATOM   224 C  "C3'" . DA  B  1 2  ? -14.980 11.554  -2.491  1.00 16.06 ? 2   DA  B "C3'" 1 
ATOM   225 O  "O3'" . DA  B  1 2  ? -15.270 12.687  -3.294  1.00 17.93 ? 2   DA  B "O3'" 1 
ATOM   226 C  "C2'" . DA  B  1 2  ? -15.697 11.628  -1.149  1.00 16.89 ? 2   DA  B "C2'" 1 
ATOM   227 C  "C1'" . DA  B  1 2  ? -17.077 11.071  -1.484  1.00 18.52 ? 2   DA  B "C1'" 1 
ATOM   228 N  N9    . DA  B  1 2  ? -17.642 10.255  -0.415  1.00 16.35 ? 2   DA  B N9    1 
ATOM   229 C  C8    . DA  B  1 2  ? -17.960 8.926   -0.468  1.00 20.88 ? 2   DA  B C8    1 
ATOM   230 N  N7    . DA  B  1 2  ? -18.457 8.457   0.651   1.00 12.47 ? 2   DA  B N7    1 
ATOM   231 C  C5    . DA  B  1 2  ? -18.464 9.546   1.497   1.00 16.42 ? 2   DA  B C5    1 
ATOM   232 C  C6    . DA  B  1 2  ? -18.876 9.700   2.835   1.00 15.89 ? 2   DA  B C6    1 
ATOM   233 N  N6    . DA  B  1 2  ? -19.380 8.694   3.576   1.00 19.57 ? 2   DA  B N6    1 
ATOM   234 N  N1    . DA  B  1 2  ? -18.758 10.925  3.385   1.00 16.90 ? 2   DA  B N1    1 
ATOM   235 C  C2    . DA  B  1 2  ? -18.260 11.924  2.641   1.00 16.87 ? 2   DA  B C2    1 
ATOM   236 N  N3    . DA  B  1 2  ? -17.836 11.899  1.371   1.00 16.00 ? 2   DA  B N3    1 
ATOM   237 C  C4    . DA  B  1 2  ? -17.964 10.667  0.856   1.00 15.29 ? 2   DA  B C4    1 
ATOM   238 P  P     . DC  B  1 3  ? -14.140 13.294  -4.252  1.00 18.02 ? 3   DC  B P     1 
ATOM   239 O  OP1   . DC  B  1 3  ? -14.804 14.278  -5.138  1.00 16.18 ? 3   DC  B OP1   1 
ATOM   240 O  OP2   . DC  B  1 3  ? -13.406 12.138  -4.823  1.00 19.96 ? 3   DC  B OP2   1 
ATOM   241 O  "O5'" . DC  B  1 3  ? -13.166 14.077  -3.265  1.00 15.75 ? 3   DC  B "O5'" 1 
ATOM   242 C  "C5'" . DC  B  1 3  ? -13.685 15.072  -2.379  1.00 17.04 ? 3   DC  B "C5'" 1 
ATOM   243 C  "C4'" . DC  B  1 3  ? -12.584 15.582  -1.493  1.00 18.25 ? 3   DC  B "C4'" 1 
ATOM   244 O  "O4'" . DC  B  1 3  ? -12.336 14.615  -0.444  1.00 19.64 ? 3   DC  B "O4'" 1 
ATOM   245 C  "C3'" . DC  B  1 3  ? -11.283 15.763  -2.244  1.00 19.15 ? 3   DC  B "C3'" 1 
ATOM   246 O  "O3'" . DC  B  1 3  ? -10.930 17.089  -2.265  1.00 25.05 ? 3   DC  B "O3'" 1 
ATOM   247 C  "C2'" . DC  B  1 3  ? -10.237 14.928  -1.517  1.00 18.91 ? 3   DC  B "C2'" 1 
ATOM   248 C  "C1'" . DC  B  1 3  ? -10.992 14.209  -0.420  1.00 14.85 ? 3   DC  B "C1'" 1 
ATOM   249 N  N1    . DC  B  1 3  ? -10.983 12.742  -0.552  1.00 14.60 ? 3   DC  B N1    1 
ATOM   250 C  C2    . DC  B  1 3  ? -10.701 11.989  0.567   1.00 14.94 ? 3   DC  B C2    1 
ATOM   251 O  O2    . DC  B  1 3  ? -10.412 12.585  1.619   1.00 12.88 ? 3   DC  B O2    1 
ATOM   252 N  N3    . DC  B  1 3  ? -10.738 10.634  0.475   1.00 11.27 ? 3   DC  B N3    1 
ATOM   253 C  C4    . DC  B  1 3  ? -11.049 10.053  -0.692  1.00 13.87 ? 3   DC  B C4    1 
ATOM   254 N  N4    . DC  B  1 3  ? -11.081 8.720   -0.742  1.00 14.69 ? 3   DC  B N4    1 
ATOM   255 C  C5    . DC  B  1 3  ? -11.358 10.819  -1.854  1.00 19.86 ? 3   DC  B C5    1 
ATOM   256 C  C6    . DC  B  1 3  ? -11.325 12.152  -1.737  1.00 15.97 ? 3   DC  B C6    1 
ATOM   257 P  P     . DC  B  1 4  ? -9.958  17.577  -3.437  1.00 36.67 ? 4   DC  B P     1 
ATOM   258 O  OP1   . DC  B  1 4  ? -10.058 19.046  -3.432  1.00 27.29 ? 4   DC  B OP1   1 
ATOM   259 O  OP2   . DC  B  1 4  ? -10.291 16.808  -4.665  1.00 23.60 ? 4   DC  B OP2   1 
ATOM   260 O  "O5'" . DC  B  1 4  ? -8.504  17.072  -2.952  1.00 23.27 ? 4   DC  B "O5'" 1 
ATOM   261 C  "C5'" . DC  B  1 4  ? -7.880  17.683  -1.832  1.00 18.21 ? 4   DC  B "C5'" 1 
ATOM   262 C  "C4'" . DC  B  1 4  ? -6.770  16.809  -1.273  1.00 21.42 ? 4   DC  B "C4'" 1 
ATOM   263 O  "O4'" . DC  B  1 4  ? -7.345  15.668  -0.588  1.00 15.35 ? 4   DC  B "O4'" 1 
ATOM   264 C  "C3'" . DC  B  1 4  ? -5.859  16.171  -2.301  1.00 18.72 ? 4   DC  B "C3'" 1 
ATOM   265 O  "O3'" . DC  B  1 4  ? -4.900  17.111  -2.799  1.00 23.75 ? 4   DC  B "O3'" 1 
ATOM   266 C  "C2'" . DC  B  1 4  ? -5.210  15.078  -1.460  1.00 15.87 ? 4   DC  B "C2'" 1 
ATOM   267 C  "C1'" . DC  B  1 4  ? -6.373  14.646  -0.545  1.00 12.89 ? 4   DC  B "C1'" 1 
ATOM   268 N  N1    . DC  B  1 4  ? -6.965  13.338  -0.944  1.00 13.12 ? 4   DC  B N1    1 
ATOM   269 C  C2    . DC  B  1 4  ? -7.155  12.365  0.029   1.00 13.91 ? 4   DC  B C2    1 
ATOM   270 O  O2    . DC  B  1 4  ? -6.906  12.660  1.203   1.00 12.13 ? 4   DC  B O2    1 
ATOM   271 N  N3    . DC  B  1 4  ? -7.627  11.134  -0.339  1.00 12.71 ? 4   DC  B N3    1 
ATOM   272 C  C4    . DC  B  1 4  ? -7.885  10.887  -1.631  1.00 15.94 ? 4   DC  B C4    1 
ATOM   273 N  N4    . DC  B  1 4  ? -8.347  9.686   -1.961  1.00 15.08 ? 4   DC  B N4    1 
ATOM   274 C  C5    . DC  B  1 4  ? -7.688  11.875  -2.640  1.00 15.41 ? 4   DC  B C5    1 
ATOM   275 C  C6    . DC  B  1 4  ? -7.211  13.066  -2.260  1.00 16.26 ? 4   DC  B C6    1 
ATOM   276 P  P     . DT  B  1 5  ? -3.954  16.728  -4.043  1.00 27.26 ? 5   DT  B P     1 
ATOM   277 O  OP1   . DT  B  1 5  ? -3.480  18.011  -4.586  1.00 25.67 ? 5   DT  B OP1   1 
ATOM   278 O  OP2   . DT  B  1 5  ? -4.579  15.733  -4.945  1.00 20.98 ? 5   DT  B OP2   1 
ATOM   279 O  "O5'" . DT  B  1 5  ? -2.749  15.917  -3.371  1.00 23.85 ? 5   DT  B "O5'" 1 
ATOM   280 C  "C5'" . DT  B  1 5  ? -1.820  16.590  -2.545  1.00 15.47 ? 5   DT  B "C5'" 1 
ATOM   281 C  "C4'" . DT  B  1 5  ? -0.688  15.663  -2.139  1.00 11.74 ? 5   DT  B "C4'" 1 
ATOM   282 O  "O4'" . DT  B  1 5  ? 0.204   16.400  -1.278  1.00 13.29 ? 5   DT  B "O4'" 1 
ATOM   283 C  "C3'" . DT  B  1 5  ? -1.098  14.460  -1.294  1.00 12.96 ? 5   DT  B "C3'" 1 
ATOM   284 O  "O3'" . DT  B  1 5  ? 0.006   13.544  -1.245  1.00 14.60 ? 5   DT  B "O3'" 1 
ATOM   285 C  "C2'" . DT  B  1 5  ? -1.245  15.150  0.059   1.00 15.31 ? 5   DT  B "C2'" 1 
ATOM   286 C  "C1'" . DT  B  1 5  ? 0.075   15.927  0.047   1.00 12.20 ? 5   DT  B "C1'" 1 
ATOM   287 N  N1    . DT  B  1 5  ? 0.157   17.095  0.965   1.00 15.17 ? 5   DT  B N1    1 
ATOM   288 C  C2    . DT  B  1 5  ? 0.816   16.963  2.164   1.00 13.90 ? 5   DT  B C2    1 
ATOM   289 O  O2    . DT  B  1 5  ? 1.330   15.922  2.534   1.00 13.04 ? 5   DT  B O2    1 
ATOM   290 N  N3    . DT  B  1 5  ? 0.849   18.104  2.927   1.00 14.41 ? 5   DT  B N3    1 
ATOM   291 C  C4    . DT  B  1 5  ? 0.313   19.343  2.615   1.00 17.39 ? 5   DT  B C4    1 
ATOM   292 O  O4    . DT  B  1 5  ? 0.400   20.313  3.374   1.00 18.11 ? 5   DT  B O4    1 
ATOM   293 C  C5    . DT  B  1 5  ? -0.350  19.422  1.339   1.00 17.13 ? 5   DT  B C5    1 
ATOM   294 C  C7    . DT  B  1 5  ? -0.970  20.716  0.894   1.00 17.60 ? 5   DT  B C7    1 
ATOM   295 C  C6    . DT  B  1 5  ? -0.402  18.309  0.582   1.00 16.62 ? 5   DT  B C6    1 
ATOM   296 P  P     . DA  B  1 6  ? -0.065  12.036  -1.825  1.00 12.15 ? 6   DA  B P     1 
ATOM   297 O  OP1   . DA  B  1 6  ? -1.457  11.548  -1.838  1.00 13.39 ? 6   DA  B OP1   1 
ATOM   298 O  OP2   . DA  B  1 6  ? 0.973   11.350  -1.011  1.00 12.07 ? 6   DA  B OP2   1 
ATOM   299 O  "O5'" . DA  B  1 6  ? 0.422   12.148  -3.346  1.00 14.48 ? 6   DA  B "O5'" 1 
ATOM   300 C  "C5'" . DA  B  1 6  ? 1.754   12.543  -3.663  1.00 15.74 ? 6   DA  B "C5'" 1 
ATOM   301 C  "C4'" . DA  B  1 6  ? 2.406   11.509  -4.559  1.00 17.67 ? 6   DA  B "C4'" 1 
ATOM   302 O  "O4'" . DA  B  1 6  ? 3.042   10.520  -3.725  1.00 17.64 ? 6   DA  B "O4'" 1 
ATOM   303 C  "C3'" . DA  B  1 6  ? 1.431   10.753  -5.453  1.00 18.68 ? 6   DA  B "C3'" 1 
ATOM   304 O  "O3'" . DA  B  1 6  ? 1.456   11.300  -6.769  1.00 23.85 ? 6   DA  B "O3'" 1 
ATOM   305 C  "C2'" . DA  B  1 6  ? 1.930   9.305   -5.457  1.00 21.26 ? 6   DA  B "C2'" 1 
ATOM   306 C  "C1'" . DA  B  1 6  ? 2.906   9.230   -4.285  1.00 20.15 ? 6   DA  B "C1'" 1 
ATOM   307 N  N9    . DA  B  1 6  ? 2.506   8.312   -3.221  1.00 17.61 ? 6   DA  B N9    1 
ATOM   308 C  C8    . DA  B  1 6  ? 2.123   8.648   -1.951  1.00 17.91 ? 6   DA  B C8    1 
ATOM   309 N  N7    . DA  B  1 6  ? 1.846   7.616   -1.192  1.00 16.20 ? 6   DA  B N7    1 
ATOM   310 C  C5    . DA  B  1 6  ? 2.071   6.531   -2.012  1.00 20.16 ? 6   DA  B C5    1 
ATOM   311 C  C6    . DA  B  1 6  ? 1.958   5.147   -1.795  1.00 18.97 ? 6   DA  B C6    1 
ATOM   312 N  N6    . DA  B  1 6  ? 1.585   4.620   -0.626  1.00 20.24 ? 6   DA  B N6    1 
ATOM   313 N  N1    . DA  B  1 6  ? 2.258   4.331   -2.817  1.00 20.17 ? 6   DA  B N1    1 
ATOM   314 C  C2    . DA  B  1 6  ? 2.641   4.868   -3.982  1.00 22.99 ? 6   DA  B C2    1 
ATOM   315 N  N3    . DA  B  1 6  ? 2.787   6.150   -4.308  1.00 20.16 ? 6   DA  B N3    1 
ATOM   316 C  C4    . DA  B  1 6  ? 2.485   6.940   -3.266  1.00 22.01 ? 6   DA  B C4    1 
ATOM   317 P  P     . DG  B  1 7  ? 0.083   11.645  -7.515  1.00 26.85 ? 7   DG  B P     1 
ATOM   318 O  OP1   . DG  B  1 7  ? 0.402   12.024  -8.914  1.00 25.64 ? 7   DG  B OP1   1 
ATOM   319 O  OP2   . DG  B  1 7  ? -0.684  12.582  -6.656  1.00 18.86 ? 7   DG  B OP2   1 
ATOM   320 O  "O5'" . DG  B  1 7  ? -0.674  10.243  -7.534  1.00 25.75 ? 7   DG  B "O5'" 1 
ATOM   321 C  "C5'" . DG  B  1 7  ? -0.153  9.139   -8.297  1.00 22.54 ? 7   DG  B "C5'" 1 
ATOM   322 C  "C4'" . DG  B  1 7  ? -0.908  7.870   -7.980  1.00 21.49 ? 7   DG  B "C4'" 1 
ATOM   323 O  "O4'" . DG  B  1 7  ? -0.642  7.461   -6.616  1.00 23.18 ? 7   DG  B "O4'" 1 
ATOM   324 C  "C3'" . DG  B  1 7  ? -2.433  7.970   -8.093  1.00 19.81 ? 7   DG  B "C3'" 1 
ATOM   325 O  "O3'" . DG  B  1 7  ? -2.941  6.733   -8.603  1.00 22.70 ? 7   DG  B "O3'" 1 
ATOM   326 C  "C2'" . DG  B  1 7  ? -2.877  8.069   -6.646  1.00 18.45 ? 7   DG  B "C2'" 1 
ATOM   327 C  "C1'" . DG  B  1 7  ? -1.882  7.119   -6.025  1.00 23.01 ? 7   DG  B "C1'" 1 
ATOM   328 N  N9    . DG  B  1 7  ? -1.731  7.167   -4.575  1.00 20.37 ? 7   DG  B N9    1 
ATOM   329 C  C8    . DG  B  1 7  ? -1.671  8.271   -3.758  1.00 19.77 ? 7   DG  B C8    1 
ATOM   330 N  N7    . DG  B  1 7  ? -1.541  7.967   -2.494  1.00 18.37 ? 7   DG  B N7    1 
ATOM   331 C  C5    . DG  B  1 7  ? -1.517  6.576   -2.477  1.00 17.75 ? 7   DG  B C5    1 
ATOM   332 C  C6    . DG  B  1 7  ? -1.393  5.653   -1.379  1.00 18.36 ? 7   DG  B C6    1 
ATOM   333 O  O6    . DG  B  1 7  ? -1.277  5.894   -0.170  1.00 14.87 ? 7   DG  B O6    1 
ATOM   334 N  N1    . DG  B  1 7  ? -1.417  4.330   -1.815  1.00 15.99 ? 7   DG  B N1    1 
ATOM   335 C  C2    . DG  B  1 7  ? -1.541  3.938   -3.127  1.00 23.25 ? 7   DG  B C2    1 
ATOM   336 N  N2    . DG  B  1 7  ? -1.542  2.615   -3.348  1.00 22.80 ? 7   DG  B N2    1 
ATOM   337 N  N3    . DG  B  1 7  ? -1.656  4.777   -4.151  1.00 18.80 ? 7   DG  B N3    1 
ATOM   338 C  C4    . DG  B  1 7  ? -1.637  6.071   -3.755  1.00 18.80 ? 7   DG  B C4    1 
ATOM   339 P  P     . DC  B  1 8  ? -4.521  6.492   -8.690  1.00 31.46 ? 8   DC  B P     1 
ATOM   340 O  OP1   . DC  B  1 8  ? -4.776  5.380   -9.631  1.00 32.25 ? 8   DC  B OP1   1 
ATOM   341 O  OP2   . DC  B  1 8  ? -5.167  7.799   -8.887  1.00 24.26 ? 8   DC  B OP2   1 
ATOM   342 O  "O5'" . DC  B  1 8  ? -4.915  5.981   -7.223  1.00 25.34 ? 8   DC  B "O5'" 1 
ATOM   343 C  "C5'" . DC  B  1 8  ? -4.440  4.726   -6.741  1.00 22.94 ? 8   DC  B "C5'" 1 
ATOM   344 C  "C4'" . DC  B  1 8  ? -4.817  4.545   -5.281  1.00 21.52 ? 8   DC  B "C4'" 1 
ATOM   345 O  "O4'" . DC  B  1 8  ? -4.251  5.618   -4.511  1.00 18.45 ? 8   DC  B "O4'" 1 
ATOM   346 C  "C3'" . DC  B  1 8  ? -6.312  4.609   -5.009  1.00 22.30 ? 8   DC  B "C3'" 1 
ATOM   347 O  "O3'" . DC  B  1 8  ? -6.823  3.307   -4.984  1.00 29.60 ? 8   DC  B "O3'" 1 
ATOM   348 C  "C2'" . DC  B  1 8  ? -6.423  5.282   -3.625  1.00 20.41 ? 8   DC  B "C2'" 1 
ATOM   349 C  "C1'" . DC  B  1 8  ? -5.009  5.822   -3.345  1.00 16.34 ? 8   DC  B "C1'" 1 
ATOM   350 N  N1    . DC  B  1 8  ? -4.954  7.288   -3.050  1.00 15.81 ? 8   DC  B N1    1 
ATOM   351 C  C2    . DC  B  1 8  ? -4.548  7.747   -1.782  1.00 13.36 ? 8   DC  B C2    1 
ATOM   352 O  O2    . DC  B  1 8  ? -4.273  6.939   -0.894  1.00 13.53 ? 8   DC  B O2    1 
ATOM   353 N  N3    . DC  B  1 8  ? -4.490  9.078   -1.558  1.00 13.17 ? 8   DC  B N3    1 
ATOM   354 C  C4    . DC  B  1 8  ? -4.776  9.938   -2.533  1.00 16.86 ? 8   DC  B C4    1 
ATOM   355 N  N4    . DC  B  1 8  ? -4.682  11.245  -2.256  1.00 16.50 ? 8   DC  B N4    1 
ATOM   356 C  C5    . DC  B  1 8  ? -5.177  9.499   -3.831  1.00 17.19 ? 8   DC  B C5    1 
ATOM   357 C  C6    . DC  B  1 8  ? -5.251  8.177   -4.043  1.00 16.52 ? 8   DC  B C6    1 
ATOM   358 P  P     . DG  B  1 9  ? -8.234  2.972   -5.663  1.00 27.73 ? 9   DG  B P     1 
ATOM   359 O  OP1   . DG  B  1 9  ? -7.964  2.053   -6.790  1.00 29.70 ? 9   DG  B OP1   1 
ATOM   360 O  OP2   . DG  B  1 9  ? -8.984  4.231   -5.881  1.00 25.61 ? 9   DG  B OP2   1 
ATOM   361 O  "O5'" . DG  B  1 9  ? -8.986  2.153   -4.528  1.00 25.71 ? 9   DG  B "O5'" 1 
ATOM   362 C  "C5'" . DG  B  1 9  ? -8.443  0.930   -4.057  1.00 25.69 ? 9   DG  B "C5'" 1 
ATOM   363 C  "C4'" . DG  B  1 9  ? -9.036  0.564   -2.708  1.00 24.90 ? 9   DG  B "C4'" 1 
ATOM   364 O  "O4'" . DG  B  1 9  ? -8.667  1.572   -1.740  1.00 24.23 ? 9   DG  B "O4'" 1 
ATOM   365 C  "C3'" . DG  B  1 9  ? -10.560 0.492   -2.653  1.00 26.59 ? 9   DG  B "C3'" 1 
ATOM   366 O  "O3'" . DG  B  1 9  ? -10.958 -0.391  -1.618  1.00 31.23 ? 9   DG  B "O3'" 1 
ATOM   367 C  "C2'" . DG  B  1 9  ? -10.935 1.917   -2.288  1.00 22.14 ? 9   DG  B "C2'" 1 
ATOM   368 C  "C1'" . DG  B  1 9  ? -9.820  2.261   -1.305  1.00 24.47 ? 9   DG  B "C1'" 1 
ATOM   369 N  N9    . DG  B  1 9  ? -9.513  3.685   -1.243  1.00 20.98 ? 9   DG  B N9    1 
ATOM   370 C  C8    . DG  B  1 9  ? -9.962  4.664   -2.090  1.00 23.11 ? 9   DG  B C8    1 
ATOM   371 N  N7    . DG  B  1 9  ? -9.523  5.852   -1.790  1.00 20.58 ? 9   DG  B N7    1 
ATOM   372 C  C5    . DG  B  1 9  ? -8.722  5.642   -0.675  1.00 17.97 ? 9   DG  B C5    1 
ATOM   373 C  C6    . DG  B  1 9  ? -7.972  6.566   0.094   1.00 16.25 ? 9   DG  B C6    1 
ATOM   374 O  O6    . DG  B  1 9  ? -7.874  7.775   -0.067  1.00 16.08 ? 9   DG  B O6    1 
ATOM   375 N  N1    . DG  B  1 9  ? -7.296  5.946   1.142   1.00 13.17 ? 9   DG  B N1    1 
ATOM   376 C  C2    . DG  B  1 9  ? -7.333  4.596   1.401   1.00 19.34 ? 9   DG  B C2    1 
ATOM   377 N  N2    . DG  B  1 9  ? -6.622  4.177   2.447   1.00 17.77 ? 9   DG  B N2    1 
ATOM   378 N  N3    . DG  B  1 9  ? -8.036  3.716   0.690   1.00 17.27 ? 9   DG  B N3    1 
ATOM   379 C  C4    . DG  B  1 9  ? -8.706  4.315   -0.327  1.00 20.52 ? 9   DG  B C4    1 
ATOM   380 P  P     . DA  B  1 10 ? -11.049 -1.973  -1.875  1.00 38.00 ? 10  DA  B P     1 
ATOM   381 O  OP1   . DA  B  1 10 ? -10.899 -2.191  -3.327  1.00 29.89 ? 10  DA  B OP1   1 
ATOM   382 O  OP2   . DA  B  1 10 ? -12.257 -2.460  -1.179  1.00 33.17 ? 10  DA  B OP2   1 
ATOM   383 O  "O5'" . DA  B  1 10 ? -9.783  -2.552  -1.072  1.00 33.80 ? 10  DA  B "O5'" 1 
ATOM   384 C  "C5'" . DA  B  1 10 ? -8.583  -2.850  -1.771  1.00 38.32 ? 10  DA  B "C5'" 1 
ATOM   385 C  "C4'" . DA  B  1 10 ? -7.382  -2.903  -0.828  1.00 35.60 ? 10  DA  B "C4'" 1 
ATOM   386 O  "O4'" . DA  B  1 10 ? -6.742  -1.612  -0.756  1.00 33.83 ? 10  DA  B "O4'" 1 
ATOM   387 C  "C3'" . DA  B  1 10 ? -7.677  -3.299  0.631   1.00 34.58 ? 10  DA  B "C3'" 1 
ATOM   388 O  "O3'" . DA  B  1 10 ? -7.040  -4.541  0.919   1.00 35.13 ? 10  DA  B "O3'" 1 
ATOM   389 C  "C2'" . DA  B  1 10 ? -7.056  -2.154  1.462   1.00 29.45 ? 10  DA  B "C2'" 1 
ATOM   390 C  "C1'" . DA  B  1 10 ? -6.062  -1.569  0.466   1.00 29.99 ? 10  DA  B "C1'" 1 
ATOM   391 N  N9    . DA  B  1 10 ? -5.628  -0.193  0.742   1.00 24.95 ? 10  DA  B N9    1 
ATOM   392 C  C8    . DA  B  1 10 ? -5.467  0.395   1.972   1.00 26.08 ? 10  DA  B C8    1 
ATOM   393 N  N7    . DA  B  1 10 ? -5.043  1.642   1.912   1.00 22.26 ? 10  DA  B N7    1 
ATOM   394 C  C5    . DA  B  1 10 ? -4.910  1.885   0.548   1.00 22.38 ? 10  DA  B C5    1 
ATOM   395 C  C6    . DA  B  1 10 ? -4.496  3.024   -0.187  1.00 19.45 ? 10  DA  B C6    1 
ATOM   396 N  N6    . DA  B  1 10 ? -4.128  4.177   0.383   1.00 19.17 ? 10  DA  B N6    1 
ATOM   397 N  N1    . DA  B  1 10 ? -4.475  2.929   -1.535  1.00 20.33 ? 10  DA  B N1    1 
ATOM   398 C  C2    . DA  B  1 10 ? -4.837  1.774   -2.103  1.00 24.32 ? 10  DA  B C2    1 
ATOM   399 N  N3    . DA  B  1 10 ? -5.244  0.649   -1.520  1.00 24.01 ? 10  DA  B N3    1 
ATOM   400 C  C4    . DA  B  1 10 ? -5.262  0.767   -0.184  1.00 22.23 ? 10  DA  B C4    1 
ATOM   401 O  "O5'" . DC  C  1 1  ? 10.769  -19.442 -2.275  1.00 24.65 ? 1   DC  C "O5'" 1 
ATOM   402 C  "C5'" . DC  C  1 1  ? 12.110  -19.409 -1.792  1.00 24.20 ? 1   DC  C "C5'" 1 
ATOM   403 C  "C4'" . DC  C  1 1  ? 12.438  -18.081 -1.116  1.00 22.79 ? 1   DC  C "C4'" 1 
ATOM   404 O  "O4'" . DC  C  1 1  ? 12.170  -16.970 -2.013  1.00 21.74 ? 1   DC  C "O4'" 1 
ATOM   405 C  "C3'" . DC  C  1 1  ? 11.664  -17.760 0.152   1.00 17.51 ? 1   DC  C "C3'" 1 
ATOM   406 O  "O3'" . DC  C  1 1  ? 12.477  -16.925 0.931   1.00 17.05 ? 1   DC  C "O3'" 1 
ATOM   407 C  "C2'" . DC  C  1 1  ? 10.468  -16.984 -0.402  1.00 20.89 ? 1   DC  C "C2'" 1 
ATOM   408 C  "C1'" . DC  C  1 1  ? 11.169  -16.134 -1.455  1.00 19.81 ? 1   DC  C "C1'" 1 
ATOM   409 N  N1    . DC  C  1 1  ? 10.315  -15.671 -2.577  1.00 17.48 ? 1   DC  C N1    1 
ATOM   410 C  C2    . DC  C  1 1  ? 9.915   -14.319 -2.656  1.00 15.82 ? 1   DC  C C2    1 
ATOM   411 O  O2    . DC  C  1 1  ? 10.240  -13.527 -1.755  1.00 15.94 ? 1   DC  C O2    1 
ATOM   412 N  N3    . DC  C  1 1  ? 9.162   -13.921 -3.717  1.00 14.35 ? 1   DC  C N3    1 
ATOM   413 C  C4    . DC  C  1 1  ? 8.838   -14.795 -4.677  1.00 14.07 ? 1   DC  C C4    1 
ATOM   414 N  N4    . DC  C  1 1  ? 8.104   -14.349 -5.709  1.00 15.33 ? 1   DC  C N4    1 
ATOM   415 C  C5    . DC  C  1 1  ? 9.246   -16.166 -4.619  1.00 17.90 ? 1   DC  C C5    1 
ATOM   416 C  C6    . DC  C  1 1  ? 9.986   -16.552 -3.572  1.00 17.98 ? 1   DC  C C6    1 
ATOM   417 P  P     . DA  C  1 2  ? 12.511  -17.037 2.529   1.00 25.39 ? 2   DA  C P     1 
ATOM   418 O  OP1   . DA  C  1 2  ? 13.508  -18.072 2.875   1.00 24.97 ? 2   DA  C OP1   1 
ATOM   419 O  OP2   . DA  C  1 2  ? 11.117  -17.237 2.964   1.00 24.53 ? 2   DA  C OP2   1 
ATOM   420 O  "O5'" . DA  C  1 2  ? 12.972  -15.552 2.970   1.00 21.88 ? 2   DA  C "O5'" 1 
ATOM   421 C  "C5'" . DA  C  1 2  ? 14.069  -15.349 3.851   1.00 27.66 ? 2   DA  C "C5'" 1 
ATOM   422 C  "C4'" . DA  C  1 2  ? 14.554  -13.891 3.827   1.00 21.85 ? 2   DA  C "C4'" 1 
ATOM   423 O  "O4'" . DA  C  1 2  ? 15.070  -13.553 2.513   1.00 19.79 ? 2   DA  C "O4'" 1 
ATOM   424 C  "C3'" . DA  C  1 2  ? 13.521  -12.820 4.175   1.00 22.19 ? 2   DA  C "C3'" 1 
ATOM   425 O  "O3'" . DA  C  1 2  ? 14.124  -11.815 4.966   1.00 24.44 ? 2   DA  C "O3'" 1 
ATOM   426 C  "C2'" . DA  C  1 2  ? 13.125  -12.249 2.822   1.00 23.13 ? 2   DA  C "C2'" 1 
ATOM   427 C  "C1'" . DA  C  1 2  ? 14.380  -12.443 1.974   1.00 21.93 ? 2   DA  C "C1'" 1 
ATOM   428 N  N9    . DA  C  1 2  ? 14.041  -12.758 0.595   1.00 17.26 ? 2   DA  C N9    1 
ATOM   429 C  C8    . DA  C  1 2  ? 14.108  -13.987 0.004   1.00 15.68 ? 2   DA  C C8    1 
ATOM   430 N  N7    . DA  C  1 2  ? 13.711  -13.996 -1.242  1.00 15.63 ? 2   DA  C N7    1 
ATOM   431 C  C5    . DA  C  1 2  ? 13.318  -12.685 -1.478  1.00 16.24 ? 2   DA  C C5    1 
ATOM   432 C  C6    . DA  C  1 2  ? 12.786  -12.038 -2.616  1.00 18.22 ? 2   DA  C C6    1 
ATOM   433 N  N6    . DA  C  1 2  ? 12.544  -12.661 -3.772  1.00 14.04 ? 2   DA  C N6    1 
ATOM   434 N  N1    . DA  C  1 2  ? 12.513  -10.716 -2.511  1.00 13.13 ? 2   DA  C N1    1 
ATOM   435 C  C2    . DA  C  1 2  ? 12.760  -10.091 -1.354  1.00 15.31 ? 2   DA  C C2    1 
ATOM   436 N  N3    . DA  C  1 2  ? 13.254  -10.589 -0.220  1.00 15.92 ? 2   DA  C N3    1 
ATOM   437 C  C4    . DA  C  1 2  ? 13.513  -11.908 -0.351  1.00 18.04 ? 2   DA  C C4    1 
ATOM   438 P  P     . DC  C  1 3  ? 13.497  -11.416 6.384   1.00 29.61 ? 3   DC  C P     1 
ATOM   439 O  OP1   . DC  C  1 3  ? 14.617  -10.957 7.230   1.00 32.97 ? 3   DC  C OP1   1 
ATOM   440 O  OP2   . DC  C  1 3  ? 12.601  -12.514 6.805   1.00 25.55 ? 3   DC  C OP2   1 
ATOM   441 O  "O5'" . DC  C  1 3  ? 12.581  -10.139 6.054   1.00 30.81 ? 3   DC  C "O5'" 1 
ATOM   442 C  "C5'" . DC  C  1 3  ? 13.160  -8.989  5.443   1.00 26.50 ? 3   DC  C "C5'" 1 
ATOM   443 C  "C4'" . DC  C  1 3  ? 12.091  -8.067  4.883   1.00 26.21 ? 3   DC  C "C4'" 1 
ATOM   444 O  "O4'" . DC  C  1 3  ? 11.655  -8.548  3.587   1.00 24.94 ? 3   DC  C "O4'" 1 
ATOM   445 C  "C3'" . DC  C  1 3  ? 10.841  -7.915  5.743   1.00 27.68 ? 3   DC  C "C3'" 1 
ATOM   446 O  "O3'" . DC  C  1 3  ? 10.448  -6.556  5.767   1.00 36.19 ? 3   DC  C "O3'" 1 
ATOM   447 C  "C2'" . DC  C  1 3  ? 9.801   -8.793  5.044   1.00 26.10 ? 3   DC  C "C2'" 1 
ATOM   448 C  "C1'" . DC  C  1 3  ? 10.266  -8.801  3.584   1.00 25.18 ? 3   DC  C "C1'" 1 
ATOM   449 N  N1    . DC  C  1 3  ? 10.047  -10.118 2.902   1.00 20.97 ? 3   DC  C N1    1 
ATOM   450 C  C2    . DC  C  1 3  ? 10.060  -10.195 1.501   1.00 17.52 ? 3   DC  C C2    1 
ATOM   451 O  O2    . DC  C  1 3  ? 10.242  -9.164  0.834   1.00 17.91 ? 3   DC  C O2    1 
ATOM   452 N  N3    . DC  C  1 3  ? 9.870   -11.403 0.910   1.00 14.83 ? 3   DC  C N3    1 
ATOM   453 C  C4    . DC  C  1 3  ? 9.683   -12.489 1.657   1.00 19.28 ? 3   DC  C C4    1 
ATOM   454 N  N4    . DC  C  1 3  ? 9.497   -13.657 1.028   1.00 17.80 ? 3   DC  C N4    1 
ATOM   455 C  C5    . DC  C  1 3  ? 9.668   -12.428 3.081   1.00 16.90 ? 3   DC  C C5    1 
ATOM   456 C  C6    . DC  C  1 3  ? 9.855   -11.233 3.653   1.00 17.44 ? 3   DC  C C6    1 
ATOM   457 P  P     . DC  C  1 4  ? 9.445   -6.010  6.900   1.00 39.52 ? 4   DC  C P     1 
ATOM   458 O  OP1   . DC  C  1 4  ? 10.025  -4.738  7.389   1.00 42.41 ? 4   DC  C OP1   1 
ATOM   459 O  OP2   . DC  C  1 4  ? 9.125   -7.090  7.858   1.00 35.53 ? 4   DC  C OP2   1 
ATOM   460 O  "O5'" . DC  C  1 4  ? 8.101   -5.717  6.081   1.00 33.01 ? 4   DC  C "O5'" 1 
ATOM   461 C  "C5'" . DC  C  1 4  ? 8.113   -4.729  5.067   1.00 32.47 ? 4   DC  C "C5'" 1 
ATOM   462 C  "C4'" . DC  C  1 4  ? 7.218   -5.124  3.904   1.00 25.40 ? 4   DC  C "C4'" 1 
ATOM   463 O  "O4'" . DC  C  1 4  ? 7.595   -6.406  3.386   1.00 19.91 ? 4   DC  C "O4'" 1 
ATOM   464 C  "C3'" . DC  C  1 4  ? 5.739   -5.288  4.225   1.00 23.60 ? 4   DC  C "C3'" 1 
ATOM   465 O  "O3'" . DC  C  1 4  ? 5.097   -4.027  4.107   1.00 24.54 ? 4   DC  C "O3'" 1 
ATOM   466 C  "C2'" . DC  C  1 4  ? 5.260   -6.266  3.132   1.00 21.74 ? 4   DC  C "C2'" 1 
ATOM   467 C  "C1'" . DC  C  1 4  ? 6.573   -6.765  2.495   1.00 20.99 ? 4   DC  C "C1'" 1 
ATOM   468 N  N1    . DC  C  1 4  ? 6.589   -8.228  2.258   1.00 17.17 ? 4   DC  C N1    1 
ATOM   469 C  C2    . DC  C  1 4  ? 6.889   -8.722  0.969   1.00 17.07 ? 4   DC  C C2    1 
ATOM   470 O  O2    . DC  C  1 4  ? 7.176   -7.921  0.058   1.00 13.98 ? 4   DC  C O2    1 
ATOM   471 N  N3    . DC  C  1 4  ? 6.868   -10.066 0.762   1.00 15.75 ? 4   DC  C N3    1 
ATOM   472 C  C4    . DC  C  1 4  ? 6.548   -10.891 1.763   1.00 17.37 ? 4   DC  C C4    1 
ATOM   473 N  N4    . DC  C  1 4  ? 6.534   -12.199 1.505   1.00 13.50 ? 4   DC  C N4    1 
ATOM   474 C  C5    . DC  C  1 4  ? 6.237   -10.405 3.078   1.00 14.91 ? 4   DC  C C5    1 
ATOM   475 C  C6    . DC  C  1 4  ? 6.264   -9.085  3.275   1.00 16.51 ? 4   DC  C C6    1 
ATOM   476 P  P     . DT  C  1 5  ? 3.578   -3.827  4.580   1.00 29.55 ? 5   DT  C P     1 
ATOM   477 O  OP1   . DT  C  1 5  ? 3.379   -2.356  4.593   1.00 28.93 ? 5   DT  C OP1   1 
ATOM   478 O  OP2   . DT  C  1 5  ? 3.275   -4.680  5.756   1.00 28.08 ? 5   DT  C OP2   1 
ATOM   479 O  "O5'" . DT  C  1 5  ? 2.713   -4.421  3.389   1.00 26.13 ? 5   DT  C "O5'" 1 
ATOM   480 C  "C5'" . DT  C  1 5  ? 1.359   -4.762  3.620   1.00 20.77 ? 5   DT  C "C5'" 1 
ATOM   481 C  "C4'" . DT  C  1 5  ? 0.525   -4.519  2.382   1.00 19.97 ? 5   DT  C "C4'" 1 
ATOM   482 O  "O4'" . DT  C  1 5  ? 0.515   -3.103  2.063   1.00 17.73 ? 5   DT  C "O4'" 1 
ATOM   483 C  "C3'" . DT  C  1 5  ? 1.018   -5.216  1.113   1.00 16.82 ? 5   DT  C "C3'" 1 
ATOM   484 O  "O3'" . DT  C  1 5  ? -0.085  -5.490  0.303   1.00 18.91 ? 5   DT  C "O3'" 1 
ATOM   485 C  "C2'" . DT  C  1 5  ? 1.854   -4.130  0.468   1.00 16.41 ? 5   DT  C "C2'" 1 
ATOM   486 C  "C1'" . DT  C  1 5  ? 0.929   -2.950  0.725   1.00 15.85 ? 5   DT  C "C1'" 1 
ATOM   487 N  N1    . DT  C  1 5  ? 1.546   -1.623  0.564   1.00 16.41 ? 5   DT  C N1    1 
ATOM   488 C  C2    . DT  C  1 5  ? 1.488   -0.998  -0.664  1.00 18.93 ? 5   DT  C C2    1 
ATOM   489 O  O2    . DT  C  1 5  ? 0.993   -1.505  -1.657  1.00 20.35 ? 5   DT  C O2    1 
ATOM   490 N  N3    . DT  C  1 5  ? 2.047   0.242   -0.696  1.00 21.80 ? 5   DT  C N3    1 
ATOM   491 C  C4    . DT  C  1 5  ? 2.640   0.922   0.346   1.00 20.41 ? 5   DT  C C4    1 
ATOM   492 O  O4    . DT  C  1 5  ? 3.119   2.039   0.207   1.00 20.66 ? 5   DT  C O4    1 
ATOM   493 C  C5    . DT  C  1 5  ? 2.655   0.227   1.607   1.00 18.64 ? 5   DT  C C5    1 
ATOM   494 C  C7    . DT  C  1 5  ? 3.270   0.870   2.809   1.00 15.72 ? 5   DT  C C7    1 
ATOM   495 C  C6    . DT  C  1 5  ? 2.105   -0.997  1.660   1.00 21.08 ? 5   DT  C C6    1 
ATOM   496 P  P     . DA  C  1 6  ? -0.580  -6.981  0.018   1.00 13.63 ? 6   DA  C P     1 
ATOM   497 O  OP1   . DA  C  1 6  ? 0.547   -7.933  0.214   1.00 14.28 ? 6   DA  C OP1   1 
ATOM   498 O  OP2   . DA  C  1 6  ? -1.253  -6.894  -1.291  1.00 15.34 ? 6   DA  C OP2   1 
ATOM   499 O  "O5'" . DA  C  1 6  ? -1.682  -7.257  1.147   1.00 17.61 ? 6   DA  C "O5'" 1 
ATOM   500 C  "C5'" . DA  C  1 6  ? -3.027  -6.758  1.002   1.00 14.65 ? 6   DA  C "C5'" 1 
ATOM   501 C  "C4'" . DA  C  1 6  ? -4.022  -7.908  1.100   1.00 17.55 ? 6   DA  C "C4'" 1 
ATOM   502 O  "O4'" . DA  C  1 6  ? -4.322  -8.382  -0.226  1.00 14.97 ? 6   DA  C "O4'" 1 
ATOM   503 C  "C3'" . DA  C  1 6  ? -3.511  -9.105  1.882   1.00 16.98 ? 6   DA  C "C3'" 1 
ATOM   504 O  "O3'" . DA  C  1 6  ? -4.090  -9.118  3.181   1.00 19.58 ? 6   DA  C "O3'" 1 
ATOM   505 C  "C2'" . DA  C  1 6  ? -3.922  -10.343 1.071   1.00 19.68 ? 6   DA  C "C2'" 1 
ATOM   506 C  "C1'" . DA  C  1 6  ? -4.438  -9.782  -0.251  1.00 13.68 ? 6   DA  C "C1'" 1 
ATOM   507 N  N9    . DA  C  1 6  ? -3.753  -10.268 -1.456  1.00 13.52 ? 6   DA  C N9    1 
ATOM   508 C  C8    . DA  C  1 6  ? -2.798  -9.608  -2.187  1.00 16.84 ? 6   DA  C C8    1 
ATOM   509 N  N7    . DA  C  1 6  ? -2.400  -10.258 -3.260  1.00 12.79 ? 6   DA  C N7    1 
ATOM   510 C  C5    . DA  C  1 6  ? -3.155  -11.420 -3.238  1.00 13.13 ? 6   DA  C C5    1 
ATOM   511 C  C6    . DA  C  1 6  ? -3.214  -12.520 -4.107  1.00 14.29 ? 6   DA  C C6    1 
ATOM   512 N  N6    . DA  C  1 6  ? -2.451  -12.629 -5.199  1.00 14.26 ? 6   DA  C N6    1 
ATOM   513 N  N1    . DA  C  1 6  ? -4.079  -13.516 -3.801  1.00 12.55 ? 6   DA  C N1    1 
ATOM   514 C  C2    . DA  C  1 6  ? -4.833  -13.397 -2.697  1.00 12.10 ? 6   DA  C C2    1 
ATOM   515 N  N3    . DA  C  1 6  ? -4.877  -12.405 -1.811  1.00 15.12 ? 6   DA  C N3    1 
ATOM   516 C  C4    . DA  C  1 6  ? -4.002  -11.439 -2.140  1.00 16.39 ? 6   DA  C C4    1 
ATOM   517 P  P     . DG  C  1 7  ? -3.142  -9.187  4.469   1.00 23.50 ? 7   DG  C P     1 
ATOM   518 O  OP1   . DG  C  1 7  ? -4.008  -9.197  5.676   1.00 21.65 ? 7   DG  C OP1   1 
ATOM   519 O  OP2   . DG  C  1 7  ? -2.093  -8.147  4.324   1.00 26.86 ? 7   DG  C OP2   1 
ATOM   520 O  "O5'" . DG  C  1 7  ? -2.459  -10.619 4.331   1.00 21.09 ? 7   DG  C "O5'" 1 
ATOM   521 C  "C5'" . DG  C  1 7  ? -3.271  -11.803 4.236   1.00 24.88 ? 7   DG  C "C5'" 1 
ATOM   522 C  "C4'" . DG  C  1 7  ? -2.444  -12.992 3.804   1.00 19.74 ? 7   DG  C "C4'" 1 
ATOM   523 O  "O4'" . DG  C  1 7  ? -2.227  -12.966 2.373   1.00 17.05 ? 7   DG  C "O4'" 1 
ATOM   524 C  "C3'" . DG  C  1 7  ? -1.051  -13.103 4.432   1.00 17.32 ? 7   DG  C "C3'" 1 
ATOM   525 O  "O3'" . DG  C  1 7  ? -0.798  -14.499 4.589   1.00 18.48 ? 7   DG  C "O3'" 1 
ATOM   526 C  "C2'" . DG  C  1 7  ? -0.134  -12.645 3.317   1.00 16.62 ? 7   DG  C "C2'" 1 
ATOM   527 C  "C1'" . DG  C  1 7  ? -0.860  -13.251 2.137   1.00 17.49 ? 7   DG  C "C1'" 1 
ATOM   528 N  N9    . DG  C  1 7  ? -0.500  -12.711 0.834   1.00 17.01 ? 7   DG  C N9    1 
ATOM   529 C  C8    . DG  C  1 7  ? -0.033  -11.450 0.548   1.00 17.10 ? 7   DG  C C8    1 
ATOM   530 N  N7    . DG  C  1 7  ? 0.216   -11.271 -0.720  1.00 13.59 ? 7   DG  C N7    1 
ATOM   531 C  C5    . DG  C  1 7  ? -0.102  -12.487 -1.308  1.00 14.69 ? 7   DG  C C5    1 
ATOM   532 C  C6    . DG  C  1 7  ? -0.035  -12.895 -2.671  1.00 15.39 ? 7   DG  C C6    1 
ATOM   533 O  O6    . DG  C  1 7  ? 0.328   -12.238 -3.649  1.00 14.45 ? 7   DG  C O6    1 
ATOM   534 N  N1    . DG  C  1 7  ? -0.449  -14.216 -2.837  1.00 14.90 ? 7   DG  C N1    1 
ATOM   535 C  C2    . DG  C  1 7  ? -0.872  -15.037 -1.815  1.00 18.20 ? 7   DG  C C2    1 
ATOM   536 N  N2    . DG  C  1 7  ? -1.232  -16.280 -2.169  1.00 22.78 ? 7   DG  C N2    1 
ATOM   537 N  N3    . DG  C  1 7  ? -0.938  -14.667 -0.540  1.00 16.78 ? 7   DG  C N3    1 
ATOM   538 C  C4    . DG  C  1 7  ? -0.540  -13.388 -0.360  1.00 18.28 ? 7   DG  C C4    1 
ATOM   539 P  P     . DC  C  1 8  ? 0.639   -15.028 5.044   1.00 15.81 ? 8   DC  C P     1 
ATOM   540 O  OP1   . DC  C  1 8  ? 0.432   -16.327 5.711   1.00 20.77 ? 8   DC  C OP1   1 
ATOM   541 O  OP2   . DC  C  1 8  ? 1.333   -13.954 5.774   1.00 17.81 ? 8   DC  C OP2   1 
ATOM   542 O  "O5'" . DC  C  1 8  ? 1.441   -15.235 3.669   1.00 16.93 ? 8   DC  C "O5'" 1 
ATOM   543 C  "C5'" . DC  C  1 8  ? 1.077   -16.295 2.782   1.00 17.26 ? 8   DC  C "C5'" 1 
ATOM   544 C  "C4'" . DC  C  1 8  ? 1.802   -16.172 1.449   1.00 18.75 ? 8   DC  C "C4'" 1 
ATOM   545 O  "O4'" . DC  C  1 8  ? 1.495   -14.901 0.857   1.00 16.59 ? 8   DC  C "O4'" 1 
ATOM   546 C  "C3'" . DC  C  1 8  ? 3.319   -16.211 1.529   1.00 17.40 ? 8   DC  C "C3'" 1 
ATOM   547 O  "O3'" . DC  C  1 8  ? 3.745   -17.525 1.434   1.00 21.34 ? 8   DC  C "O3'" 1 
ATOM   548 C  "C2'" . DC  C  1 8  ? 3.751   -15.431 0.291   1.00 15.15 ? 8   DC  C "C2'" 1 
ATOM   549 C  "C1'" . DC  C  1 8  ? 2.588   -14.454 0.080   1.00 14.28 ? 8   DC  C "C1'" 1 
ATOM   550 N  N1    . DC  C  1 8  ? 2.880   -13.072 0.489   1.00 13.50 ? 8   DC  C N1    1 
ATOM   551 C  C2    . DC  C  1 8  ? 3.140   -12.120 -0.483  1.00 15.28 ? 8   DC  C C2    1 
ATOM   552 O  O2    . DC  C  1 8  ? 3.157   -12.472 -1.671  1.00 14.44 ? 8   DC  C O2    1 
ATOM   553 N  N3    . DC  C  1 8  ? 3.380   -10.838 -0.101  1.00 11.30 ? 8   DC  C N3    1 
ATOM   554 C  C4    . DC  C  1 8  ? 3.336   -10.508 1.185   1.00 14.64 ? 8   DC  C C4    1 
ATOM   555 N  N4    . DC  C  1 8  ? 3.576   -9.233  1.512   1.00 12.97 ? 8   DC  C N4    1 
ATOM   556 C  C5    . DC  C  1 8  ? 3.065   -11.476 2.206   1.00 14.26 ? 8   DC  C C5    1 
ATOM   557 C  C6    . DC  C  1 8  ? 2.833   -12.732 1.812   1.00 15.66 ? 8   DC  C C6    1 
ATOM   558 P  P     . DG  C  1 9  ? 4.766   -18.130 2.511   1.00 22.22 ? 9   DG  C P     1 
ATOM   559 O  OP1   . DG  C  1 9  ? 3.929   -18.849 3.491   1.00 20.34 ? 9   DG  C OP1   1 
ATOM   560 O  OP2   . DG  C  1 9  ? 5.678   -17.069 2.991   1.00 23.92 ? 9   DG  C OP2   1 
ATOM   561 O  "O5'" . DG  C  1 9  ? 5.608   -19.172 1.642   1.00 26.62 ? 9   DG  C "O5'" 1 
ATOM   562 C  "C5'" . DG  C  1 9  ? 4.920   -20.158 0.866   1.00 25.14 ? 9   DG  C "C5'" 1 
ATOM   563 C  "C4'" . DG  C  1 9  ? 5.492   -20.245 -0.538  1.00 24.61 ? 9   DG  C "C4'" 1 
ATOM   564 O  "O4'" . DG  C  1 9  ? 5.070   -19.094 -1.314  1.00 21.57 ? 9   DG  C "O4'" 1 
ATOM   565 C  "C3'" . DG  C  1 9  ? 7.005   -20.236 -0.606  1.00 25.91 ? 9   DG  C "C3'" 1 
ATOM   566 O  "O3'" . DG  C  1 9  ? 7.498   -21.564 -0.507  1.00 35.14 ? 9   DG  C "O3'" 1 
ATOM   567 C  "C2'" . DG  C  1 9  ? 7.277   -19.637 -1.981  1.00 19.69 ? 9   DG  C "C2'" 1 
ATOM   568 C  "C1'" . DG  C  1 9  ? 6.141   -18.621 -2.121  1.00 22.89 ? 9   DG  C "C1'" 1 
ATOM   569 N  N9    . DG  C  1 9  ? 6.485   -17.261 -1.676  1.00 15.41 ? 9   DG  C N9    1 
ATOM   570 C  C8    . DG  C  1 9  ? 7.101   -16.910 -0.503  1.00 16.65 ? 9   DG  C C8    1 
ATOM   571 N  N7    . DG  C  1 9  ? 7.253   -15.618 -0.361  1.00 17.55 ? 9   DG  C N7    1 
ATOM   572 C  C5    . DG  C  1 9  ? 6.684   -15.077 -1.510  1.00 13.15 ? 9   DG  C C5    1 
ATOM   573 C  C6    . DG  C  1 9  ? 6.546   -13.722 -1.910  1.00 16.02 ? 9   DG  C C6    1 
ATOM   574 O  O6    . DG  C  1 9  ? 6.914   -12.705 -1.309  1.00 17.86 ? 9   DG  C O6    1 
ATOM   575 N  N1    . DG  C  1 9  ? 5.898   -13.609 -3.141  1.00 13.83 ? 9   DG  C N1    1 
ATOM   576 C  C2    . DG  C  1 9  ? 5.452   -14.661 -3.887  1.00 17.30 ? 9   DG  C C2    1 
ATOM   577 N  N2    . DG  C  1 9  ? 4.855   -14.348 -5.049  1.00 16.60 ? 9   DG  C N2    1 
ATOM   578 N  N3    . DG  C  1 9  ? 5.581   -15.938 -3.527  1.00 14.62 ? 9   DG  C N3    1 
ATOM   579 C  C4    . DG  C  1 9  ? 6.201   -16.069 -2.327  1.00 15.98 ? 9   DG  C C4    1 
ATOM   580 P  P     . DA  C  1 10 ? 8.918   -21.834 0.196   1.00 39.58 ? 10  DA  C P     1 
ATOM   581 O  OP1   . DA  C  1 10 ? 9.016   -20.997 1.417   1.00 36.93 ? 10  DA  C OP1   1 
ATOM   582 O  OP2   . DA  C  1 10 ? 9.943   -21.690 -0.866  1.00 39.85 ? 10  DA  C OP2   1 
ATOM   583 O  "O5'" . DA  C  1 10 ? 8.847   -23.368 0.638   1.00 47.49 ? 10  DA  C "O5'" 1 
ATOM   584 C  "C5'" . DA  C  1 10 ? 9.210   -24.386 -0.281  1.00 43.88 ? 10  DA  C "C5'" 1 
ATOM   585 C  "C4'" . DA  C  1 10 ? 9.960   -25.499 0.425   1.00 44.22 ? 10  DA  C "C4'" 1 
ATOM   586 O  "O4'" . DA  C  1 10 ? 10.581  -26.348 -0.566  1.00 45.77 ? 10  DA  C "O4'" 1 
ATOM   587 C  "C3'" . DA  C  1 10 ? 11.093  -25.040 1.339   1.00 47.67 ? 10  DA  C "C3'" 1 
ATOM   588 O  "O3'" . DA  C  1 10 ? 11.280  -25.977 2.392   1.00 55.63 ? 10  DA  C "O3'" 1 
ATOM   589 C  "C2'" . DA  C  1 10 ? 12.294  -25.009 0.396   1.00 42.74 ? 10  DA  C "C2'" 1 
ATOM   590 C  "C1'" . DA  C  1 10 ? 11.986  -26.172 -0.552  1.00 41.76 ? 10  DA  C "C1'" 1 
ATOM   591 N  N9    . DA  C  1 10 ? 12.433  -25.977 -1.936  1.00 39.21 ? 10  DA  C N9    1 
ATOM   592 C  C8    . DA  C  1 10 ? 12.841  -26.959 -2.798  1.00 34.08 ? 10  DA  C C8    1 
ATOM   593 N  N7    . DA  C  1 10 ? 13.174  -26.519 -3.987  1.00 34.02 ? 10  DA  C N7    1 
ATOM   594 C  C5    . DA  C  1 10 ? 12.960  -25.148 -3.914  1.00 31.86 ? 10  DA  C C5    1 
ATOM   595 C  C6    . DA  C  1 10 ? 13.131  -24.109 -4.854  1.00 29.34 ? 10  DA  C C6    1 
ATOM   596 N  N6    . DA  C  1 10 ? 13.567  -24.306 -6.101  1.00 29.10 ? 10  DA  C N6    1 
ATOM   597 N  N1    . DA  C  1 10 ? 12.835  -22.855 -4.460  1.00 29.07 ? 10  DA  C N1    1 
ATOM   598 C  C2    . DA  C  1 10 ? 12.394  -22.660 -3.212  1.00 28.64 ? 10  DA  C C2    1 
ATOM   599 N  N3    . DA  C  1 10 ? 12.193  -23.551 -2.243  1.00 33.98 ? 10  DA  C N3    1 
ATOM   600 C  C4    . DA  C  1 10 ? 12.497  -24.791 -2.659  1.00 33.87 ? 10  DA  C C4    1 
ATOM   601 O  "O5'" . DC  D  1 1  ? 14.160  -2.158  -2.069  1.00 31.24 ? 1   DC  D "O5'" 1 
ATOM   602 C  "C5'" . DC  D  1 1  ? 15.435  -2.716  -2.413  1.00 29.90 ? 1   DC  D "C5'" 1 
ATOM   603 C  "C4'" . DC  D  1 1  ? 15.287  -3.948  -3.296  1.00 26.41 ? 1   DC  D "C4'" 1 
ATOM   604 O  "O4'" . DC  D  1 1  ? 14.548  -4.975  -2.586  1.00 27.67 ? 1   DC  D "O4'" 1 
ATOM   605 C  "C3'" . DC  D  1 1  ? 14.525  -3.731  -4.595  1.00 22.93 ? 1   DC  D "C3'" 1 
ATOM   606 O  "O3'" . DC  D  1 1  ? 14.993  -4.647  -5.570  1.00 24.94 ? 1   DC  D "O3'" 1 
ATOM   607 C  "C2'" . DC  D  1 1  ? 13.090  -4.052  -4.181  1.00 21.92 ? 1   DC  D "C2'" 1 
ATOM   608 C  "C1'" . DC  D  1 1  ? 13.323  -5.242  -3.255  1.00 23.71 ? 1   DC  D "C1'" 1 
ATOM   609 N  N1    . DC  D  1 1  ? 12.276  -5.435  -2.206  1.00 17.88 ? 1   DC  D N1    1 
ATOM   610 C  C2    . DC  D  1 1  ? 11.466  -6.583  -2.223  1.00 18.38 ? 1   DC  D C2    1 
ATOM   611 O  O2    . DC  D  1 1  ? 11.574  -7.388  -3.149  1.00 18.13 ? 1   DC  D O2    1 
ATOM   612 N  N3    . DC  D  1 1  ? 10.556  -6.751  -1.242  1.00 18.97 ? 1   DC  D N3    1 
ATOM   613 C  C4    . DC  D  1 1  ? 10.455  -5.853  -0.258  1.00 19.81 ? 1   DC  D C4    1 
ATOM   614 N  N4    . DC  D  1 1  ? 9.544   -6.074  0.689   1.00 18.62 ? 1   DC  D N4    1 
ATOM   615 C  C5    . DC  D  1 1  ? 11.286  -4.692  -0.204  1.00 17.32 ? 1   DC  D C5    1 
ATOM   616 C  C6    . DC  D  1 1  ? 12.178  -4.532  -1.183  1.00 19.01 ? 1   DC  D C6    1 
ATOM   617 P  P     . DA  D  1 2  ? 15.276  -4.156  -7.074  1.00 28.30 ? 2   DA  D P     1 
ATOM   618 O  OP1   . DA  D  1 2  ? 16.414  -3.212  -7.031  1.00 28.78 ? 2   DA  D OP1   1 
ATOM   619 O  OP2   . DA  D  1 2  ? 13.990  -3.778  -7.690  1.00 25.74 ? 2   DA  D OP2   1 
ATOM   620 O  "O5'" . DA  D  1 2  ? 15.806  -5.465  -7.801  1.00 26.09 ? 2   DA  D "O5'" 1 
ATOM   621 C  "C5'" . DA  D  1 2  ? 14.935  -6.542  -8.056  1.00 23.89 ? 2   DA  D "C5'" 1 
ATOM   622 C  "C4'" . DA  D  1 2  ? 15.573  -7.495  -9.049  1.00 22.88 ? 2   DA  D "C4'" 1 
ATOM   623 O  "O4'" . DA  D  1 2  ? 16.965  -7.688  -8.707  1.00 20.85 ? 2   DA  D "O4'" 1 
ATOM   624 C  "C3'" . DA  D  1 2  ? 14.977  -8.879  -9.073  1.00 19.25 ? 2   DA  D "C3'" 1 
ATOM   625 O  "O3'" . DA  D  1 2  ? 15.217  -9.472  -10.332 1.00 21.03 ? 2   DA  D "O3'" 1 
ATOM   626 C  "C2'" . DA  D  1 2  ? 15.751  -9.587  -7.973  1.00 22.46 ? 2   DA  D "C2'" 1 
ATOM   627 C  "C1'" . DA  D  1 2  ? 17.138  -8.961  -8.101  1.00 20.62 ? 2   DA  D "C1'" 1 
ATOM   628 N  N9    . DA  D  1 2  ? 17.781  -8.766  -6.817  1.00 20.12 ? 2   DA  D N9    1 
ATOM   629 C  C8    . DA  D  1 2  ? 18.039  -7.574  -6.195  1.00 22.53 ? 2   DA  D C8    1 
ATOM   630 N  N7    . DA  D  1 2  ? 18.626  -7.705  -5.031  1.00 20.38 ? 2   DA  D N7    1 
ATOM   631 C  C5    . DA  D  1 2  ? 18.754  -9.069  -4.872  1.00 20.62 ? 2   DA  D C5    1 
ATOM   632 C  C6    . DA  D  1 2  ? 19.289  -9.852  -3.835  1.00 19.24 ? 2   DA  D C6    1 
ATOM   633 N  N6    . DA  D  1 2  ? 19.829  -9.329  -2.724  1.00 23.91 ? 2   DA  D N6    1 
ATOM   634 N  N1    . DA  D  1 2  ? 19.267  -11.188 -3.987  1.00 19.78 ? 2   DA  D N1    1 
ATOM   635 C  C2    . DA  D  1 2  ? 18.737  -11.705 -5.106  1.00 19.51 ? 2   DA  D C2    1 
ATOM   636 N  N3    . DA  D  1 2  ? 18.195  -11.068 -6.150  1.00 19.13 ? 2   DA  D N3    1 
ATOM   637 C  C4    . DA  D  1 2  ? 18.231  -9.742  -5.962  1.00 20.95 ? 2   DA  D C4    1 
ATOM   638 P  P     . DC  D  1 3  ? 14.039  -9.528  -11.412 1.00 24.86 ? 3   DC  D P     1 
ATOM   639 O  OP1   . DC  D  1 3  ? 14.642  -9.874  -12.716 1.00 26.06 ? 3   DC  D OP1   1 
ATOM   640 O  OP2   . DC  D  1 3  ? 13.254  -8.281  -11.270 1.00 20.57 ? 3   DC  D OP2   1 
ATOM   641 O  "O5'" . DC  D  1 3  ? 13.101  -10.705 -10.899 1.00 21.04 ? 3   DC  D "O5'" 1 
ATOM   642 C  "C5'" . DC  D  1 3  ? 13.635  -11.997 -10.640 1.00 20.65 ? 3   DC  D "C5'" 1 
ATOM   643 C  "C4'" . DC  D  1 3  ? 12.572  -12.861 -10.004 1.00 21.17 ? 3   DC  D "C4'" 1 
ATOM   644 O  "O4'" . DC  D  1 3  ? 12.477  -12.536 -8.604  1.00 23.53 ? 3   DC  D "O4'" 1 
ATOM   645 C  "C3'" . DC  D  1 3  ? 11.192  -12.651 -10.608 1.00 23.40 ? 3   DC  D "C3'" 1 
ATOM   646 O  "O3'" . DC  D  1 3  ? 10.830  -13.787 -11.326 1.00 26.84 ? 3   DC  D "O3'" 1 
ATOM   647 C  "C2'" . DC  D  1 3  ? 10.243  -12.417 -9.431  1.00 21.42 ? 3   DC  D "C2'" 1 
ATOM   648 C  "C1'" . DC  D  1 3  ? 11.147  -12.232 -8.227  1.00 16.24 ? 3   DC  D "C1'" 1 
ATOM   649 N  N1    . DC  D  1 3  ? 11.133  -10.857 -7.654  1.00 18.28 ? 3   DC  D N1    1 
ATOM   650 C  C2    . DC  D  1 3  ? 10.887  -10.709 -6.291  1.00 17.68 ? 3   DC  D C2    1 
ATOM   651 O  O2    . DC  D  1 3  ? 10.650  -11.725 -5.613  1.00 15.35 ? 3   DC  D O2    1 
ATOM   652 N  N3    . DC  D  1 3  ? 10.918  -9.470  -5.750  1.00 13.78 ? 3   DC  D N3    1 
ATOM   653 C  C4    . DC  D  1 3  ? 11.167  -8.408  -6.520  1.00 16.12 ? 3   DC  D C4    1 
ATOM   654 N  N4    . DC  D  1 3  ? 11.180  -7.208  -5.937  1.00 20.37 ? 3   DC  D N4    1 
ATOM   655 C  C5    . DC  D  1 3  ? 11.427  -8.534  -7.921  1.00 20.23 ? 3   DC  D C5    1 
ATOM   656 C  C6    . DC  D  1 3  ? 11.409  -9.771  -8.441  1.00 18.81 ? 3   DC  D C6    1 
ATOM   657 P  P     . DC  D  1 4  ? 9.680   -13.691 -12.441 1.00 34.20 ? 4   DC  D P     1 
ATOM   658 O  OP1   . DC  D  1 4  ? 9.681   -14.996 -13.157 1.00 26.12 ? 4   DC  D OP1   1 
ATOM   659 O  OP2   . DC  D  1 4  ? 9.901   -12.416 -13.170 1.00 27.74 ? 4   DC  D OP2   1 
ATOM   660 O  "O5'" . DC  D  1 4  ? 8.317   -13.532 -11.589 1.00 26.35 ? 4   DC  D "O5'" 1 
ATOM   661 C  "C5'" . DC  D  1 4  ? 7.782   -14.641 -10.864 1.00 20.13 ? 4   DC  D "C5'" 1 
ATOM   662 C  "C4'" . DC  D  1 4  ? 6.725   -14.192 -9.863  1.00 25.82 ? 4   DC  D "C4'" 1 
ATOM   663 O  "O4'" . DC  D  1 4  ? 7.360   -13.476 -8.771  1.00 17.67 ? 4   DC  D "O4'" 1 
ATOM   664 C  "C3'" . DC  D  1 4  ? 5.704   -13.199 -10.386 1.00 19.07 ? 4   DC  D "C3'" 1 
ATOM   665 O  "O3'" . DC  D  1 4  ? 4.679   -13.858 -11.160 1.00 24.59 ? 4   DC  D "O3'" 1 
ATOM   666 C  "C2'" . DC  D  1 4  ? 5.157   -12.627 -9.072  1.00 18.65 ? 4   DC  D "C2'" 1 
ATOM   667 C  "C1'" . DC  D  1 4  ? 6.403   -12.640 -8.160  1.00 16.16 ? 4   DC  D "C1'" 1 
ATOM   668 N  N1    . DC  D  1 4  ? 6.970   -11.276 -7.928  1.00 14.34 ? 4   DC  D N1    1 
ATOM   669 C  C2    . DC  D  1 4  ? 7.247   -10.860 -6.622  1.00 15.72 ? 4   DC  D C2    1 
ATOM   670 O  O2    . DC  D  1 4  ? 7.079   -11.662 -5.699  1.00 15.91 ? 4   DC  D O2    1 
ATOM   671 N  N3    . DC  D  1 4  ? 7.709   -9.591  -6.414  1.00 15.20 ? 4   DC  D N3    1 
ATOM   672 C  C4    . DC  D  1 4  ? 7.872   -8.762  -7.462  1.00 18.22 ? 4   DC  D C4    1 
ATOM   673 N  N4    . DC  D  1 4  ? 8.325   -7.522  -7.225  1.00 18.24 ? 4   DC  D N4    1 
ATOM   674 C  C5    . DC  D  1 4  ? 7.582   -9.172  -8.797  1.00 17.60 ? 4   DC  D C5    1 
ATOM   675 C  C6    . DC  D  1 4  ? 7.127   -10.416 -8.980  1.00 17.00 ? 4   DC  D C6    1 
ATOM   676 P  P     . DT  D  1 5  ? 3.555   -12.992 -11.920 1.00 25.61 ? 5   DT  D P     1 
ATOM   677 O  OP1   . DT  D  1 5  ? 2.922   -13.854 -12.934 1.00 30.41 ? 5   DT  D OP1   1 
ATOM   678 O  OP2   . DT  D  1 5  ? 4.135   -11.678 -12.292 1.00 23.54 ? 5   DT  D OP2   1 
ATOM   679 O  "O5'" . DT  D  1 5  ? 2.459   -12.674 -10.794 1.00 22.64 ? 5   DT  D "O5'" 1 
ATOM   680 C  "C5'" . DT  D  1 5  ? 1.678   -13.720 -10.240 1.00 17.67 ? 5   DT  D "C5'" 1 
ATOM   681 C  "C4'" . DT  D  1 5  ? 0.595   -13.157 -9.334  1.00 13.89 ? 5   DT  D "C4'" 1 
ATOM   682 O  "O4'" . DT  D  1 5  ? -0.206  -14.260 -8.849  1.00 15.57 ? 5   DT  D "O4'" 1 
ATOM   683 C  "C3'" . DT  D  1 5  ? 1.097   -12.481 -8.059  1.00 13.62 ? 5   DT  D "C3'" 1 
ATOM   684 O  "O3'" . DT  D  1 5  ? 0.016   -11.748 -7.485  1.00 14.84 ? 5   DT  D "O3'" 1 
ATOM   685 C  "C2'" . DT  D  1 5  ? 1.373   -13.721 -7.210  1.00 14.80 ? 5   DT  D "C2'" 1 
ATOM   686 C  "C1'" . DT  D  1 5  ? 0.062   -14.458 -7.468  1.00 13.60 ? 5   DT  D "C1'" 1 
ATOM   687 N  N1    . DT  D  1 5  ? 0.053   -15.934 -7.208  1.00 17.86 ? 5   DT  D N1    1 
ATOM   688 C  C2    . DT  D  1 5  ? -0.485  -16.414 -6.031  1.00 17.22 ? 5   DT  D C2    1 
ATOM   689 O  O2    . DT  D  1 5  ? -0.923  -15.696 -5.152  1.00 15.30 ? 5   DT  D O2    1 
ATOM   690 N  N3    . DT  D  1 5  ? -0.484  -17.777 -5.916  1.00 19.60 ? 5   DT  D N3    1 
ATOM   691 C  C4    . DT  D  1 5  ? -0.024  -18.698 -6.836  1.00 19.97 ? 5   DT  D C4    1 
ATOM   692 O  O4    . DT  D  1 5  ? -0.070  -19.910 -6.629  1.00 19.39 ? 5   DT  D O4    1 
ATOM   693 C  C5    . DT  D  1 5  ? 0.505   -18.144 -8.054  1.00 21.82 ? 5   DT  D C5    1 
ATOM   694 C  C7    . DT  D  1 5  ? 1.035   -19.059 -9.126  1.00 20.64 ? 5   DT  D C7    1 
ATOM   695 C  C6    . DT  D  1 5  ? 0.512   -16.800 -8.187  1.00 19.60 ? 5   DT  D C6    1 
ATOM   696 P  P     . DA  D  1 6  ? 0.013   -10.154 -7.304  1.00 12.33 ? 6   DA  D P     1 
ATOM   697 O  OP1   . DA  D  1 6  ? 1.383   -9.618  -7.174  1.00 12.54 ? 6   DA  D OP1   1 
ATOM   698 O  OP2   . DA  D  1 6  ? -0.938  -9.918  -6.202  1.00 14.31 ? 6   DA  D OP2   1 
ATOM   699 O  "O5'" . DA  D  1 6  ? -0.586  -9.594  -8.677  1.00 14.60 ? 6   DA  D "O5'" 1 
ATOM   700 C  "C5'" . DA  D  1 6  ? -1.952  -9.841  -9.039  1.00 18.56 ? 6   DA  D "C5'" 1 
ATOM   701 C  "C4'" . DA  D  1 6  ? -2.686  -8.524  -9.250  1.00 18.00 ? 6   DA  D "C4'" 1 
ATOM   702 O  "O4'" . DA  D  1 6  ? -3.186  -8.068  -7.983  1.00 14.29 ? 6   DA  D "O4'" 1 
ATOM   703 C  "C3'" . DA  D  1 6  ? -1.817  -7.392  -9.790  1.00 19.01 ? 6   DA  D "C3'" 1 
ATOM   704 O  "O3'" . DA  D  1 6  ? -1.986  -7.287  -11.211 1.00 20.26 ? 6   DA  D "O3'" 1 
ATOM   705 C  "C2'" . DA  D  1 6  ? -2.329  -6.130  -9.079  1.00 20.65 ? 6   DA  D "C2'" 1 
ATOM   706 C  "C1'" . DA  D  1 6  ? -3.162  -6.657  -7.915  1.00 19.70 ? 6   DA  D "C1'" 1 
ATOM   707 N  N9    . DA  D  1 6  ? -2.658  -6.292  -6.594  1.00 17.75 ? 6   DA  D N9    1 
ATOM   708 C  C8    . DA  D  1 6  ? -2.113  -7.142  -5.673  1.00 15.65 ? 6   DA  D C8    1 
ATOM   709 N  N7    . DA  D  1 6  ? -1.754  -6.561  -4.557  1.00 14.25 ? 6   DA  D N7    1 
ATOM   710 C  C5    . DA  D  1 6  ? -2.101  -5.239  -4.746  1.00 21.33 ? 6   DA  D C5    1 
ATOM   711 C  C6    . DA  D  1 6  ? -1.988  -4.110  -3.917  1.00 21.32 ? 6   DA  D C6    1 
ATOM   712 N  N6    . DA  D  1 6  ? -1.488  -4.161  -2.677  1.00 18.99 ? 6   DA  D N6    1 
ATOM   713 N  N1    . DA  D  1 6  ? -2.421  -2.932  -4.406  1.00 21.01 ? 6   DA  D N1    1 
ATOM   714 C  C2    . DA  D  1 6  ? -2.930  -2.897  -5.645  1.00 21.98 ? 6   DA  D C2    1 
ATOM   715 N  N3    . DA  D  1 6  ? -3.099  -3.892  -6.515  1.00 21.46 ? 6   DA  D N3    1 
ATOM   716 C  C4    . DA  D  1 6  ? -2.661  -5.050  -5.998  1.00 20.29 ? 6   DA  D C4    1 
ATOM   717 P  P     . DG  D  1 7  ? -0.698  -7.248  -12.160 1.00 20.05 ? 7   DG  D P     1 
ATOM   718 O  OP1   . DG  D  1 7  ? -1.153  -6.952  -13.543 1.00 21.29 ? 7   DG  D OP1   1 
ATOM   719 O  OP2   . DG  D  1 7  ? 0.104   -8.469  -11.896 1.00 21.37 ? 7   DG  D OP2   1 
ATOM   720 O  "O5'" . DG  D  1 7  ? 0.107   -5.986  -11.616 1.00 20.89 ? 7   DG  D "O5'" 1 
ATOM   721 C  "C5'" . DG  D  1 7  ? -0.472  -4.671  -11.688 1.00 17.77 ? 7   DG  D "C5'" 1 
ATOM   722 C  "C4'" . DG  D  1 7  ? 0.341   -3.677  -10.890 1.00 19.89 ? 7   DG  D "C4'" 1 
ATOM   723 O  "O4'" . DG  D  1 7  ? 0.190   -3.917  -9.470  1.00 19.32 ? 7   DG  D "O4'" 1 
ATOM   724 C  "C3'" . DG  D  1 7  ? 1.850   -3.681  -11.153 1.00 18.19 ? 7   DG  D "C3'" 1 
ATOM   725 O  "O3'" . DG  D  1 7  ? 2.286   -2.330  -11.021 1.00 20.64 ? 7   DG  D "O3'" 1 
ATOM   726 C  "C2'" . DG  D  1 7  ? 2.408   -4.390  -9.935  1.00 16.97 ? 7   DG  D "C2'" 1 
ATOM   727 C  "C1'" . DG  D  1 7  ? 1.477   -3.829  -8.886  1.00 18.59 ? 7   DG  D "C1'" 1 
ATOM   728 N  N9    . DG  D  1 7  ? 1.454   -4.539  -7.615  1.00 18.05 ? 7   DG  D N9    1 
ATOM   729 C  C8    . DG  D  1 7  ? 1.494   -5.897  -7.413  1.00 17.74 ? 7   DG  D C8    1 
ATOM   730 N  N7    . DG  D  1 7  ? 1.474   -6.228  -6.150  1.00 15.16 ? 7   DG  D N7    1 
ATOM   731 C  C5    . DG  D  1 7  ? 1.423   -5.015  -5.479  1.00 15.88 ? 7   DG  D C5    1 
ATOM   732 C  C6    . DG  D  1 7  ? 1.382   -4.736  -4.081  1.00 14.60 ? 7   DG  D C6    1 
ATOM   733 O  O6    . DG  D  1 7  ? 1.383   -5.535  -3.141  1.00 15.75 ? 7   DG  D O6    1 
ATOM   734 N  N1    . DG  D  1 7  ? 1.337   -3.367  -3.828  1.00 15.80 ? 7   DG  D N1    1 
ATOM   735 C  C2    . DG  D  1 7  ? 1.334   -2.391  -4.798  1.00 22.71 ? 7   DG  D C2    1 
ATOM   736 N  N2    . DG  D  1 7  ? 1.288   -1.125  -4.360  1.00 21.82 ? 7   DG  D N2    1 
ATOM   737 N  N3    . DG  D  1 7  ? 1.372   -2.638  -6.104  1.00 18.26 ? 7   DG  D N3    1 
ATOM   738 C  C4    . DG  D  1 7  ? 1.415   -3.963  -6.371  1.00 16.73 ? 7   DG  D C4    1 
ATOM   739 P  P     . DC  D  1 8  ? 3.830   -1.950  -11.169 1.00 22.87 ? 8   DC  D P     1 
ATOM   740 O  OP1   . DC  D  1 8  ? 3.875   -0.501  -11.457 1.00 24.11 ? 8   DC  D OP1   1 
ATOM   741 O  OP2   . DC  D  1 8  ? 4.457   -2.951  -12.057 1.00 19.40 ? 8   DC  D OP2   1 
ATOM   742 O  "O5'" . DC  D  1 8  ? 4.407   -2.120  -9.685  1.00 21.28 ? 8   DC  D "O5'" 1 
ATOM   743 C  "C5'" . DC  D  1 8  ? 3.882   -1.312  -8.638  1.00 21.01 ? 8   DC  D "C5'" 1 
ATOM   744 C  "C4'" . DC  D  1 8  ? 4.443   -1.735  -7.295  1.00 19.29 ? 8   DC  D "C4'" 1 
ATOM   745 O  "O4'" . DC  D  1 8  ? 3.929   -3.023  -6.942  1.00 18.49 ? 8   DC  D "O4'" 1 
ATOM   746 C  "C3'" . DC  D  1 8  ? 5.950   -1.865  -7.251  1.00 20.83 ? 8   DC  D "C3'" 1 
ATOM   747 O  "O3'" . DC  D  1 8  ? 6.462   -0.647  -6.774  1.00 22.61 ? 8   DC  D "O3'" 1 
ATOM   748 C  "C2'" . DC  D  1 8  ? 6.197   -3.011  -6.247  1.00 21.01 ? 8   DC  D "C2'" 1 
ATOM   749 C  "C1'" . DC  D  1 8  ? 4.827   -3.696  -6.095  1.00 16.04 ? 8   DC  D "C1'" 1 
ATOM   750 N  N1    . DC  D  1 8  ? 4.805   -5.131  -6.515  1.00 16.17 ? 8   DC  D N1    1 
ATOM   751 C  C2    . DC  D  1 8  ? 4.533   -6.161  -5.582  1.00 16.36 ? 8   DC  D C2    1 
ATOM   752 O  O2    . DC  D  1 8  ? 4.342   -5.883  -4.380  1.00 14.35 ? 8   DC  D O2    1 
ATOM   753 N  N3    . DC  D  1 8  ? 4.495   -7.448  -6.026  1.00 14.15 ? 8   DC  D N3    1 
ATOM   754 C  C4    . DC  D  1 8  ? 4.697   -7.719  -7.317  1.00 16.55 ? 8   DC  D C4    1 
ATOM   755 N  N4    . DC  D  1 8  ? 4.653   -9.001  -7.701  1.00 20.32 ? 8   DC  D N4    1 
ATOM   756 C  C5    . DC  D  1 8  ? 4.955   -6.693  -8.272  1.00 17.44 ? 8   DC  D C5    1 
ATOM   757 C  C6    . DC  D  1 8  ? 4.996   -5.429  -7.834  1.00 16.02 ? 8   DC  D C6    1 
ATOM   758 P  P     . DG  D  1 9  ? 7.963   -0.181  -7.084  1.00 25.48 ? 9   DG  D P     1 
ATOM   759 O  OP1   . DG  D  1 9  ? 7.845   1.191   -7.606  1.00 22.80 ? 9   DG  D OP1   1 
ATOM   760 O  OP2   . DG  D  1 9  ? 8.698   -1.241  -7.810  1.00 23.99 ? 9   DG  D OP2   1 
ATOM   761 O  "O5'" . DG  D  1 9  ? 8.621   -0.124  -5.640  1.00 23.35 ? 9   DG  D "O5'" 1 
ATOM   762 C  "C5'" . DG  D  1 9  ? 8.163   0.811   -4.698  1.00 22.99 ? 9   DG  D "C5'" 1 
ATOM   763 C  "C4'" . DG  D  1 9  ? 8.909   0.656   -3.390  1.00 21.93 ? 9   DG  D "C4'" 1 
ATOM   764 O  "O4'" . DG  D  1 9  ? 8.727   -0.680  -2.879  1.00 23.61 ? 9   DG  D "O4'" 1 
ATOM   765 C  "C3'" . DG  D  1 9  ? 10.417  0.848   -3.460  1.00 23.56 ? 9   DG  D "C3'" 1 
ATOM   766 O  "O3'" . DG  D  1 9  ? 10.882  1.221   -2.192  1.00 30.10 ? 9   DG  D "O3'" 1 
ATOM   767 C  "C2'" . DG  D  1 9  ? 10.909  -0.553  -3.806  1.00 21.49 ? 9   DG  D "C2'" 1 
ATOM   768 C  "C1'" . DG  D  1 9  ? 9.934   -1.419  -3.001  1.00 23.08 ? 9   DG  D "C1'" 1 
ATOM   769 N  N9    . DG  D  1 9  ? 9.614   -2.699  -3.631  1.00 22.97 ? 9   DG  D N9    1 
ATOM   770 C  C8    . DG  D  1 9  ? 10.005  -3.136  -4.872  1.00 21.87 ? 9   DG  D C8    1 
ATOM   771 N  N7    . DG  D  1 9  ? 9.553   -4.328  -5.167  1.00 21.67 ? 9   DG  D N7    1 
ATOM   772 C  C5    . DG  D  1 9  ? 8.802   -4.693  -4.054  1.00 18.50 ? 9   DG  D C5    1 
ATOM   773 C  C6    . DG  D  1 9  ? 8.070   -5.878  -3.796  1.00 15.50 ? 9   DG  D C6    1 
ATOM   774 O  O6    . DG  D  1 9  ? 7.946   -6.865  -4.525  1.00 14.27 ? 9   DG  D O6    1 
ATOM   775 N  N1    . DG  D  1 9  ? 7.461   -5.846  -2.543  1.00 14.38 ? 9   DG  D N1    1 
ATOM   776 C  C2    . DG  D  1 9  ? 7.542   -4.789  -1.659  1.00 16.61 ? 9   DG  D C2    1 
ATOM   777 N  N2    . DG  D  1 9  ? 6.874   -4.924  -0.500  1.00 16.12 ? 9   DG  D N2    1 
ATOM   778 N  N3    . DG  D  1 9  ? 8.225   -3.679  -1.891  1.00 16.83 ? 9   DG  D N3    1 
ATOM   779 C  C4    . DG  D  1 9  ? 8.825   -3.700  -3.103  1.00 18.20 ? 9   DG  D C4    1 
ATOM   780 P  P     . DA  D  1 10 ? 11.145  2.762   -1.836  1.00 31.41 ? 10  DA  D P     1 
ATOM   781 O  OP1   . DA  D  1 10 ? 11.027  3.556   -3.076  1.00 29.33 ? 10  DA  D OP1   1 
ATOM   782 O  OP2   . DA  D  1 10 ? 12.413  2.791   -1.078  1.00 34.60 ? 10  DA  D OP2   1 
ATOM   783 O  "O5'" . DA  D  1 10 ? 9.979   3.113   -0.782  1.00 31.01 ? 10  DA  D "O5'" 1 
ATOM   784 C  "C5'" . DA  D  1 10 ? 8.654   3.363   -1.223  1.00 34.41 ? 10  DA  D "C5'" 1 
ATOM   785 C  "C4'" . DA  D  1 10 ? 7.616   2.923   -0.181  1.00 31.78 ? 10  DA  D "C4'" 1 
ATOM   786 O  "O4'" . DA  D  1 10 ? 6.915   1.751   -0.638  1.00 33.44 ? 10  DA  D "O4'" 1 
ATOM   787 C  "C3'" . DA  D  1 10 ? 8.145   2.556   1.217   1.00 33.56 ? 10  DA  D "C3'" 1 
ATOM   788 O  "O3'" . DA  D  1 10 ? 7.775   3.571   2.155   1.00 35.67 ? 10  DA  D "O3'" 1 
ATOM   789 C  "C2'" . DA  D  1 10 ? 7.452   1.210   1.551   1.00 28.71 ? 10  DA  D "C2'" 1 
ATOM   790 C  "C1'" . DA  D  1 10 ? 6.349   1.140   0.490   1.00 30.45 ? 10  DA  D "C1'" 1 
ATOM   791 N  N9    . DA  D  1 10 ? 5.928   -0.219  0.130   1.00 25.10 ? 10  DA  D N9    1 
ATOM   792 C  C8    . DA  D  1 10 ? 5.971   -1.340  0.916   1.00 24.18 ? 10  DA  D C8    1 
ATOM   793 N  N7    . DA  D  1 10 ? 5.519   -2.427  0.320   1.00 24.99 ? 10  DA  D N7    1 
ATOM   794 C  C5    . DA  D  1 10 ? 5.162   -1.982  -0.951  1.00 24.11 ? 10  DA  D C5    1 
ATOM   795 C  C6    . DA  D  1 10 ? 4.617   -2.643  -2.075  1.00 21.58 ? 10  DA  D C6    1 
ATOM   796 N  N6    . DA  D  1 10 ? 4.334   -3.953  -2.094  1.00 17.69 ? 10  DA  D N6    1 
ATOM   797 N  N1    . DA  D  1 10 ? 4.376   -1.906  -3.180  1.00 21.39 ? 10  DA  D N1    1 
ATOM   798 C  C2    . DA  D  1 10 ? 4.657   -0.601  -3.159  1.00 22.53 ? 10  DA  D C2    1 
ATOM   799 N  N3    . DA  D  1 10 ? 5.171   0.126   -2.167  1.00 26.44 ? 10  DA  D N3    1 
ATOM   800 C  C4    . DA  D  1 10 ? 5.400   -0.628  -1.080  1.00 23.46 ? 10  DA  D C4    1 
HETATM 801 AG AG    . AG  E  2 .  ? -9.059  10.031  5.054   1.00 10.98 ? 101 AG  A AG    1 
HETATM 802 AG AG    . AG  F  2 .  ? -6.540  9.477   4.087   1.00 10.80 ? 102 AG  A AG    1 
HETATM 803 AG AG    . AG  G  2 .  ? -3.837  8.889   3.245   1.00 11.49 ? 103 AG  A AG    1 
HETATM 804 AG AG    . AG  H  2 .  ? -0.769  8.592   2.890   1.00 10.98 ? 104 AG  A AG    1 
HETATM 805 AG AG    . AG  I  2 .  ? -8.201  11.678  3.088   1.00 11.06 ? 105 AG  A AG    1 
HETATM 806 AG AG    . AG  J  2 .  ? -5.141  11.365  2.591   1.00 11.89 ? 106 AG  A AG    1 
HETATM 807 AG AG    . AG  K  2 .  ? -2.170  10.647  1.774   1.00 11.83 ? 107 AG  A AG    1 
HETATM 808 AG AG    . AG  L  2 .  ? 0.429   10.295  0.946   1.00 11.49 ? 108 AG  A AG    1 
HETATM 809 AG AG    . AG  M  2 .  ? -3.628  5.913   2.825   0.33 12.40 ? 109 AG  A AG    1 
HETATM 810 AG AG    . AG  N  2 .  ? -10.119 9.763   2.444   1.00 12.06 ? 110 AG  A AG    1 
HETATM 811 AG AG    . AG  O  2 .  ? -8.629  7.798   3.544   1.00 11.27 ? 111 AG  A AG    1 
HETATM 812 AG AG    . AG  P  2 .  ? -5.817  7.420   2.139   1.00 11.82 ? 112 AG  A AG    1 
HETATM 813 AG AG    . AG  Q  2 .  ? 0.141   7.619   0.423   1.00 11.99 ? 113 AG  A AG    1 
HETATM 814 AG AG    . AG  R  2 .  ? -7.443  9.577   1.495   1.00 11.49 ? 101 AG  B AG    1 
HETATM 815 AG AG    . AG  S  2 .  ? -4.610  9.501   0.722   1.00 11.90 ? 102 AG  B AG    1 
HETATM 816 AG AG    . AG  T  2 .  ? -1.680  9.421   -0.665  1.00 11.84 ? 103 AG  B AG    1 
HETATM 817 AG AG    . AG  U  2 .  ? -2.575  7.541   1.092   1.00 11.44 ? 104 AG  B AG    1 
HETATM 818 AG AG    . AG  V  2 .  ? -3.617  12.407  0.608   0.31 11.05 ? 105 AG  B AG    1 
HETATM 819 AG AG    . AG  W  2 .  ? -5.212  -1.272  -2.623  0.64 44.42 ? 106 AG  B AG    1 
HETATM 820 CA CA    . CA  X  3 .  ? -14.730 15.914  -6.709  1.00 15.60 ? 107 CA  B CA    1 
HETATM 821 AG AG    . AG  Y  2 .  ? 9.681   -11.239 -1.308  1.00 13.34 ? 101 AG  C AG    1 
HETATM 822 AG AG    . AG  Z  2 .  ? 7.067   -10.381 -1.631  1.00 12.13 ? 102 AG  C AG    1 
HETATM 823 AG AG    . AG  AA 2 .  ? 4.316   -9.626  -1.784  1.00 12.41 ? 103 AG  C AG    1 
HETATM 824 AG AG    . AG  BA 2 .  ? 1.198   -9.336  -1.634  1.00 11.67 ? 104 AG  C AG    1 
HETATM 825 AG AG    . AG  CA 2 .  ? 8.636   -11.754 -3.718  1.00 14.46 ? 105 AG  C AG    1 
HETATM 826 AG AG    . AG  DA 2 .  ? 5.514   -11.406 -3.641  1.00 14.19 ? 106 AG  C AG    1 
HETATM 827 AG AG    . AG  EA 2 .  ? 2.453   -10.557 -3.686  1.00 12.73 ? 107 AG  C AG    1 
HETATM 828 AG AG    . AG  FA 2 .  ? -0.228  -9.951  -4.002  1.00 11.44 ? 108 AG  C AG    1 
HETATM 829 AG AG    . AG  GA 2 .  ? 4.030   -6.883  -0.741  0.36 15.54 ? 109 AG  C AG    1 
HETATM 830 AG AG    . AG  HA 2 .  ? 10.462  -9.677  -3.545  1.00 14.24 ? 110 AG  C AG    1 
HETATM 831 AG AG    . AG  IA 2 .  ? 9.069   -8.555  -1.495  1.00 13.96 ? 111 AG  C AG    1 
HETATM 832 AG AG    . AG  JA 2 .  ? 6.150   -7.705  -2.243  1.00 13.51 ? 112 AG  C AG    1 
HETATM 833 AG AG    . AG  KA 2 .  ? 0.018   -7.377  -3.216  1.00 12.85 ? 113 AG  C AG    1 
HETATM 834 AG AG    . AG  LA 2 .  ? 7.690   -9.191  -3.988  1.00 13.52 ? 101 AG  D AG    1 
HETATM 835 AG AG    . AG  MA 2 .  ? 4.761   -8.908  -4.322  1.00 12.82 ? 102 AG  D AG    1 
HETATM 836 AG AG    . AG  NA 2 .  ? 1.708   -8.325  -5.210  1.00 12.77 ? 103 AG  D AG    1 
HETATM 837 AG AG    . AG  OA 2 .  ? 2.813   -7.485  -2.880  1.00 12.70 ? 104 AG  D AG    1 
HETATM 838 AG AG    . AG  PA 2 .  ? 3.666   -11.417 -5.749  0.32 14.84 ? 105 AG  D AG    1 
HETATM 839 AG AG    . AG  QA 2 .  ? 5.166   2.228   -2.340  0.65 40.39 ? 106 AG  D AG    1 
HETATM 840 CA CA    . CA  RA 3 .  ? -2.919  -5.958  -14.828 1.00 25.94 ? 107 CA  D CA    1 
HETATM 841 O  O     . HOH SA 4 .  ? -8.247  12.317  11.060  1.00 21.61 ? 201 HOH A O     1 
HETATM 842 O  O     . HOH SA 4 .  ? -0.245  15.272  12.936  1.00 19.55 ? 202 HOH A O     1 
HETATM 843 O  O     . HOH SA 4 .  ? -5.382  11.664  9.637   1.00 21.86 ? 203 HOH A O     1 
HETATM 844 O  O     . HOH SA 4 .  ? -6.593  14.147  11.252  1.00 28.13 ? 204 HOH A O     1 
HETATM 845 O  O     . HOH SA 4 .  ? -11.829 8.044   15.365  1.00 23.65 ? 205 HOH A O     1 
HETATM 846 O  O     . HOH SA 4 .  ? 3.158   2.340   6.172   1.00 24.83 ? 206 HOH A O     1 
HETATM 847 O  O     . HOH SA 4 .  ? -7.461  17.559  2.023   1.00 25.26 ? 207 HOH A O     1 
HETATM 848 O  O     . HOH SA 4 .  ? -5.864  17.621  3.861   1.00 20.66 ? 208 HOH A O     1 
HETATM 849 O  O     . HOH SA 4 .  ? -12.661 6.292   6.680   1.00 19.21 ? 209 HOH A O     1 
HETATM 850 O  O     . HOH SA 4 .  ? 0.419   6.191   6.542   1.00 13.85 ? 210 HOH A O     1 
HETATM 851 O  O     . HOH SA 4 .  ? 7.840   10.288  4.418   1.00 23.94 ? 211 HOH A O     1 
HETATM 852 O  O     . HOH SA 4 .  ? -1.778  4.951   7.513   1.00 21.73 ? 212 HOH A O     1 
HETATM 853 O  O     . HOH SA 4 .  ? -1.077  12.304  13.829  1.00 27.23 ? 213 HOH A O     1 
HETATM 854 O  O     . HOH SA 4 .  ? -9.796  1.901   6.143   1.00 24.81 ? 214 HOH A O     1 
HETATM 855 O  O     . HOH SA 4 .  ? -11.236 3.138   13.142  1.00 19.45 ? 215 HOH A O     1 
HETATM 856 O  O     . HOH SA 4 .  ? -9.780  11.964  14.709  1.00 27.74 ? 216 HOH A O     1 
HETATM 857 O  O     . HOH SA 4 .  ? 1.655   13.525  14.745  1.00 21.35 ? 217 HOH A O     1 
HETATM 858 O  O     . HOH SA 4 .  ? -15.909 6.435   11.794  1.00 24.19 ? 218 HOH A O     1 
HETATM 859 O  O     . HOH SA 4 .  ? -5.207  4.512   10.378  1.00 28.36 ? 219 HOH A O     1 
HETATM 860 O  O     . HOH SA 4 .  ? -15.970 7.469   9.667   1.00 23.01 ? 220 HOH A O     1 
HETATM 861 O  O     . HOH SA 4 .  ? -6.828  -1.261  4.850   1.00 33.30 ? 221 HOH A O     1 
HETATM 862 O  O     . HOH SA 4 .  ? -7.201  8.545   13.762  1.00 27.47 ? 222 HOH A O     1 
HETATM 863 O  O     . HOH SA 4 .  ? -15.113 5.139   8.415   1.00 23.19 ? 223 HOH A O     1 
HETATM 864 O  O     . HOH TA 4 .  ? 2.143   1.864   -2.832  1.00 16.47 ? 201 HOH B O     1 
HETATM 865 O  O     . HOH TA 4 .  ? -8.395  1.450   1.847   1.00 22.01 ? 202 HOH B O     1 
HETATM 866 O  O     . HOH TA 4 .  ? 3.206   6.340   -6.938  1.00 31.32 ? 203 HOH B O     1 
HETATM 867 O  O     . HOH TA 4 .  ? 2.395   18.165  5.201   1.00 16.50 ? 204 HOH B O     1 
HETATM 868 O  O     . HOH TA 4 .  ? -12.902 17.009  -5.536  1.00 20.45 ? 205 HOH B O     1 
HETATM 869 O  O     . HOH TA 4 .  ? -2.321  11.462  -4.517  1.00 13.30 ? 206 HOH B O     1 
HETATM 870 O  O     . HOH TA 4 .  ? -11.356 7.842   -3.423  1.00 28.34 ? 207 HOH B O     1 
HETATM 871 O  O     . HOH TA 4 .  ? -4.669  12.864  -4.897  1.00 18.37 ? 208 HOH B O     1 
HETATM 872 O  O     . HOH TA 4 .  ? -9.179  9.526   -4.729  1.00 24.99 ? 209 HOH B O     1 
HETATM 873 O  O     . HOH TA 4 .  ? -11.874 4.473   -4.789  1.00 29.73 ? 210 HOH B O     1 
HETATM 874 O  O     . HOH TA 4 .  ? -13.859 5.397   4.246   1.00 25.96 ? 211 HOH B O     1 
HETATM 875 O  O     . HOH TA 4 .  ? 0.104   4.017   -6.631  1.00 22.88 ? 212 HOH B O     1 
HETATM 876 O  O     . HOH TA 4 .  ? -1.994  1.077   -6.106  1.00 24.79 ? 213 HOH B O     1 
HETATM 877 O  O     . HOH TA 4 .  ? -8.182  1.328   4.206   1.00 23.20 ? 214 HOH B O     1 
HETATM 878 O  O     . HOH TA 4 .  ? -22.649 6.893   2.303   1.00 28.94 ? 215 HOH B O     1 
HETATM 879 O  O     . HOH UA 4 .  ? 2.269   -6.697  6.233   1.00 31.72 ? 201 HOH C O     1 
HETATM 880 O  O     . HOH UA 4 .  ? 9.095   -16.116 3.035   1.00 24.98 ? 202 HOH C O     1 
HETATM 881 O  O     . HOH UA 4 .  ? 0.681   -12.756 7.890   1.00 24.46 ? 203 HOH C O     1 
HETATM 882 O  O     . HOH UA 4 .  ? 6.696   -17.162 5.530   1.00 28.90 ? 204 HOH C O     1 
HETATM 883 O  O     . HOH UA 4 .  ? 5.631   -13.822 3.536   1.00 23.36 ? 205 HOH C O     1 
HETATM 884 O  O     . HOH UA 4 .  ? 6.345   -17.396 -5.854  1.00 21.62 ? 206 HOH C O     1 
HETATM 885 O  O     . HOH UA 4 .  ? 0.452   -9.020  2.872   1.00 13.14 ? 207 HOH C O     1 
HETATM 886 O  O     . HOH UA 4 .  ? -6.833  -12.820 0.276   1.00 25.00 ? 208 HOH C O     1 
HETATM 887 O  O     . HOH UA 4 .  ? 13.676  -8.306  1.523   1.00 26.25 ? 209 HOH C O     1 
HETATM 888 O  O     . HOH UA 4 .  ? 2.516   -8.828  4.359   1.00 21.25 ? 210 HOH C O     1 
HETATM 889 O  O     . HOH VA 4 .  ? -2.282  -0.593  -3.296  1.00 18.73 ? 201 HOH D O     1 
HETATM 890 O  O     . HOH VA 4 .  ? -0.373  -20.881 -4.217  1.00 22.86 ? 202 HOH D O     1 
HETATM 891 O  O     . HOH VA 4 .  ? 4.214   -9.479  -10.744 1.00 17.64 ? 203 HOH D O     1 
HETATM 892 O  O     . HOH VA 4 .  ? 12.217  -12.167 -14.578 1.00 33.11 ? 204 HOH D O     1 
HETATM 893 O  O     . HOH VA 4 .  ? 1.944   -8.286  -9.551  1.00 14.67 ? 205 HOH D O     1 
HETATM 894 O  O     . HOH VA 4 .  ? -1.880  -18.889 -3.765  1.00 20.34 ? 206 HOH D O     1 
HETATM 895 O  O     . HOH VA 4 .  ? 8.841   -1.961  0.244   1.00 19.29 ? 207 HOH D O     1 
HETATM 896 O  O     . HOH VA 4 .  ? 8.387   -5.667  -9.611  1.00 21.65 ? 208 HOH D O     1 
HETATM 897 O  O     . HOH VA 4 .  ? -0.483  -0.950  -7.793  1.00 25.22 ? 209 HOH D O     1 
HETATM 898 O  O     . HOH VA 4 .  ? 14.377  -6.311  0.125   1.00 28.13 ? 210 HOH D O     1 
HETATM 899 O  O     . HOH VA 4 .  ? 1.287   1.505   -6.131  1.00 24.50 ? 211 HOH D O     1 
HETATM 900 O  O     . HOH VA 4 .  ? 0.549   0.575   -9.596  1.00 28.74 ? 212 HOH D O     1 
# 
